data_2VKI
# 
_entry.id   2VKI 
# 
_audit_conform.dict_name       mmcif_pdbx.dic 
_audit_conform.dict_version    5.382 
_audit_conform.dict_location   http://mmcif.pdb.org/dictionaries/ascii/mmcif_pdbx.dic 
# 
loop_
_database_2.database_id 
_database_2.database_code 
_database_2.pdbx_database_accession 
_database_2.pdbx_DOI 
PDB   2VKI         pdb_00002vki 10.2210/pdb2vki/pdb 
PDBE  EBI-34836    ?            ?                   
WWPDB D_1290034836 ?            ?                   
# 
loop_
_pdbx_database_related.db_name 
_pdbx_database_related.db_id 
_pdbx_database_related.content_type 
_pdbx_database_related.details 
PDB 1UU8 unspecified 'STRUCTURE OF HUMAN PDK1 KINASE DOMAIN IN COMPLEX WITH BIM-1' 
PDB 1OKY unspecified 'STRUCTURE OF HUMAN PDK1 KINASE DOMAIN IN COMPLEX WITH STAUROSPORINE' 
PDB 1Z5M unspecified 
;CRYSTAL STRUCTURE OF N1-[3-[[5-BROMO-2-[[ 3-[(1-PYRROLIDINYLCARBONYL)AMINO]PHENYL]AMINO ]-4-PYRIMIDINYL]AMINO]PROPYL]-2,2- DIMETHYLPROPANEDIAMIDECOMPLEXED WITH HUMAN PDK1
;
PDB 1UU9 unspecified 'STRUCTURE OF HUMAN PDK1 KINASE DOMAIN IN COMPLEX WITH BIM-3' 
PDB 1OKZ unspecified 'STRUCTURE OF HUMAN PDK1 KINASE DOMAIN IN COMPLEX WITH UCN-01' 
PDB 1W1D unspecified 
'CRYSTAL STRUCTURE OF THE PDK1 PLECKSTRIN HOMOLOGY (PH) DOMAIN BOUND TO INOSITOL (1, 3,4,5)-TETRAKISPHOSPHATE' 
PDB 1H1W unspecified 'HIGH RESOLUTION CRYSTAL STRUCTURE OF THE HUMAN PDK1 CATALYTIC DOMAIN' 
PDB 1UU3 unspecified 'STRUCTURE OF HUMAN PDK1 KINASE DOMAIN IN COMPLEX WITH LY333531' 
PDB 1W1G unspecified 
'CRYSTAL STRUCTURE OF THE PDK1 PLECKSTRIN HOMOLOGY (PH) DOMAIN BOUND TO DIC4- PHOSPHATIDYLINOSITOL (3,4,5)-TRISPHOSPHATE' 
PDB 2BIY unspecified 'STRUCTURE OF PDK1-S241A MUTANT KINASE DOMAIN' 
PDB 1W1H unspecified 'CRYSTAL STRUCTURE OF THE PDK1 PLECKSTRIN HOMOLOGY (PH) DOMAIN' 
PDB 1UU7 unspecified 'STRUCTURE OF HUMAN PDK1 KINASE DOMAIN IN COMPLEX WITH BIM-2' 
PDB 1UVR unspecified 'STRUCTURE OF HUMAN PDK1 KINASE DOMAIN IN COMPLEX WITH BIM-8' 
# 
_pdbx_database_status.status_code                     REL 
_pdbx_database_status.entry_id                        2VKI 
_pdbx_database_status.deposit_site                    PDBE 
_pdbx_database_status.process_site                    PDBE 
_pdbx_database_status.SG_entry                        . 
_pdbx_database_status.recvd_initial_deposition_date   2007-12-19 
_pdbx_database_status.pdb_format_compatible           Y 
_pdbx_database_status.status_code_sf                  REL 
_pdbx_database_status.status_code_mr                  ? 
_pdbx_database_status.status_code_cs                  ? 
_pdbx_database_status.methods_development_category    ? 
_pdbx_database_status.status_code_nmr_data            ? 
# 
loop_
_audit_author.name 
_audit_author.pdbx_ordinal 
'Komander, D.'       1 
'Bayascas, J.R.'     2 
'Deak, M.'           3 
'Alessi, D.R.'       4 
'van Aalten, D.M.F.' 5 
# 
_citation.id                        primary 
_citation.title                     
'Mutation of the Pdk1 Ph Domain Inhibits Protein Kinase B/Akt, Leading to Small Size and Insulin Resistance.' 
_citation.journal_abbrev            Mol.Cell.Biol. 
_citation.journal_volume            28 
_citation.page_first                3258 
_citation.page_last                 ? 
_citation.year                      2008 
_citation.journal_id_ASTM           MCEBD4 
_citation.country                   US 
_citation.journal_id_ISSN           0270-7306 
_citation.journal_id_CSD            2044 
_citation.book_publisher            ? 
_citation.pdbx_database_id_PubMed   18347057 
_citation.pdbx_database_id_DOI      10.1128/MCB.02032-07 
# 
loop_
_citation_author.citation_id 
_citation_author.name 
_citation_author.ordinal 
_citation_author.identifier_ORCID 
primary 'Bayascas, J.R.'        1  ? 
primary 'Wullschleger, S.'      2  ? 
primary 'Sakamoto, K.'          3  ? 
primary 'Garcia-Martinez, J.M.' 4  ? 
primary 'Clacher, C.'           5  ? 
primary 'Komander, D.'          6  ? 
primary 'Van Aalten, D.M.F.'    7  ? 
primary 'Boini, K.M.'           8  ? 
primary 'Lang, F.'              9  ? 
primary 'Lipina, C.'            10 ? 
primary 'Logie, L.'             11 ? 
primary 'Sutherland, C.'        12 ? 
primary 'Chudek, J.A.'          13 ? 
primary 'Van Diepen, J.A.'      14 ? 
primary 'Voshol, P.J.'          15 ? 
primary 'Lucocq, J.M.'          16 ? 
primary 'Alessi, D.R.'          17 ? 
# 
_cell.entry_id           2VKI 
_cell.length_a           34.009 
_cell.length_b           67.057 
_cell.length_c           67.802 
_cell.angle_alpha        90.00 
_cell.angle_beta         90.00 
_cell.angle_gamma        90.00 
_cell.Z_PDB              4 
_cell.pdbx_unique_axis   ? 
# 
_symmetry.entry_id                         2VKI 
_symmetry.space_group_name_H-M             'P 21 21 21' 
_symmetry.pdbx_full_space_group_name_H-M   ? 
_symmetry.cell_setting                     ? 
_symmetry.Int_Tables_number                19 
# 
loop_
_entity.id 
_entity.type 
_entity.src_method 
_entity.pdbx_description 
_entity.formula_weight 
_entity.pdbx_number_of_molecules 
_entity.pdbx_ec 
_entity.pdbx_mutation 
_entity.pdbx_fragment 
_entity.details 
1 polymer     man '3-PHOPSHOINOSITIDE DEPENDENT PROTEIN KINASE 1' 17548.791 1   2.7.11.1 YES 
'PLECKSTRIN HOMOLOGY (PH) DOMAIN, RESIDUES 409-556' ? 
2 non-polymer syn GLYCEROL                                        92.094    1   ?        ?   ? ? 
3 non-polymer syn 'SULFATE ION'                                   96.063    1   ?        ?   ? ? 
4 water       nat water                                           18.015    112 ?        ?   ? ? 
# 
_entity_name_com.entity_id   1 
_entity_name_com.name        HPDK1 
# 
_entity_poly.entity_id                      1 
_entity_poly.type                           'polypeptide(L)' 
_entity_poly.nstd_linkage                   no 
_entity_poly.nstd_monomer                   no 
_entity_poly.pdbx_seq_one_letter_code       
;GSNIEQYIHDLDSNSFELDLQFSEDEKRLLLEKQAGGNPWHQFVENNLILKMGPVDERKGLFARRRQLLLTEGPHLYYVD
PVNKVLKGEIPWSQELRPEAKNFKTFFVHTPNRTYYLMDPSGNAHKWCRKIQEVWRQRYQSHPDAAVQ
;
_entity_poly.pdbx_seq_one_letter_code_can   
;GSNIEQYIHDLDSNSFELDLQFSEDEKRLLLEKQAGGNPWHQFVENNLILKMGPVDERKGLFARRRQLLLTEGPHLYYVD
PVNKVLKGEIPWSQELRPEAKNFKTFFVHTPNRTYYLMDPSGNAHKWCRKIQEVWRQRYQSHPDAAVQ
;
_entity_poly.pdbx_strand_id                 A 
_entity_poly.pdbx_target_identifier         ? 
# 
loop_
_entity_poly_seq.entity_id 
_entity_poly_seq.num 
_entity_poly_seq.mon_id 
_entity_poly_seq.hetero 
1 1   GLY n 
1 2   SER n 
1 3   ASN n 
1 4   ILE n 
1 5   GLU n 
1 6   GLN n 
1 7   TYR n 
1 8   ILE n 
1 9   HIS n 
1 10  ASP n 
1 11  LEU n 
1 12  ASP n 
1 13  SER n 
1 14  ASN n 
1 15  SER n 
1 16  PHE n 
1 17  GLU n 
1 18  LEU n 
1 19  ASP n 
1 20  LEU n 
1 21  GLN n 
1 22  PHE n 
1 23  SER n 
1 24  GLU n 
1 25  ASP n 
1 26  GLU n 
1 27  LYS n 
1 28  ARG n 
1 29  LEU n 
1 30  LEU n 
1 31  LEU n 
1 32  GLU n 
1 33  LYS n 
1 34  GLN n 
1 35  ALA n 
1 36  GLY n 
1 37  GLY n 
1 38  ASN n 
1 39  PRO n 
1 40  TRP n 
1 41  HIS n 
1 42  GLN n 
1 43  PHE n 
1 44  VAL n 
1 45  GLU n 
1 46  ASN n 
1 47  ASN n 
1 48  LEU n 
1 49  ILE n 
1 50  LEU n 
1 51  LYS n 
1 52  MET n 
1 53  GLY n 
1 54  PRO n 
1 55  VAL n 
1 56  ASP n 
1 57  GLU n 
1 58  ARG n 
1 59  LYS n 
1 60  GLY n 
1 61  LEU n 
1 62  PHE n 
1 63  ALA n 
1 64  ARG n 
1 65  ARG n 
1 66  ARG n 
1 67  GLN n 
1 68  LEU n 
1 69  LEU n 
1 70  LEU n 
1 71  THR n 
1 72  GLU n 
1 73  GLY n 
1 74  PRO n 
1 75  HIS n 
1 76  LEU n 
1 77  TYR n 
1 78  TYR n 
1 79  VAL n 
1 80  ASP n 
1 81  PRO n 
1 82  VAL n 
1 83  ASN n 
1 84  LYS n 
1 85  VAL n 
1 86  LEU n 
1 87  LYS n 
1 88  GLY n 
1 89  GLU n 
1 90  ILE n 
1 91  PRO n 
1 92  TRP n 
1 93  SER n 
1 94  GLN n 
1 95  GLU n 
1 96  LEU n 
1 97  ARG n 
1 98  PRO n 
1 99  GLU n 
1 100 ALA n 
1 101 LYS n 
1 102 ASN n 
1 103 PHE n 
1 104 LYS n 
1 105 THR n 
1 106 PHE n 
1 107 PHE n 
1 108 VAL n 
1 109 HIS n 
1 110 THR n 
1 111 PRO n 
1 112 ASN n 
1 113 ARG n 
1 114 THR n 
1 115 TYR n 
1 116 TYR n 
1 117 LEU n 
1 118 MET n 
1 119 ASP n 
1 120 PRO n 
1 121 SER n 
1 122 GLY n 
1 123 ASN n 
1 124 ALA n 
1 125 HIS n 
1 126 LYS n 
1 127 TRP n 
1 128 CYS n 
1 129 ARG n 
1 130 LYS n 
1 131 ILE n 
1 132 GLN n 
1 133 GLU n 
1 134 VAL n 
1 135 TRP n 
1 136 ARG n 
1 137 GLN n 
1 138 ARG n 
1 139 TYR n 
1 140 GLN n 
1 141 SER n 
1 142 HIS n 
1 143 PRO n 
1 144 ASP n 
1 145 ALA n 
1 146 ALA n 
1 147 VAL n 
1 148 GLN n 
# 
_entity_src_gen.entity_id                          1 
_entity_src_gen.pdbx_src_id                        1 
_entity_src_gen.pdbx_alt_source_flag               sample 
_entity_src_gen.pdbx_seq_type                      ? 
_entity_src_gen.pdbx_beg_seq_num                   ? 
_entity_src_gen.pdbx_end_seq_num                   ? 
_entity_src_gen.gene_src_common_name               HUMAN 
_entity_src_gen.gene_src_genus                     ? 
_entity_src_gen.pdbx_gene_src_gene                 ? 
_entity_src_gen.gene_src_species                   ? 
_entity_src_gen.gene_src_strain                    ? 
_entity_src_gen.gene_src_tissue                    ? 
_entity_src_gen.gene_src_tissue_fraction           ? 
_entity_src_gen.gene_src_details                   ? 
_entity_src_gen.pdbx_gene_src_fragment             ? 
_entity_src_gen.pdbx_gene_src_scientific_name      'HOMO SAPIENS' 
_entity_src_gen.pdbx_gene_src_ncbi_taxonomy_id     9606 
_entity_src_gen.pdbx_gene_src_variant              ? 
_entity_src_gen.pdbx_gene_src_cell_line            ? 
_entity_src_gen.pdbx_gene_src_atcc                 ? 
_entity_src_gen.pdbx_gene_src_organ                ? 
_entity_src_gen.pdbx_gene_src_organelle            ? 
_entity_src_gen.pdbx_gene_src_cell                 ? 
_entity_src_gen.pdbx_gene_src_cellular_location    ? 
_entity_src_gen.host_org_common_name               ? 
_entity_src_gen.pdbx_host_org_scientific_name      'ESCHERICHIA COLI' 
_entity_src_gen.pdbx_host_org_ncbi_taxonomy_id     469008 
_entity_src_gen.host_org_genus                     ? 
_entity_src_gen.pdbx_host_org_gene                 ? 
_entity_src_gen.pdbx_host_org_organ                ? 
_entity_src_gen.host_org_species                   ? 
_entity_src_gen.pdbx_host_org_tissue               ? 
_entity_src_gen.pdbx_host_org_tissue_fraction      ? 
_entity_src_gen.pdbx_host_org_strain               'BL21(DE3)' 
_entity_src_gen.pdbx_host_org_variant              ? 
_entity_src_gen.pdbx_host_org_cell_line            ? 
_entity_src_gen.pdbx_host_org_atcc                 ? 
_entity_src_gen.pdbx_host_org_culture_collection   ? 
_entity_src_gen.pdbx_host_org_cell                 ? 
_entity_src_gen.pdbx_host_org_organelle            ? 
_entity_src_gen.pdbx_host_org_cellular_location    ? 
_entity_src_gen.pdbx_host_org_vector_type          ? 
_entity_src_gen.pdbx_host_org_vector               ? 
_entity_src_gen.host_org_details                   ? 
_entity_src_gen.expression_system_id               ? 
_entity_src_gen.plasmid_name                       PGEX6P1 
_entity_src_gen.plasmid_details                    ? 
_entity_src_gen.pdbx_description                   ? 
# 
_struct_ref.id                         1 
_struct_ref.db_name                    UNP 
_struct_ref.db_code                    PDPK1_HUMAN 
_struct_ref.entity_id                  1 
_struct_ref.pdbx_seq_one_letter_code   ? 
_struct_ref.pdbx_align_begin           ? 
_struct_ref.pdbx_db_accession          O15530 
_struct_ref.pdbx_db_isoform            ? 
# 
_struct_ref_seq.align_id                      1 
_struct_ref_seq.ref_id                        1 
_struct_ref_seq.pdbx_PDB_id_code              2VKI 
_struct_ref_seq.pdbx_strand_id                A 
_struct_ref_seq.seq_align_beg                 1 
_struct_ref_seq.pdbx_seq_align_beg_ins_code   ? 
_struct_ref_seq.seq_align_end                 148 
_struct_ref_seq.pdbx_seq_align_end_ins_code   ? 
_struct_ref_seq.pdbx_db_accession             O15530 
_struct_ref_seq.db_align_beg                  409 
_struct_ref_seq.pdbx_db_align_beg_ins_code    ? 
_struct_ref_seq.db_align_end                  556 
_struct_ref_seq.pdbx_db_align_end_ins_code    ? 
_struct_ref_seq.pdbx_auth_seq_align_beg       409 
_struct_ref_seq.pdbx_auth_seq_align_end       556 
# 
_struct_ref_seq_dif.align_id                     1 
_struct_ref_seq_dif.pdbx_pdb_id_code             2VKI 
_struct_ref_seq_dif.mon_id                       GLU 
_struct_ref_seq_dif.pdbx_pdb_strand_id           A 
_struct_ref_seq_dif.seq_num                      57 
_struct_ref_seq_dif.pdbx_pdb_ins_code            ? 
_struct_ref_seq_dif.pdbx_seq_db_name             UNP 
_struct_ref_seq_dif.pdbx_seq_db_accession_code   O15530 
_struct_ref_seq_dif.db_mon_id                    LYS 
_struct_ref_seq_dif.pdbx_seq_db_seq_num          465 
_struct_ref_seq_dif.details                      'engineered mutation' 
_struct_ref_seq_dif.pdbx_auth_seq_num            465 
_struct_ref_seq_dif.pdbx_ordinal                 1 
# 
loop_
_chem_comp.id 
_chem_comp.type 
_chem_comp.mon_nstd_flag 
_chem_comp.name 
_chem_comp.pdbx_synonyms 
_chem_comp.formula 
_chem_comp.formula_weight 
ALA 'L-peptide linking' y ALANINE         ?                               'C3 H7 N O2'     89.093  
ARG 'L-peptide linking' y ARGININE        ?                               'C6 H15 N4 O2 1' 175.209 
ASN 'L-peptide linking' y ASPARAGINE      ?                               'C4 H8 N2 O3'    132.118 
ASP 'L-peptide linking' y 'ASPARTIC ACID' ?                               'C4 H7 N O4'     133.103 
CYS 'L-peptide linking' y CYSTEINE        ?                               'C3 H7 N O2 S'   121.158 
GLN 'L-peptide linking' y GLUTAMINE       ?                               'C5 H10 N2 O3'   146.144 
GLU 'L-peptide linking' y 'GLUTAMIC ACID' ?                               'C5 H9 N O4'     147.129 
GLY 'peptide linking'   y GLYCINE         ?                               'C2 H5 N O2'     75.067  
GOL non-polymer         . GLYCEROL        'GLYCERIN; PROPANE-1,2,3-TRIOL' 'C3 H8 O3'       92.094  
HIS 'L-peptide linking' y HISTIDINE       ?                               'C6 H10 N3 O2 1' 156.162 
HOH non-polymer         . WATER           ?                               'H2 O'           18.015  
ILE 'L-peptide linking' y ISOLEUCINE      ?                               'C6 H13 N O2'    131.173 
LEU 'L-peptide linking' y LEUCINE         ?                               'C6 H13 N O2'    131.173 
LYS 'L-peptide linking' y LYSINE          ?                               'C6 H15 N2 O2 1' 147.195 
MET 'L-peptide linking' y METHIONINE      ?                               'C5 H11 N O2 S'  149.211 
PHE 'L-peptide linking' y PHENYLALANINE   ?                               'C9 H11 N O2'    165.189 
PRO 'L-peptide linking' y PROLINE         ?                               'C5 H9 N O2'     115.130 
SER 'L-peptide linking' y SERINE          ?                               'C3 H7 N O3'     105.093 
SO4 non-polymer         . 'SULFATE ION'   ?                               'O4 S -2'        96.063  
THR 'L-peptide linking' y THREONINE       ?                               'C4 H9 N O3'     119.119 
TRP 'L-peptide linking' y TRYPTOPHAN      ?                               'C11 H12 N2 O2'  204.225 
TYR 'L-peptide linking' y TYROSINE        ?                               'C9 H11 N O3'    181.189 
VAL 'L-peptide linking' y VALINE          ?                               'C5 H11 N O2'    117.146 
# 
_exptl.entry_id          2VKI 
_exptl.method            'X-RAY DIFFRACTION' 
_exptl.crystals_number   1 
# 
_exptl_crystal.id                    1 
_exptl_crystal.density_meas          ? 
_exptl_crystal.density_Matthews      2.2 
_exptl_crystal.density_percent_sol   44 
_exptl_crystal.description           NONE 
# 
_exptl_crystal_grow.crystal_id      1 
_exptl_crystal_grow.method          ? 
_exptl_crystal_grow.temp            ? 
_exptl_crystal_grow.temp_details    ? 
_exptl_crystal_grow.pH              8.5 
_exptl_crystal_grow.pdbx_pH_range   ? 
_exptl_crystal_grow.pdbx_details    '0.2 M LITHIUM SULPHATE, 0.1 M TRIS HYDROCHLORIDE [PH 8.5] 30 % (W/V) PEG 4000' 
# 
_diffrn.id                     1 
_diffrn.ambient_temp           100 
_diffrn.ambient_temp_details   ? 
_diffrn.crystal_id             1 
# 
_diffrn_detector.diffrn_id              1 
_diffrn_detector.detector               'IMAGE PLATE' 
_diffrn_detector.type                   'RIGAKU IMAGE PLATE' 
_diffrn_detector.pdbx_collection_date   2004-06-30 
_diffrn_detector.details                ? 
# 
_diffrn_radiation.diffrn_id                        1 
_diffrn_radiation.wavelength_id                    1 
_diffrn_radiation.pdbx_monochromatic_or_laue_m_l   M 
_diffrn_radiation.monochromator                    ? 
_diffrn_radiation.pdbx_diffrn_protocol             'SINGLE WAVELENGTH' 
_diffrn_radiation.pdbx_scattering_type             x-ray 
# 
_diffrn_radiation_wavelength.id           1 
_diffrn_radiation_wavelength.wavelength   1.5418 
_diffrn_radiation_wavelength.wt           1.0 
# 
_diffrn_source.diffrn_id                   1 
_diffrn_source.source                      'ROTATING ANODE' 
_diffrn_source.type                        'RIGAKU MICROMAX-007' 
_diffrn_source.pdbx_synchrotron_site       ? 
_diffrn_source.pdbx_synchrotron_beamline   ? 
_diffrn_source.pdbx_wavelength             1.5418 
_diffrn_source.pdbx_wavelength_list        ? 
# 
_reflns.pdbx_diffrn_id               1 
_reflns.pdbx_ordinal                 1 
_reflns.entry_id                     2VKI 
_reflns.observed_criterion_sigma_I   2.0 
_reflns.observed_criterion_sigma_F   ? 
_reflns.d_resolution_low             25.00 
_reflns.d_resolution_high            1.80 
_reflns.number_obs                   14950 
_reflns.number_all                   ? 
_reflns.percent_possible_obs         100.0 
_reflns.pdbx_Rmerge_I_obs            0.06 
_reflns.pdbx_Rsym_value              ? 
_reflns.pdbx_netI_over_sigmaI        10.00 
_reflns.B_iso_Wilson_estimate        ? 
_reflns.pdbx_redundancy              4.5 
# 
_reflns_shell.pdbx_diffrn_id         1 
_reflns_shell.pdbx_ordinal           1 
_reflns_shell.d_res_high             1.80 
_reflns_shell.d_res_low              1.86 
_reflns_shell.percent_possible_all   100.0 
_reflns_shell.Rmerge_I_obs           0.55 
_reflns_shell.pdbx_Rsym_value        ? 
_reflns_shell.meanI_over_sigI_obs    2.30 
_reflns_shell.pdbx_redundancy        4.3 
# 
_refine.pdbx_refine_id                           'X-RAY DIFFRACTION' 
_refine.entry_id                                 2VKI 
_refine.pdbx_diffrn_id                           1 
_refine.pdbx_TLS_residual_ADP_flag               'LIKELY RESIDUAL' 
_refine.ls_number_reflns_obs                     14309 
_refine.ls_number_reflns_all                     ? 
_refine.pdbx_ls_sigma_I                          ? 
_refine.pdbx_ls_sigma_F                          ? 
_refine.pdbx_data_cutoff_high_absF               ? 
_refine.pdbx_data_cutoff_low_absF                ? 
_refine.pdbx_data_cutoff_high_rms_absF           ? 
_refine.ls_d_res_low                             25.00 
_refine.ls_d_res_high                            1.80 
_refine.ls_percent_reflns_obs                    99.5 
_refine.ls_R_factor_obs                          0.175 
_refine.ls_R_factor_all                          ? 
_refine.ls_R_factor_R_work                       0.173 
_refine.ls_R_factor_R_free                       0.215 
_refine.ls_R_factor_R_free_error                 ? 
_refine.ls_R_factor_R_free_error_details         ? 
_refine.ls_percent_reflns_R_free                 4.100 
_refine.ls_number_reflns_R_free                  609 
_refine.ls_number_parameters                     ? 
_refine.ls_number_restraints                     ? 
_refine.occupancy_min                            ? 
_refine.occupancy_max                            ? 
_refine.correlation_coeff_Fo_to_Fc               0.966 
_refine.correlation_coeff_Fo_to_Fc_free          0.952 
_refine.B_iso_mean                               21.05 
_refine.aniso_B[1][1]                            0.12000 
_refine.aniso_B[2][2]                            -0.64000 
_refine.aniso_B[3][3]                            0.52000 
_refine.aniso_B[1][2]                            0.00000 
_refine.aniso_B[1][3]                            0.00000 
_refine.aniso_B[2][3]                            0.00000 
_refine.solvent_model_details                    'BABINET MODEL WITH MASK' 
_refine.solvent_model_param_ksol                 ? 
_refine.solvent_model_param_bsol                 ? 
_refine.pdbx_solvent_vdw_probe_radii             1.40 
_refine.pdbx_solvent_ion_probe_radii             0.80 
_refine.pdbx_solvent_shrinkage_radii             0.80 
_refine.pdbx_ls_cross_valid_method               THROUGHOUT 
_refine.details                                  
;HYDROGENS HAVE BEEN ADDED IN THE RIDING POSITIONS. DISORDERED RESIDUES WERE MODELLED AS ALA OR WITH OCCU 0.01. THE C-TERMINUS IS DISORDERED.
;
_refine.pdbx_starting_model                      'PDB ENTRY 1W1D' 
_refine.pdbx_method_to_determine_struct          'MOLECULAR REPLACEMENT' 
_refine.pdbx_isotropic_thermal_model             ? 
_refine.pdbx_stereochemistry_target_values       'MAXIMUM LIKELIHOOD' 
_refine.pdbx_stereochem_target_val_spec_case     ? 
_refine.pdbx_R_Free_selection_details            RANDOM 
_refine.pdbx_overall_ESU_R                       0.121 
_refine.pdbx_overall_ESU_R_Free                  0.120 
_refine.overall_SU_ML                            0.084 
_refine.pdbx_overall_phase_error                 ? 
_refine.overall_SU_B                             2.765 
_refine.overall_SU_R_Cruickshank_DPI             ? 
_refine.pdbx_overall_SU_R_free_Cruickshank_DPI   ? 
_refine.pdbx_overall_SU_R_Blow_DPI               ? 
_refine.pdbx_overall_SU_R_free_Blow_DPI          ? 
# 
_refine_hist.pdbx_refine_id                   'X-RAY DIFFRACTION' 
_refine_hist.cycle_id                         LAST 
_refine_hist.pdbx_number_atoms_protein        1172 
_refine_hist.pdbx_number_atoms_nucleic_acid   0 
_refine_hist.pdbx_number_atoms_ligand         11 
_refine_hist.number_atoms_solvent             112 
_refine_hist.number_atoms_total               1295 
_refine_hist.d_res_high                       1.80 
_refine_hist.d_res_low                        25.00 
# 
loop_
_refine_ls_restr.type 
_refine_ls_restr.dev_ideal 
_refine_ls_restr.dev_ideal_target 
_refine_ls_restr.weight 
_refine_ls_restr.number 
_refine_ls_restr.pdbx_refine_id 
_refine_ls_restr.pdbx_restraint_function 
r_bond_refined_d             0.016 0.021 ? 1242 'X-RAY DIFFRACTION' ? 
r_bond_other_d               0.002 0.020 ? 1101 'X-RAY DIFFRACTION' ? 
r_angle_refined_deg          1.681 1.944 ? 1677 'X-RAY DIFFRACTION' ? 
r_angle_other_deg            0.904 3.000 ? 2566 'X-RAY DIFFRACTION' ? 
r_dihedral_angle_1_deg       7.298 5.000 ? 138  'X-RAY DIFFRACTION' ? 
r_dihedral_angle_2_deg       ?     ?     ? ?    'X-RAY DIFFRACTION' ? 
r_dihedral_angle_3_deg       ?     ?     ? ?    'X-RAY DIFFRACTION' ? 
r_dihedral_angle_4_deg       ?     ?     ? ?    'X-RAY DIFFRACTION' ? 
r_chiral_restr               0.106 0.200 ? 170  'X-RAY DIFFRACTION' ? 
r_gen_planes_refined         0.010 0.020 ? 1354 'X-RAY DIFFRACTION' ? 
r_gen_planes_other           0.011 0.020 ? 271  'X-RAY DIFFRACTION' ? 
r_nbd_refined                0.216 0.200 ? 215  'X-RAY DIFFRACTION' ? 
r_nbd_other                  0.253 0.200 ? 1257 'X-RAY DIFFRACTION' ? 
r_nbtor_refined              ?     ?     ? ?    'X-RAY DIFFRACTION' ? 
r_nbtor_other                0.086 0.200 ? 730  'X-RAY DIFFRACTION' ? 
r_xyhbond_nbd_refined        0.160 0.200 ? 89   'X-RAY DIFFRACTION' ? 
r_xyhbond_nbd_other          ?     ?     ? ?    'X-RAY DIFFRACTION' ? 
r_metal_ion_refined          ?     ?     ? ?    'X-RAY DIFFRACTION' ? 
r_metal_ion_other            ?     ?     ? ?    'X-RAY DIFFRACTION' ? 
r_symmetry_vdw_refined       0.190 0.200 ? 17   'X-RAY DIFFRACTION' ? 
r_symmetry_vdw_other         0.312 0.200 ? 79   'X-RAY DIFFRACTION' ? 
r_symmetry_hbond_refined     0.117 0.200 ? 12   'X-RAY DIFFRACTION' ? 
r_symmetry_hbond_other       ?     ?     ? ?    'X-RAY DIFFRACTION' ? 
r_symmetry_metal_ion_refined ?     ?     ? ?    'X-RAY DIFFRACTION' ? 
r_symmetry_metal_ion_other   ?     ?     ? ?    'X-RAY DIFFRACTION' ? 
r_mcbond_it                  0.983 1.500 ? 700  'X-RAY DIFFRACTION' ? 
r_mcbond_other               ?     ?     ? ?    'X-RAY DIFFRACTION' ? 
r_mcangle_it                 1.780 2.000 ? 1137 'X-RAY DIFFRACTION' ? 
r_mcangle_other              ?     ?     ? ?    'X-RAY DIFFRACTION' ? 
r_scbond_it                  2.542 3.000 ? 542  'X-RAY DIFFRACTION' ? 
r_scbond_other               ?     ?     ? ?    'X-RAY DIFFRACTION' ? 
r_scangle_it                 4.059 4.500 ? 540  'X-RAY DIFFRACTION' ? 
r_scangle_other              ?     ?     ? ?    'X-RAY DIFFRACTION' ? 
r_long_range_B_refined       ?     ?     ? ?    'X-RAY DIFFRACTION' ? 
r_long_range_B_other         ?     ?     ? ?    'X-RAY DIFFRACTION' ? 
r_rigid_bond_restr           ?     ?     ? ?    'X-RAY DIFFRACTION' ? 
r_sphericity_free            ?     ?     ? ?    'X-RAY DIFFRACTION' ? 
r_sphericity_bonded          ?     ?     ? ?    'X-RAY DIFFRACTION' ? 
# 
_refine_ls_shell.pdbx_refine_id                   'X-RAY DIFFRACTION' 
_refine_ls_shell.pdbx_total_number_of_bins_used   20 
_refine_ls_shell.d_res_high                       1.80 
_refine_ls_shell.d_res_low                        1.84 
_refine_ls_shell.number_reflns_R_work             1000 
_refine_ls_shell.R_factor_R_work                  0.2680 
_refine_ls_shell.percent_reflns_obs               ? 
_refine_ls_shell.R_factor_R_free                  0.3480 
_refine_ls_shell.R_factor_R_free_error            ? 
_refine_ls_shell.percent_reflns_R_free            ? 
_refine_ls_shell.number_reflns_R_free             45 
_refine_ls_shell.number_reflns_all                ? 
_refine_ls_shell.R_factor_all                     ? 
# 
_struct.entry_id                  2VKI 
_struct.title                     'Structure of the PDK1 PH domain K465E mutant' 
_struct.pdbx_model_details        ? 
_struct.pdbx_CASP_flag            ? 
_struct.pdbx_model_type_details   ? 
# 
_struct_keywords.entry_id        2VKI 
_struct_keywords.pdbx_keywords   TRANSFERASE 
_struct_keywords.text            'PLECKSTRIN HOMOLOGY, TRANSFERASE, CANCER, DIABETES' 
# 
loop_
_struct_asym.id 
_struct_asym.pdbx_blank_PDB_chainid_flag 
_struct_asym.pdbx_modified 
_struct_asym.entity_id 
_struct_asym.details 
A N N 1 ? 
B N N 2 ? 
C N N 3 ? 
D N N 4 ? 
# 
_struct_biol.id   1 
# 
loop_
_struct_conf.conf_type_id 
_struct_conf.id 
_struct_conf.pdbx_PDB_helix_id 
_struct_conf.beg_label_comp_id 
_struct_conf.beg_label_asym_id 
_struct_conf.beg_label_seq_id 
_struct_conf.pdbx_beg_PDB_ins_code 
_struct_conf.end_label_comp_id 
_struct_conf.end_label_asym_id 
_struct_conf.end_label_seq_id 
_struct_conf.pdbx_end_PDB_ins_code 
_struct_conf.beg_auth_comp_id 
_struct_conf.beg_auth_asym_id 
_struct_conf.beg_auth_seq_id 
_struct_conf.end_auth_comp_id 
_struct_conf.end_auth_asym_id 
_struct_conf.end_auth_seq_id 
_struct_conf.pdbx_PDB_helix_class 
_struct_conf.details 
_struct_conf.pdbx_PDB_helix_length 
HELX_P HELX_P1 1 ASN A 3   ? GLN A 6   ? ASN A 411 GLN A 414 5 ? 4  
HELX_P HELX_P2 2 SER A 23  ? ASN A 38  ? SER A 431 ASN A 446 1 ? 16 
HELX_P HELX_P3 3 TRP A 40  ? VAL A 44  ? TRP A 448 VAL A 452 5 ? 5  
HELX_P HELX_P4 4 ASN A 123 ? GLN A 140 ? ASN A 531 GLN A 548 1 ? 18 
# 
_struct_conf_type.id          HELX_P 
_struct_conf_type.criteria    ? 
_struct_conf_type.reference   ? 
# 
_struct_mon_prot_cis.pdbx_id                1 
_struct_mon_prot_cis.label_comp_id          GLY 
_struct_mon_prot_cis.label_seq_id           73 
_struct_mon_prot_cis.label_asym_id          A 
_struct_mon_prot_cis.label_alt_id           . 
_struct_mon_prot_cis.pdbx_PDB_ins_code      ? 
_struct_mon_prot_cis.auth_comp_id           GLY 
_struct_mon_prot_cis.auth_seq_id            481 
_struct_mon_prot_cis.auth_asym_id           A 
_struct_mon_prot_cis.pdbx_label_comp_id_2   PRO 
_struct_mon_prot_cis.pdbx_label_seq_id_2    74 
_struct_mon_prot_cis.pdbx_label_asym_id_2   A 
_struct_mon_prot_cis.pdbx_PDB_ins_code_2    ? 
_struct_mon_prot_cis.pdbx_auth_comp_id_2    PRO 
_struct_mon_prot_cis.pdbx_auth_seq_id_2     482 
_struct_mon_prot_cis.pdbx_auth_asym_id_2    A 
_struct_mon_prot_cis.pdbx_PDB_model_num     1 
_struct_mon_prot_cis.pdbx_omega_angle       -4.30 
# 
loop_
_struct_sheet.id 
_struct_sheet.type 
_struct_sheet.number_strands 
_struct_sheet.details 
AA ? 6 ? 
AB ? 6 ? 
# 
loop_
_struct_sheet_order.sheet_id 
_struct_sheet_order.range_id_1 
_struct_sheet_order.range_id_2 
_struct_sheet_order.offset 
_struct_sheet_order.sense 
AA 1 2 ? anti-parallel 
AA 2 3 ? anti-parallel 
AA 3 4 ? anti-parallel 
AA 4 5 ? anti-parallel 
AA 5 6 ? anti-parallel 
AB 1 2 ? anti-parallel 
AB 2 3 ? anti-parallel 
AB 3 4 ? anti-parallel 
AB 4 5 ? anti-parallel 
AB 5 6 ? anti-parallel 
# 
loop_
_struct_sheet_range.sheet_id 
_struct_sheet_range.id 
_struct_sheet_range.beg_label_comp_id 
_struct_sheet_range.beg_label_asym_id 
_struct_sheet_range.beg_label_seq_id 
_struct_sheet_range.pdbx_beg_PDB_ins_code 
_struct_sheet_range.end_label_comp_id 
_struct_sheet_range.end_label_asym_id 
_struct_sheet_range.end_label_seq_id 
_struct_sheet_range.pdbx_end_PDB_ins_code 
_struct_sheet_range.beg_auth_comp_id 
_struct_sheet_range.beg_auth_asym_id 
_struct_sheet_range.beg_auth_seq_id 
_struct_sheet_range.end_auth_comp_id 
_struct_sheet_range.end_auth_asym_id 
_struct_sheet_range.end_auth_seq_id 
AA 1 ILE A 8   ? ASP A 12  ? ILE A 416 ASP A 420 
AA 2 SER A 15  ? LEU A 18  ? SER A 423 LEU A 426 
AA 3 ILE A 49  ? GLU A 57  ? ILE A 457 GLU A 465 
AA 4 ARG A 64  ? THR A 71  ? ARG A 472 THR A 479 
AA 5 HIS A 75  ? ASP A 80  ? HIS A 483 ASP A 488 
AA 6 VAL A 85  ? ILE A 90  ? VAL A 493 ILE A 498 
AB 1 ILE A 8   ? ASP A 12  ? ILE A 416 ASP A 420 
AB 2 SER A 15  ? LEU A 18  ? SER A 423 LEU A 426 
AB 3 ILE A 49  ? GLU A 57  ? ILE A 457 GLU A 465 
AB 4 ARG A 113 ? MET A 118 ? ARG A 521 MET A 526 
AB 5 THR A 105 ? THR A 110 ? THR A 513 THR A 518 
AB 6 ARG A 97  ? ALA A 100 ? ARG A 505 ALA A 508 
# 
loop_
_pdbx_struct_sheet_hbond.sheet_id 
_pdbx_struct_sheet_hbond.range_id_1 
_pdbx_struct_sheet_hbond.range_id_2 
_pdbx_struct_sheet_hbond.range_1_label_atom_id 
_pdbx_struct_sheet_hbond.range_1_label_comp_id 
_pdbx_struct_sheet_hbond.range_1_label_asym_id 
_pdbx_struct_sheet_hbond.range_1_label_seq_id 
_pdbx_struct_sheet_hbond.range_1_PDB_ins_code 
_pdbx_struct_sheet_hbond.range_1_auth_atom_id 
_pdbx_struct_sheet_hbond.range_1_auth_comp_id 
_pdbx_struct_sheet_hbond.range_1_auth_asym_id 
_pdbx_struct_sheet_hbond.range_1_auth_seq_id 
_pdbx_struct_sheet_hbond.range_2_label_atom_id 
_pdbx_struct_sheet_hbond.range_2_label_comp_id 
_pdbx_struct_sheet_hbond.range_2_label_asym_id 
_pdbx_struct_sheet_hbond.range_2_label_seq_id 
_pdbx_struct_sheet_hbond.range_2_PDB_ins_code 
_pdbx_struct_sheet_hbond.range_2_auth_atom_id 
_pdbx_struct_sheet_hbond.range_2_auth_comp_id 
_pdbx_struct_sheet_hbond.range_2_auth_asym_id 
_pdbx_struct_sheet_hbond.range_2_auth_seq_id 
AA 1 2 N LEU A 11  ? N LEU A 419 O SER A 15  ? O SER A 423 
AA 2 3 N LEU A 18  ? N LEU A 426 O LEU A 50  ? O LEU A 458 
AA 3 4 N GLU A 57  ? N GLU A 465 O ARG A 64  ? O ARG A 472 
AA 4 5 N THR A 71  ? N THR A 479 O HIS A 75  ? O HIS A 483 
AA 5 6 N ASP A 80  ? N ASP A 488 O VAL A 85  ? O VAL A 493 
AB 1 2 N LEU A 11  ? N LEU A 419 O SER A 15  ? O SER A 423 
AB 2 3 N LEU A 18  ? N LEU A 426 O LEU A 50  ? O LEU A 458 
AB 3 4 N ASP A 56  ? N ASP A 464 O MET A 118 ? O MET A 526 
AB 4 5 N LEU A 117 ? N LEU A 525 O PHE A 106 ? O PHE A 514 
AB 5 6 N HIS A 109 ? N HIS A 517 O ARG A 97  ? O ARG A 505 
# 
loop_
_struct_site.id 
_struct_site.pdbx_evidence_code 
_struct_site.pdbx_auth_asym_id 
_struct_site.pdbx_auth_comp_id 
_struct_site.pdbx_auth_seq_id 
_struct_site.pdbx_auth_ins_code 
_struct_site.pdbx_num_residues 
_struct_site.details 
AC1 Software ? ? ? ? 4 'BINDING SITE FOR RESIDUE GOL A1549' 
AC2 Software ? ? ? ? 3 'BINDING SITE FOR RESIDUE SO4 A1550' 
# 
loop_
_struct_site_gen.id 
_struct_site_gen.site_id 
_struct_site_gen.pdbx_num_res 
_struct_site_gen.label_comp_id 
_struct_site_gen.label_asym_id 
_struct_site_gen.label_seq_id 
_struct_site_gen.pdbx_auth_ins_code 
_struct_site_gen.auth_comp_id 
_struct_site_gen.auth_asym_id 
_struct_site_gen.auth_seq_id 
_struct_site_gen.label_atom_id 
_struct_site_gen.label_alt_id 
_struct_site_gen.symmetry 
_struct_site_gen.details 
1 AC1 4 SER A 23  ? SER A 431 . ? 1_555 ? 
2 AC1 4 GLU A 24  ? GLU A 432 . ? 1_555 ? 
3 AC1 4 ASP A 25  ? ASP A 433 . ? 1_555 ? 
4 AC1 4 ARG A 113 ? ARG A 521 . ? 1_555 ? 
5 AC2 3 LYS A 59  ? LYS A 467 . ? 1_555 ? 
6 AC2 3 ARG A 64  ? ARG A 472 . ? 1_555 ? 
7 AC2 3 ARG A 66  ? ARG A 474 . ? 1_555 ? 
# 
_atom_sites.entry_id                    2VKI 
_atom_sites.fract_transf_matrix[1][1]   -0.00410862 
_atom_sites.fract_transf_matrix[1][2]   -0.02495746 
_atom_sites.fract_transf_matrix[1][3]   0.01499466 
_atom_sites.fract_transf_matrix[2][1]   -0.01165951 
_atom_sites.fract_transf_matrix[2][2]   0.00612332 
_atom_sites.fract_transf_matrix[2][3]   0.00699703 
_atom_sites.fract_transf_matrix[3][1]   -0.00896188 
_atom_sites.fract_transf_matrix[3][2]   -0.00491347 
_atom_sites.fract_transf_matrix[3][3]   -0.01063370 
_atom_sites.fract_transf_vector[1]      0.042671 
_atom_sites.fract_transf_vector[2]      0.263612 
_atom_sites.fract_transf_vector[3]      0.161046 
# 
loop_
_atom_type.symbol 
C 
N 
O 
S 
# 
loop_
_atom_site.group_PDB 
_atom_site.id 
_atom_site.type_symbol 
_atom_site.label_atom_id 
_atom_site.label_alt_id 
_atom_site.label_comp_id 
_atom_site.label_asym_id 
_atom_site.label_entity_id 
_atom_site.label_seq_id 
_atom_site.pdbx_PDB_ins_code 
_atom_site.Cartn_x 
_atom_site.Cartn_y 
_atom_site.Cartn_z 
_atom_site.occupancy 
_atom_site.B_iso_or_equiv 
_atom_site.pdbx_formal_charge 
_atom_site.auth_seq_id 
_atom_site.auth_comp_id 
_atom_site.auth_asym_id 
_atom_site.auth_atom_id 
_atom_site.pdbx_PDB_model_num 
ATOM   1    N N   . SER A 1 2   ? -2.545  14.290  21.505  1.00 44.57 ? 410  SER A N   1 
ATOM   2    C CA  . SER A 1 2   ? -3.087  13.496  20.363  1.00 44.30 ? 410  SER A CA  1 
ATOM   3    C C   . SER A 1 2   ? -2.196  12.281  20.147  1.00 42.85 ? 410  SER A C   1 
ATOM   4    O O   . SER A 1 2   ? -2.674  11.190  19.735  1.00 44.37 ? 410  SER A O   1 
ATOM   5    C CB  . SER A 1 2   ? -3.210  14.366  19.099  1.00 44.38 ? 410  SER A CB  1 
ATOM   6    O OG  . SER A 1 2   ? -1.968  14.530  18.437  1.00 46.39 ? 410  SER A OG  1 
ATOM   7    N N   . ASN A 1 3   ? -0.901  12.462  20.439  1.00 40.52 ? 411  ASN A N   1 
ATOM   8    C CA  . ASN A 1 3   ? 0.072   11.382  20.336  1.00 38.06 ? 411  ASN A CA  1 
ATOM   9    C C   . ASN A 1 3   ? -0.138  10.605  19.031  1.00 34.34 ? 411  ASN A C   1 
ATOM   10   O O   . ASN A 1 3   ? 0.102   9.412   19.002  1.00 32.48 ? 411  ASN A O   1 
ATOM   11   C CB  . ASN A 1 3   ? -0.061  10.431  21.559  1.00 38.64 ? 411  ASN A CB  1 
ATOM   12   C CG  . ASN A 1 3   ? 0.780   10.887  22.744  1.00 41.67 ? 411  ASN A CG  1 
ATOM   13   O OD1 . ASN A 1 3   ? 1.215   12.035  22.786  1.00 45.89 ? 411  ASN A OD1 1 
ATOM   14   N ND2 . ASN A 1 3   ? 1.043   9.983   23.691  1.00 44.27 ? 411  ASN A ND2 1 
ATOM   15   N N   . ILE A 1 4   ? -0.600  11.299  17.976  1.00 30.76 ? 412  ILE A N   1 
ATOM   16   C CA  . ILE A 1 4   ? -0.993  10.661  16.700  1.00 28.33 ? 412  ILE A CA  1 
ATOM   17   C C   . ILE A 1 4   ? 0.140   9.855   16.085  1.00 24.78 ? 412  ILE A C   1 
ATOM   18   O O   . ILE A 1 4   ? -0.058  8.885   15.354  1.00 22.57 ? 412  ILE A O   1 
ATOM   19   C CB  . ILE A 1 4   ? -1.551  11.734  15.713  1.00 29.06 ? 412  ILE A CB  1 
ATOM   20   C CG1 . ILE A 1 4   ? -2.587  11.099  14.842  1.00 29.67 ? 412  ILE A CG1 1 
ATOM   21   C CG2 . ILE A 1 4   ? -0.516  12.424  14.848  1.00 30.27 ? 412  ILE A CG2 1 
ATOM   22   C CD1 . ILE A 1 4   ? -3.896  11.089  15.501  1.00 31.31 ? 412  ILE A CD1 1 
ATOM   23   N N   . GLU A 1 5   ? 1.350   10.242  16.430  1.00 23.47 ? 413  GLU A N   1 
ATOM   24   C CA  . GLU A 1 5   ? 2.526   9.523   15.958  1.00 23.54 ? 413  GLU A CA  1 
ATOM   25   C C   . GLU A 1 5   ? 2.573   8.068   16.483  1.00 22.35 ? 413  GLU A C   1 
ATOM   26   O O   . GLU A 1 5   ? 3.277   7.235   15.928  1.00 21.23 ? 413  GLU A O   1 
ATOM   27   C CB  . GLU A 1 5   ? 3.779   10.280  16.359  1.00 24.25 ? 413  GLU A CB  1 
ATOM   28   C CG  . GLU A 1 5   ? 3.907   11.613  15.646  1.00 27.89 ? 413  GLU A CG  1 
ATOM   29   C CD  . GLU A 1 5   ? 4.266   11.496  14.164  1.00 29.72 ? 413  GLU A CD  1 
ATOM   30   O OE1 . GLU A 1 5   ? 4.745   10.456  13.704  1.00 29.02 ? 413  GLU A OE1 1 
ATOM   31   O OE2 . GLU A 1 5   ? 4.086   12.512  13.464  1.00 34.25 ? 413  GLU A OE2 1 
ATOM   32   N N   . GLN A 1 6   ? 1.756   7.792   17.498  1.00 22.27 ? 414  GLN A N   1 
ATOM   33   C CA  . GLN A 1 6   ? 1.633   6.463   18.083  1.00 22.89 ? 414  GLN A CA  1 
ATOM   34   C C   . GLN A 1 6   ? 1.231   5.445   17.038  1.00 22.64 ? 414  GLN A C   1 
ATOM   35   O O   . GLN A 1 6   ? 1.601   4.276   17.141  1.00 23.35 ? 414  GLN A O   1 
ATOM   36   C CB  . GLN A 1 6   ? 0.647   6.449   19.270  1.00 22.79 ? 414  GLN A CB  1 
ATOM   37   C CG  . GLN A 1 6   ? -0.774  6.806   18.968  1.00 24.23 ? 414  GLN A CG  1 
ATOM   38   C CD  . GLN A 1 6   ? -1.676  6.810   20.204  1.00 27.18 ? 414  GLN A CD  1 
ATOM   39   O OE1 . GLN A 1 6   ? -1.779  5.792   20.867  1.00 28.15 ? 414  GLN A OE1 1 
ATOM   40   N NE2 . GLN A 1 6   ? -2.373  7.921   20.467  1.00 26.04 ? 414  GLN A NE2 1 
ATOM   41   N N   . TYR A 1 7   ? 0.502   5.894   16.014  1.00 21.92 ? 415  TYR A N   1 
ATOM   42   C CA  . TYR A 1 7   ? -0.001  5.012   14.961  1.00 21.13 ? 415  TYR A CA  1 
ATOM   43   C C   . TYR A 1 7   ? 0.888   4.898   13.739  1.00 21.53 ? 415  TYR A C   1 
ATOM   44   O O   . TYR A 1 7   ? 0.599   4.112   12.846  1.00 20.37 ? 415  TYR A O   1 
ATOM   45   C CB  . TYR A 1 7   ? -1.347  5.508   14.509  1.00 21.12 ? 415  TYR A CB  1 
ATOM   46   C CG  . TYR A 1 7   ? -2.323  5.657   15.634  1.00 20.68 ? 415  TYR A CG  1 
ATOM   47   C CD1 . TYR A 1 7   ? -2.814  4.516   16.326  1.00 22.71 ? 415  TYR A CD1 1 
ATOM   48   C CD2 . TYR A 1 7   ? -2.763  6.911   16.036  1.00 22.20 ? 415  TYR A CD2 1 
ATOM   49   C CE1 . TYR A 1 7   ? -3.709  4.657   17.367  1.00 23.05 ? 415  TYR A CE1 1 
ATOM   50   C CE2 . TYR A 1 7   ? -3.700  7.061   17.107  1.00 23.69 ? 415  TYR A CE2 1 
ATOM   51   C CZ  . TYR A 1 7   ? -4.154  5.929   17.738  1.00 24.34 ? 415  TYR A CZ  1 
ATOM   52   O OH  . TYR A 1 7   ? -5.033  6.092   18.760  1.00 27.64 ? 415  TYR A OH  1 
ATOM   53   N N   . ILE A 1 8   ? 1.960   5.673   13.679  1.00 21.47 ? 416  ILE A N   1 
ATOM   54   C CA  . ILE A 1 8   ? 2.786   5.711   12.480  1.00 22.25 ? 416  ILE A CA  1 
ATOM   55   C C   . ILE A 1 8   ? 4.113   5.037   12.726  1.00 22.28 ? 416  ILE A C   1 
ATOM   56   O O   . ILE A 1 8   ? 4.807   5.353   13.688  1.00 21.81 ? 416  ILE A O   1 
ATOM   57   C CB  . ILE A 1 8   ? 3.087   7.154   12.071  1.00 23.29 ? 416  ILE A CB  1 
ATOM   58   C CG1 . ILE A 1 8   ? 1.780   7.940   11.843  1.00 25.35 ? 416  ILE A CG1 1 
ATOM   59   C CG2 . ILE A 1 8   ? 4.002   7.145   10.829  1.00 24.88 ? 416  ILE A CG2 1 
ATOM   60   C CD1 . ILE A 1 8   ? 2.013   9.411   11.459  1.00 27.11 ? 416  ILE A CD1 1 
ATOM   61   N N   . HIS A 1 9   ? 4.472   4.175   11.809  1.00 23.69 ? 417  HIS A N   1 
ATOM   62   C CA  . HIS A 1 9   ? 5.708   3.382   11.885  1.00 24.82 ? 417  HIS A CA  1 
ATOM   63   C C   . HIS A 1 9   ? 6.507   3.558   10.619  1.00 25.10 ? 417  HIS A C   1 
ATOM   64   O O   . HIS A 1 9   ? 6.327   2.810   9.650   1.00 24.11 ? 417  HIS A O   1 
ATOM   65   C CB  . HIS A 1 9   ? 5.340   1.950   12.169  1.00 24.55 ? 417  HIS A CB  1 
ATOM   66   C CG  . HIS A 1 9   ? 4.604   1.816   13.456  1.00 28.46 ? 417  HIS A CG  1 
ATOM   67   N ND1 . HIS A 1 9   ? 5.176   2.155   14.668  1.00 29.42 ? 417  HIS A ND1 1 
ATOM   68   C CD2 . HIS A 1 9   ? 3.304   1.536   13.715  1.00 31.68 ? 417  HIS A CD2 1 
ATOM   69   C CE1 . HIS A 1 9   ? 4.279   2.006   15.627  1.00 31.76 ? 417  HIS A CE1 1 
ATOM   70   N NE2 . HIS A 1 9   ? 3.135   1.635   15.076  1.00 31.73 ? 417  HIS A NE2 1 
ATOM   71   N N   . ASP A 1 10  ? 7.332   4.607   10.639  1.00 27.66 ? 418  ASP A N   1 
ATOM   72   C CA  . ASP A 1 10  ? 8.067   5.070   9.462   1.00 29.64 ? 418  ASP A CA  1 
ATOM   73   C C   . ASP A 1 10  ? 9.336   4.304   9.484   1.00 30.19 ? 418  ASP A C   1 
ATOM   74   O O   . ASP A 1 10  ? 10.104  4.379   10.462  1.00 30.64 ? 418  ASP A O   1 
ATOM   75   C CB  . ASP A 1 10  ? 8.474   6.541   9.512   1.00 30.52 ? 418  ASP A CB  1 
ATOM   76   C CG  . ASP A 1 10  ? 7.334   7.506   9.386   1.00 33.49 ? 418  ASP A CG  1 
ATOM   77   O OD1 . ASP A 1 10  ? 6.618   7.517   8.373   1.00 36.03 ? 418  ASP A OD1 1 
ATOM   78   O OD2 . ASP A 1 10  ? 7.136   8.397   10.245  1.00 38.49 ? 418  ASP A OD2 1 
ATOM   79   N N   . LEU A 1 11  ? 9.568   3.559   8.416   1.00 30.48 ? 419  LEU A N   1 
ATOM   80   C CA  . LEU A 1 11  ? 10.872  3.010   8.152   1.00 30.88 ? 419  LEU A CA  1 
ATOM   81   C C   . LEU A 1 11  ? 11.839  4.066   7.581   1.00 31.52 ? 419  LEU A C   1 
ATOM   82   O O   . LEU A 1 11  ? 12.971  4.198   8.045   1.00 30.51 ? 419  LEU A O   1 
ATOM   83   C CB  . LEU A 1 11  ? 10.713  1.864   7.174   1.00 30.07 ? 419  LEU A CB  1 
ATOM   84   C CG  . LEU A 1 11  ? 12.019  1.237   6.745   1.00 30.37 ? 419  LEU A CG  1 
ATOM   85   C CD1 . LEU A 1 11  ? 12.732  0.627   7.903   1.00 29.78 ? 419  LEU A CD1 1 
ATOM   86   C CD2 . LEU A 1 11  ? 11.712  0.194   5.717   1.00 32.06 ? 419  LEU A CD2 1 
ATOM   87   N N   . ASP A 1 12  ? 11.406  4.768   6.531   1.00 32.42 ? 420  ASP A N   1 
ATOM   88   C CA  . ASP A 1 12  ? 12.190  5.853   5.942   1.00 33.01 ? 420  ASP A CA  1 
ATOM   89   C C   . ASP A 1 12  ? 11.273  6.799   5.156   1.00 33.54 ? 420  ASP A C   1 
ATOM   90   O O   . ASP A 1 12  ? 10.049  6.700   5.294   1.00 33.68 ? 420  ASP A O   1 
ATOM   91   C CB  . ASP A 1 12  ? 13.306  5.278   5.051   1.00 32.79 ? 420  ASP A CB  1 
ATOM   92   C CG  . ASP A 1 12  ? 12.776  4.474   3.920   1.00 32.69 ? 420  ASP A CG  1 
ATOM   93   O OD1 . ASP A 1 12  ? 11.641  4.703   3.476   1.00 35.15 ? 420  ASP A OD1 1 
ATOM   94   O OD2 . ASP A 1 12  ? 13.410  3.560   3.397   1.00 33.56 ? 420  ASP A OD2 1 
ATOM   95   N N   . SER A 1 13  ? 11.874  7.653   4.309   1.00 34.66 ? 421  SER A N   1 
ATOM   96   C CA  . SER A 1 13  ? 11.162  8.683   3.522   1.00 34.28 ? 421  SER A CA  1 
ATOM   97   C C   . SER A 1 13  ? 9.972   8.048   2.799   1.00 33.76 ? 421  SER A C   1 
ATOM   98   O O   . SER A 1 13  ? 8.805   8.545   2.891   1.00 35.47 ? 421  SER A O   1 
ATOM   99   C CB  . SER A 1 13  ? 12.106  9.383   2.501   1.00 34.99 ? 421  SER A CB  1 
ATOM   100  O OG  . SER A 1 13  ? 13.169  10.196  3.075   1.00 35.42 ? 421  SER A OG  1 
ATOM   101  N N   . ASN A 1 14  ? 10.245  6.892   2.188   1.00 31.15 ? 422  ASN A N   1 
ATOM   102  C CA  . ASN A 1 14  ? 9.277   6.224   1.308   1.00 28.76 ? 422  ASN A CA  1 
ATOM   103  C C   . ASN A 1 14  ? 8.578   4.952   1.732   1.00 25.19 ? 422  ASN A C   1 
ATOM   104  O O   . ASN A 1 14  ? 7.742   4.496   0.968   1.00 23.55 ? 422  ASN A O   1 
ATOM   105  C CB  . ASN A 1 14  ? 9.921   6.071   -0.025  1.00 28.75 ? 422  ASN A CB  1 
ATOM   106  C CG  . ASN A 1 14  ? 10.482  7.414   -0.477  1.00 32.84 ? 422  ASN A CG  1 
ATOM   107  O OD1 . ASN A 1 14  ? 9.726   8.391   -0.585  1.00 35.33 ? 422  ASN A OD1 1 
ATOM   108  N ND2 . ASN A 1 14  ? 11.794  7.508   -0.558  1.00 39.15 ? 422  ASN A ND2 1 
ATOM   109  N N   . SER A 1 15  ? 8.797   4.510   2.976   1.00 21.75 ? 423  SER A N   1 
ATOM   110  C CA  . SER A 1 15  ? 8.142   3.293   3.504   1.00 20.54 ? 423  SER A CA  1 
ATOM   111  C C   . SER A 1 15  ? 7.609   3.477   4.890   1.00 19.09 ? 423  SER A C   1 
ATOM   112  O O   . SER A 1 15  ? 8.338   3.890   5.769   1.00 19.35 ? 423  SER A O   1 
ATOM   113  C CB  . SER A 1 15  ? 9.148   2.165   3.569   1.00 20.53 ? 423  SER A CB  1 
ATOM   114  O OG  . SER A 1 15  ? 9.453   1.779   2.267   1.00 22.62 ? 423  SER A OG  1 
ATOM   115  N N   . PHE A 1 16  ? 6.320   3.250   5.070   1.00 17.18 ? 424  PHE A N   1 
ATOM   116  C CA  . PHE A 1 16  ? 5.749   3.237   6.387   1.00 16.55 ? 424  PHE A CA  1 
ATOM   117  C C   . PHE A 1 16  ? 4.475   2.382   6.396   1.00 16.39 ? 424  PHE A C   1 
ATOM   118  O O   . PHE A 1 16  ? 3.943   2.011   5.353   1.00 16.30 ? 424  PHE A O   1 
ATOM   119  C CB  . PHE A 1 16  ? 5.444   4.668   6.899   1.00 15.81 ? 424  PHE A CB  1 
ATOM   120  C CG  . PHE A 1 16  ? 4.250   5.322   6.228   1.00 17.01 ? 424  PHE A CG  1 
ATOM   121  C CD1 . PHE A 1 16  ? 2.984   5.084   6.680   1.00 19.76 ? 424  PHE A CD1 1 
ATOM   122  C CD2 . PHE A 1 16  ? 4.408   6.123   5.115   1.00 20.15 ? 424  PHE A CD2 1 
ATOM   123  C CE1 . PHE A 1 16  ? 1.911   5.661   6.091   1.00 19.69 ? 424  PHE A CE1 1 
ATOM   124  C CE2 . PHE A 1 16  ? 3.300   6.702   4.516   1.00 19.83 ? 424  PHE A CE2 1 
ATOM   125  C CZ  . PHE A 1 16  ? 2.055   6.456   5.021   1.00 18.03 ? 424  PHE A CZ  1 
ATOM   126  N N   . GLU A 1 17  ? 3.983   2.102   7.589   1.00 18.03 ? 425  GLU A N   1 
ATOM   127  C CA  . GLU A 1 17  ? 2.620   1.620   7.710   1.00 19.98 ? 425  GLU A CA  1 
ATOM   128  C C   . GLU A 1 17  ? 1.981   2.205   8.952   1.00 20.57 ? 425  GLU A C   1 
ATOM   129  O O   . GLU A 1 17  ? 2.665   2.778   9.821   1.00 20.75 ? 425  GLU A O   1 
ATOM   130  C CB  . GLU A 1 17  ? 2.494   0.059   7.603   1.00 22.27 ? 425  GLU A CB  1 
ATOM   131  C CG  . GLU A 1 17  ? 3.490   -0.708  8.371   1.00 22.28 ? 425  GLU A CG  1 
ATOM   132  C CD  . GLU A 1 17  ? 3.369   -2.200  8.232   1.00 23.16 ? 425  GLU A CD  1 
ATOM   133  O OE1 . GLU A 1 17  ? 3.770   -2.850  7.223   1.00 21.52 ? 425  GLU A OE1 1 
ATOM   134  O OE2 . GLU A 1 17  ? 2.972   -2.743  9.235   1.00 30.55 ? 425  GLU A OE2 1 
ATOM   135  N N   . LEU A 1 18  ? 0.645   2.147   8.966   1.00 20.41 ? 426  LEU A N   1 
ATOM   136  C CA  . LEU A 1 18  ? -0.155  2.689   10.058  1.00 20.72 ? 426  LEU A CA  1 
ATOM   137  C C   . LEU A 1 18  ? -0.750  1.533   10.852  1.00 21.23 ? 426  LEU A C   1 
ATOM   138  O O   . LEU A 1 18  ? -1.160  0.535   10.272  1.00 20.83 ? 426  LEU A O   1 
ATOM   139  C CB  . LEU A 1 18  ? -1.344  3.531   9.531   1.00 19.55 ? 426  LEU A CB  1 
ATOM   140  C CG  . LEU A 1 18  ? -1.036  4.834   8.807   1.00 20.96 ? 426  LEU A CG  1 
ATOM   141  C CD1 . LEU A 1 18  ? -2.366  5.603   8.605   1.00 23.69 ? 426  LEU A CD1 1 
ATOM   142  C CD2 . LEU A 1 18  ? -0.025  5.685   9.535   1.00 20.61 ? 426  LEU A CD2 1 
ATOM   143  N N   . ASP A 1 19  ? -0.777  1.676   12.173  1.00 22.53 ? 427  ASP A N   1 
ATOM   144  C CA  . ASP A 1 19  ? -1.617  0.868   13.044  1.00 24.63 ? 427  ASP A CA  1 
ATOM   145  C C   . ASP A 1 19  ? -3.042  1.336   12.725  1.00 25.06 ? 427  ASP A C   1 
ATOM   146  O O   . ASP A 1 19  ? -3.280  2.542   12.712  1.00 26.66 ? 427  ASP A O   1 
ATOM   147  C CB  . ASP A 1 19  ? -1.398  1.193   14.537  1.00 26.10 ? 427  ASP A CB  1 
ATOM   148  C CG  . ASP A 1 19  ? -0.068  0.811   15.045  1.00 27.88 ? 427  ASP A CG  1 
ATOM   149  O OD1 . ASP A 1 19  ? 0.516   -0.135  14.466  1.00 30.16 ? 427  ASP A OD1 1 
ATOM   150  O OD2 . ASP A 1 19  ? 0.481   1.414   16.042  1.00 28.93 ? 427  ASP A OD2 1 
ATOM   151  N N   . LEU A 1 20  ? -3.966  0.406   12.505  1.00 25.40 ? 428  LEU A N   1 
ATOM   152  C CA  . LEU A 1 20  ? -5.298  0.732   12.028  1.00 26.45 ? 428  LEU A CA  1 
ATOM   153  C C   . LEU A 1 20  ? -6.328  0.984   13.130  1.00 28.87 ? 428  LEU A C   1 
ATOM   154  O O   . LEU A 1 20  ? -7.514  1.080   12.827  1.00 31.89 ? 428  LEU A O   1 
ATOM   155  C CB  . LEU A 1 20  ? -5.794  -0.384  11.104  1.00 25.87 ? 428  LEU A CB  1 
ATOM   156  C CG  . LEU A 1 20  ? -4.942  -0.655  9.874   1.00 25.55 ? 428  LEU A CG  1 
ATOM   157  C CD1 . LEU A 1 20  ? -5.585  -1.724  9.030   1.00 27.55 ? 428  LEU A CD1 1 
ATOM   158  C CD2 . LEU A 1 20  ? -4.712  0.606   9.052   1.00 26.45 ? 428  LEU A CD2 1 
ATOM   159  N N   . GLN A 1 21  ? -5.880  1.123   14.373  1.00 29.32 ? 429  GLN A N   1 
ATOM   160  C CA  . GLN A 1 21  ? -6.765  1.345   15.525  1.00 29.83 ? 429  GLN A CA  1 
ATOM   161  C C   . GLN A 1 21  ? -6.849  2.802   15.961  1.00 29.31 ? 429  GLN A C   1 
ATOM   162  O O   . GLN A 1 21  ? -6.693  3.115   17.131  1.00 32.07 ? 429  GLN A O   1 
ATOM   163  C CB  . GLN A 1 21  ? -6.303  0.477   16.713  1.00 30.51 ? 429  GLN A CB  1 
ATOM   164  N N   . PHE A 1 22  ? -7.159  3.697   15.037  1.00 28.20 ? 430  PHE A N   1 
ATOM   165  C CA  . PHE A 1 22  ? -7.375  5.097   15.375  1.00 26.35 ? 430  PHE A CA  1 
ATOM   166  C C   . PHE A 1 22  ? -8.835  5.496   15.228  1.00 25.90 ? 430  PHE A C   1 
ATOM   167  O O   . PHE A 1 22  ? -9.610  4.843   14.517  1.00 26.91 ? 430  PHE A O   1 
ATOM   168  C CB  . PHE A 1 22  ? -6.504  5.996   14.515  1.00 25.45 ? 430  PHE A CB  1 
ATOM   169  C CG  . PHE A 1 22  ? -6.443  5.580   13.079  1.00 23.59 ? 430  PHE A CG  1 
ATOM   170  C CD1 . PHE A 1 22  ? -7.481  5.890   12.198  1.00 23.54 ? 430  PHE A CD1 1 
ATOM   171  C CD2 . PHE A 1 22  ? -5.355  4.915   12.592  1.00 21.49 ? 430  PHE A CD2 1 
ATOM   172  C CE1 . PHE A 1 22  ? -7.418  5.513   10.863  1.00 24.58 ? 430  PHE A CE1 1 
ATOM   173  C CE2 . PHE A 1 22  ? -5.288  4.542   11.266  1.00 23.09 ? 430  PHE A CE2 1 
ATOM   174  C CZ  . PHE A 1 22  ? -6.300  4.870   10.393  1.00 21.89 ? 430  PHE A CZ  1 
ATOM   175  N N   . SER A 1 23  ? -9.204  6.556   15.947  1.00 24.68 ? 431  SER A N   1 
ATOM   176  C CA  . SER A 1 23  ? -10.533 7.149   15.921  1.00 24.08 ? 431  SER A CA  1 
ATOM   177  C C   . SER A 1 23  ? -10.740 7.978   14.672  1.00 23.97 ? 431  SER A C   1 
ATOM   178  O O   . SER A 1 23  ? -9.792  8.264   13.941  1.00 22.81 ? 431  SER A O   1 
ATOM   179  C CB  . SER A 1 23  ? -10.717 8.035   17.152  1.00 23.95 ? 431  SER A CB  1 
ATOM   180  O OG  . SER A 1 23  ? -10.103 9.297   16.991  1.00 23.59 ? 431  SER A OG  1 
ATOM   181  N N   . GLU A 1 24  ? -11.981 8.385   14.424  1.00 22.72 ? 432  GLU A N   1 
ATOM   182  C CA  . GLU A 1 24  ? -12.252 9.237   13.290  1.00 22.05 ? 432  GLU A CA  1 
ATOM   183  C C   . GLU A 1 24  ? -11.532 10.596  13.378  1.00 22.03 ? 432  GLU A C   1 
ATOM   184  O O   . GLU A 1 24  ? -11.020 11.076  12.371  1.00 21.87 ? 432  GLU A O   1 
ATOM   185  C CB  . GLU A 1 24  ? -13.785 9.369   13.077  1.00 21.57 ? 432  GLU A CB  1 
ATOM   186  C CG  . GLU A 1 24  ? -14.199 10.233  11.934  1.00 20.80 ? 432  GLU A CG  1 
ATOM   187  C CD  . GLU A 1 24  ? -13.765 9.724   10.578  1.00 18.16 ? 432  GLU A CD  1 
ATOM   188  O OE1 . GLU A 1 24  ? -13.424 8.526   10.474  1.00 18.96 ? 432  GLU A OE1 1 
ATOM   189  O OE2 . GLU A 1 24  ? -13.771 10.543  9.618   1.00 20.53 ? 432  GLU A OE2 1 
ATOM   190  N N   . ASP A 1 25  ? -11.483 11.226  14.556  1.00 22.26 ? 433  ASP A N   1 
ATOM   191  C CA  . ASP A 1 25  ? -10.757 12.488  14.720  1.00 23.10 ? 433  ASP A CA  1 
ATOM   192  C C   . ASP A 1 25  ? -9.261  12.283  14.430  1.00 22.64 ? 433  ASP A C   1 
ATOM   193  O O   . ASP A 1 25  ? -8.631  13.128  13.801  1.00 22.48 ? 433  ASP A O   1 
ATOM   194  C CB  . ASP A 1 25  ? -10.835 13.036  16.153  1.00 24.87 ? 433  ASP A CB  1 
ATOM   195  C CG  . ASP A 1 25  ? -12.191 13.534  16.532  1.00 27.73 ? 433  ASP A CG  1 
ATOM   196  O OD1 . ASP A 1 25  ? -12.811 14.233  15.712  1.00 32.06 ? 433  ASP A OD1 1 
ATOM   197  O OD2 . ASP A 1 25  ? -12.691 13.310  17.664  1.00 33.52 ? 433  ASP A OD2 1 
ATOM   198  N N   . GLU A 1 26  ? -8.730  11.152  14.871  1.00 21.49 ? 434  GLU A N   1 
ATOM   199  C CA  . GLU A 1 26  ? -7.336  10.817  14.616  1.00 22.60 ? 434  GLU A CA  1 
ATOM   200  C C   . GLU A 1 26  ? -7.093  10.575  13.130  1.00 22.11 ? 434  GLU A C   1 
ATOM   201  O O   . GLU A 1 26  ? -6.080  11.018  12.612  1.00 22.95 ? 434  GLU A O   1 
ATOM   202  C CB  . GLU A 1 26  ? -6.888  9.615   15.446  1.00 22.22 ? 434  GLU A CB  1 
ATOM   203  C CG  . GLU A 1 26  ? -6.971  9.926   16.937  1.00 24.82 ? 434  GLU A CG  1 
ATOM   204  C CD  . GLU A 1 26  ? -6.764  8.725   17.839  1.00 25.75 ? 434  GLU A CD  1 
ATOM   205  O OE1 . GLU A 1 26  ? -7.228  7.612   17.539  1.00 25.13 ? 434  GLU A OE1 1 
ATOM   206  O OE2 . GLU A 1 26  ? -6.113  8.915   18.878  1.00 29.26 ? 434  GLU A OE2 1 
ATOM   207  N N   . LYS A 1 27  ? -8.003  9.912   12.454  1.00 22.09 ? 435  LYS A N   1 
ATOM   208  C CA  . LYS A 1 27  ? -7.915  9.732   11.004  1.00 23.58 ? 435  LYS A CA  1 
ATOM   209  C C   . LYS A 1 27  ? -7.776  11.065  10.276  1.00 23.71 ? 435  LYS A C   1 
ATOM   210  O O   . LYS A 1 27  ? -6.923  11.227  9.391   1.00 22.10 ? 435  LYS A O   1 
ATOM   211  C CB  . LYS A 1 27  ? -9.118  8.987   10.434  1.00 24.40 ? 435  LYS A CB  1 
ATOM   212  C CG  . LYS A 1 27  ? -9.295  9.274   8.924   1.00 26.76 ? 435  LYS A CG  1 
ATOM   213  C CD  . LYS A 1 27  ? -9.836  8.171   8.187   1.00 28.97 ? 435  LYS A CD  1 
ATOM   214  C CE  . LYS A 1 27  ? -10.098 8.662   6.697   1.00 27.21 ? 435  LYS A CE  1 
ATOM   215  N NZ  . LYS A 1 27  ? -11.484 8.335   6.333   1.00 21.73 ? 435  LYS A NZ  1 
ATOM   216  N N   . ARG A 1 28  ? -8.614  12.028  10.635  1.00 23.79 ? 436  ARG A N   1 
ATOM   217  C CA  . ARG A 1 28  ? -8.567  13.327  9.951   1.00 24.22 ? 436  ARG A CA  1 
ATOM   218  C C   . ARG A 1 28  ? -7.224  14.031  10.191  1.00 23.63 ? 436  ARG A C   1 
ATOM   219  O O   . ARG A 1 28  ? -6.702  14.697  9.292   1.00 22.53 ? 436  ARG A O   1 
ATOM   220  C CB  . ARG A 1 28  ? -9.748  14.173  10.378  1.00 24.93 ? 436  ARG A CB  1 
ATOM   221  C CG  . ARG A 1 28  ? -11.075 13.437  10.031  1.00 26.17 ? 436  ARG A CG  1 
ATOM   222  C CD  . ARG A 1 28  ? -12.338 14.201  10.275  1.00 26.39 ? 436  ARG A CD  1 
ATOM   223  N NE  . ARG A 1 28  ? -13.524 13.437  9.878   1.00 27.40 ? 436  ARG A NE  1 
ATOM   224  C CZ  . ARG A 1 28  ? -14.679 13.993  9.509   1.00 31.01 ? 436  ARG A CZ  1 
ATOM   225  N NH1 . ARG A 1 28  ? -14.795 15.329  9.511   1.00 30.96 ? 436  ARG A NH1 1 
ATOM   226  N NH2 . ARG A 1 28  ? -15.727 13.220  9.151   1.00 30.75 ? 436  ARG A NH2 1 
ATOM   227  N N   . LEU A 1 29  ? -6.675  13.874  11.398  1.00 23.56 ? 437  LEU A N   1 
ATOM   228  C CA  . LEU A 1 29  ? -5.361  14.423  11.722  1.00 22.38 ? 437  LEU A CA  1 
ATOM   229  C C   . LEU A 1 29  ? -4.255  13.725  10.957  1.00 21.30 ? 437  LEU A C   1 
ATOM   230  O O   . LEU A 1 29  ? -3.318  14.382  10.520  1.00 20.69 ? 437  LEU A O   1 
ATOM   231  C CB  . LEU A 1 29  ? -5.062  14.311  13.199  1.00 23.00 ? 437  LEU A CB  1 
ATOM   232  C CG  . LEU A 1 29  ? -5.826  15.384  13.997  1.00 27.64 ? 437  LEU A CG  1 
ATOM   233  C CD1 . LEU A 1 29  ? -5.828  15.034  15.452  1.00 30.40 ? 437  LEU A CD1 1 
ATOM   234  C CD2 . LEU A 1 29  ? -5.201  16.790  13.764  1.00 30.48 ? 437  LEU A CD2 1 
ATOM   235  N N   . LEU A 1 30  ? -4.357  12.407  10.836  1.00 19.63 ? 438  LEU A N   1 
ATOM   236  C CA  . LEU A 1 30  ? -3.409  11.627  10.027  1.00 19.17 ? 438  LEU A CA  1 
ATOM   237  C C   . LEU A 1 30  ? -3.460  12.047  8.563   1.00 18.53 ? 438  LEU A C   1 
ATOM   238  O O   . LEU A 1 30  ? -2.431  12.131  7.907   1.00 18.32 ? 438  LEU A O   1 
ATOM   239  C CB  . LEU A 1 30  ? -3.707  10.152  10.184  1.00 19.23 ? 438  LEU A CB  1 
ATOM   240  C CG  . LEU A 1 30  ? -3.294  9.499   11.522  1.00 18.85 ? 438  LEU A CG  1 
ATOM   241  C CD1 . LEU A 1 30  ? -4.058  8.237   11.729  1.00 21.54 ? 438  LEU A CD1 1 
ATOM   242  C CD2 . LEU A 1 30  ? -1.783  9.212   11.590  1.00 20.33 ? 438  LEU A CD2 1 
ATOM   243  N N   . LEU A 1 31  ? -4.659  12.357  8.055   1.00 18.68 ? 439  LEU A N   1 
ATOM   244  C CA  . LEU A 1 31  ? -4.830  12.790  6.685   1.00 19.42 ? 439  LEU A CA  1 
ATOM   245  C C   . LEU A 1 31  ? -4.239  14.168  6.470   1.00 19.19 ? 439  LEU A C   1 
ATOM   246  O O   . LEU A 1 31  ? -3.666  14.404  5.428   1.00 18.70 ? 439  LEU A O   1 
ATOM   247  C CB  . LEU A 1 31  ? -6.299  12.746  6.235   1.00 19.31 ? 439  LEU A CB  1 
ATOM   248  C CG  . LEU A 1 31  ? -6.549  12.879  4.736   1.00 21.30 ? 439  LEU A CG  1 
ATOM   249  C CD1 . LEU A 1 31  ? -5.887  11.788  3.913   1.00 21.00 ? 439  LEU A CD1 1 
ATOM   250  C CD2 . LEU A 1 31  ? -8.062  12.917  4.471   1.00 23.04 ? 439  LEU A CD2 1 
ATOM   251  N N   . GLU A 1 32  ? -4.381  15.075  7.437   1.00 19.51 ? 440  GLU A N   1 
ATOM   252  C CA  . GLU A 1 32  ? -3.857  16.431  7.271   1.00 20.09 ? 440  GLU A CA  1 
ATOM   253  C C   . GLU A 1 32  ? -2.364  16.340  7.268   1.00 18.45 ? 440  GLU A C   1 
ATOM   254  O O   . GLU A 1 32  ? -1.732  16.996  6.431   1.00 18.95 ? 440  GLU A O   1 
ATOM   255  C CB  A GLU A 1 32  ? -4.390  17.350  8.397   0.50 20.16 ? 440  GLU A CB  1 
ATOM   256  C CB  B GLU A 1 32  ? -4.364  17.437  8.315   0.50 20.23 ? 440  GLU A CB  1 
ATOM   257  C CG  A GLU A 1 32  ? -3.444  18.386  9.014   0.50 21.81 ? 440  GLU A CG  1 
ATOM   258  C CG  B GLU A 1 32  ? -4.362  18.919  7.870   0.50 22.03 ? 440  GLU A CG  1 
ATOM   259  C CD  A GLU A 1 32  ? -4.072  19.069  10.227  0.50 24.53 ? 440  GLU A CD  1 
ATOM   260  C CD  B GLU A 1 32  ? -4.209  19.163  6.356   0.50 25.69 ? 440  GLU A CD  1 
ATOM   261  O OE1 A GLU A 1 32  ? -3.399  19.191  11.279  0.50 23.55 ? 440  GLU A OE1 1 
ATOM   262  O OE1 B GLU A 1 32  ? -5.245  19.138  5.632   0.50 26.39 ? 440  GLU A OE1 1 
ATOM   263  O OE2 A GLU A 1 32  ? -5.267  19.440  10.126  0.50 26.77 ? 440  GLU A OE2 1 
ATOM   264  O OE2 B GLU A 1 32  ? -3.049  19.399  5.879   0.50 24.23 ? 440  GLU A OE2 1 
ATOM   265  N N   . LYS A 1 33  ? -1.806  15.466  8.118   1.00 17.49 ? 441  LYS A N   1 
ATOM   266  C CA  . LYS A 1 33  ? -0.362  15.219  8.139   1.00 17.85 ? 441  LYS A CA  1 
ATOM   267  C C   . LYS A 1 33  ? 0.144   14.723  6.774   1.00 16.31 ? 441  LYS A C   1 
ATOM   268  O O   . LYS A 1 33  ? 1.150   15.216  6.263   1.00 17.18 ? 441  LYS A O   1 
ATOM   269  C CB  . LYS A 1 33  ? 0.003   14.233  9.281   1.00 18.10 ? 441  LYS A CB  1 
ATOM   270  C CG  . LYS A 1 33  ? 1.411   13.836  9.357   1.00 21.19 ? 441  LYS A CG  1 
ATOM   271  C CD  . LYS A 1 33  ? 1.658   12.827  10.528  1.00 24.78 ? 441  LYS A CD  1 
ATOM   272  C CE  . LYS A 1 33  ? 3.142   12.660  10.788  1.00 26.02 ? 441  LYS A CE  1 
ATOM   273  N NZ  . LYS A 1 33  ? 3.897   12.320  9.543   1.00 28.27 ? 441  LYS A NZ  1 
ATOM   274  N N   . GLN A 1 34  ? -0.581  13.807  6.166   1.00 15.89 ? 442  GLN A N   1 
ATOM   275  C CA  . GLN A 1 34  ? -0.230  13.247  4.852   1.00 16.52 ? 442  GLN A CA  1 
ATOM   276  C C   . GLN A 1 34  ? -0.248  14.335  3.775   1.00 17.66 ? 442  GLN A C   1 
ATOM   277  O O   . GLN A 1 34  ? 0.671   14.421  2.979   1.00 18.06 ? 442  GLN A O   1 
ATOM   278  C CB  . GLN A 1 34  ? -1.233  12.178  4.475   1.00 16.73 ? 442  GLN A CB  1 
ATOM   279  C CG  . GLN A 1 34  ? -1.070  11.534  3.135   1.00 17.09 ? 442  GLN A CG  1 
ATOM   280  C CD  . GLN A 1 34  ? -2.135  10.458  2.890   1.00 16.30 ? 442  GLN A CD  1 
ATOM   281  O OE1 . GLN A 1 34  ? -2.271  9.514   3.702   1.00 17.52 ? 442  GLN A OE1 1 
ATOM   282  N NE2 . GLN A 1 34  ? -2.877  10.591  1.799   1.00 17.12 ? 442  GLN A NE2 1 
ATOM   283  N N   . ALA A 1 35  ? -1.313  15.134  3.745   1.00 20.04 ? 443  ALA A N   1 
ATOM   284  C CA  . ALA A 1 35  ? -1.465  16.138  2.704   1.00 22.04 ? 443  ALA A CA  1 
ATOM   285  C C   . ALA A 1 35  ? -0.346  17.146  2.852   1.00 23.31 ? 443  ALA A C   1 
ATOM   286  O O   . ALA A 1 35  ? 0.135   17.683  1.869   1.00 24.05 ? 443  ALA A O   1 
ATOM   287  C CB  . ALA A 1 35  ? -2.845  16.832  2.792   1.00 21.90 ? 443  ALA A CB  1 
ATOM   288  N N   . GLY A 1 36  ? 0.045   17.411  4.096   1.00 24.81 ? 444  GLY A N   1 
ATOM   289  C CA  . GLY A 1 36  ? 1.042   18.416  4.406   1.00 25.45 ? 444  GLY A CA  1 
ATOM   290  C C   . GLY A 1 36  ? 2.471   17.948  4.173   1.00 25.54 ? 444  GLY A C   1 
ATOM   291  O O   . GLY A 1 36  ? 3.385   18.754  4.001   1.00 25.69 ? 444  GLY A O   1 
ATOM   292  N N   . GLY A 1 37  ? 2.652   16.633  4.099   1.00 23.44 ? 445  GLY A N   1 
ATOM   293  C CA  . GLY A 1 37  ? 3.944   16.054  4.235   1.00 23.59 ? 445  GLY A CA  1 
ATOM   294  C C   . GLY A 1 37  ? 4.346   14.912  3.326   1.00 22.74 ? 445  GLY A C   1 
ATOM   295  O O   . GLY A 1 37  ? 5.519   14.707  3.192   1.00 23.08 ? 445  GLY A O   1 
ATOM   296  N N   . ASN A 1 38  ? 3.404   14.176  2.734   1.00 21.33 ? 446  ASN A N   1 
ATOM   297  C CA  . ASN A 1 38  ? 3.687   12.979  1.957   1.00 21.33 ? 446  ASN A CA  1 
ATOM   298  C C   . ASN A 1 38  ? 3.750   13.293  0.451   1.00 21.51 ? 446  ASN A C   1 
ATOM   299  O O   . ASN A 1 38  ? 2.776   13.709  -0.116  1.00 19.69 ? 446  ASN A O   1 
ATOM   300  C CB  . ASN A 1 38  ? 2.569   11.943  2.235   1.00 20.89 ? 446  ASN A CB  1 
ATOM   301  C CG  . ASN A 1 38  ? 2.895   10.548  1.706   1.00 22.33 ? 446  ASN A CG  1 
ATOM   302  O OD1 . ASN A 1 38  ? 3.434   10.385  0.612   1.00 23.88 ? 446  ASN A OD1 1 
ATOM   303  N ND2 . ASN A 1 38  ? 2.610   9.550   2.495   1.00 16.40 ? 446  ASN A ND2 1 
ATOM   304  N N   . PRO A 1 39  ? 4.900   13.087  -0.187  1.00 22.35 ? 447  PRO A N   1 
ATOM   305  C CA  . PRO A 1 39  ? 5.075   13.399  -1.622  1.00 22.38 ? 447  PRO A CA  1 
ATOM   306  C C   . PRO A 1 39  ? 4.218   12.563  -2.607  1.00 22.03 ? 447  PRO A C   1 
ATOM   307  O O   . PRO A 1 39  ? 4.086   12.927  -3.748  1.00 20.89 ? 447  PRO A O   1 
ATOM   308  C CB  . PRO A 1 39  ? 6.582   13.160  -1.838  1.00 22.89 ? 447  PRO A CB  1 
ATOM   309  C CG  . PRO A 1 39  ? 6.949   12.160  -0.809  1.00 24.39 ? 447  PRO A CG  1 
ATOM   310  C CD  . PRO A 1 39  ? 6.152   12.606  0.422   1.00 22.82 ? 447  PRO A CD  1 
ATOM   311  N N   . TRP A 1 40  ? 3.590   11.485  -2.133  1.00 20.13 ? 448  TRP A N   1 
ATOM   312  C CA  . TRP A 1 40  ? 2.738   10.645  -2.929  1.00 19.31 ? 448  TRP A CA  1 
ATOM   313  C C   . TRP A 1 40  ? 1.243   10.954  -2.743  1.00 18.51 ? 448  TRP A C   1 
ATOM   314  O O   . TRP A 1 40  ? 0.404   10.379  -3.412  1.00 19.18 ? 448  TRP A O   1 
ATOM   315  C CB  . TRP A 1 40  ? 2.991   9.181   -2.558  1.00 19.03 ? 448  TRP A CB  1 
ATOM   316  C CG  . TRP A 1 40  ? 4.446   8.821   -2.540  1.00 18.87 ? 448  TRP A CG  1 
ATOM   317  C CD1 . TRP A 1 40  ? 5.272   8.813   -1.470  1.00 22.26 ? 448  TRP A CD1 1 
ATOM   318  C CD2 . TRP A 1 40  ? 5.278   8.535   -3.679  1.00 19.10 ? 448  TRP A CD2 1 
ATOM   319  N NE1 . TRP A 1 40  ? 6.559   8.484   -1.836  1.00 21.76 ? 448  TRP A NE1 1 
ATOM   320  C CE2 . TRP A 1 40  ? 6.593   8.315   -3.197  1.00 21.38 ? 448  TRP A CE2 1 
ATOM   321  C CE3 . TRP A 1 40  ? 5.046   8.444   -5.042  1.00 20.50 ? 448  TRP A CE3 1 
ATOM   322  C CZ2 . TRP A 1 40  ? 7.655   7.985   -4.024  1.00 21.63 ? 448  TRP A CZ2 1 
ATOM   323  C CZ3 . TRP A 1 40  ? 6.128   8.120   -5.876  1.00 21.17 ? 448  TRP A CZ3 1 
ATOM   324  C CH2 . TRP A 1 40  ? 7.403   7.900   -5.351  1.00 22.42 ? 448  TRP A CH2 1 
ATOM   325  N N   . HIS A 1 41  ? 0.897   11.856  -1.827  1.00 18.12 ? 449  HIS A N   1 
ATOM   326  C CA  . HIS A 1 41  ? -0.499  12.180  -1.602  1.00 18.61 ? 449  HIS A CA  1 
ATOM   327  C C   . HIS A 1 41  ? -1.265  12.549  -2.871  1.00 20.02 ? 449  HIS A C   1 
ATOM   328  O O   . HIS A 1 41  ? -2.456  12.225  -3.011  1.00 21.35 ? 449  HIS A O   1 
ATOM   329  C CB  . HIS A 1 41  ? -0.592  13.305  -0.579  1.00 18.09 ? 449  HIS A CB  1 
ATOM   330  C CG  . HIS A 1 41  ? -1.978  13.785  -0.316  1.00 18.91 ? 449  HIS A CG  1 
ATOM   331  N ND1 . HIS A 1 41  ? -2.774  13.265  0.679   1.00 17.92 ? 449  HIS A ND1 1 
ATOM   332  C CD2 . HIS A 1 41  ? -2.715  14.746  -0.917  1.00 21.27 ? 449  HIS A CD2 1 
ATOM   333  C CE1 . HIS A 1 41  ? -3.919  13.923  0.723   1.00 20.17 ? 449  HIS A CE1 1 
ATOM   334  N NE2 . HIS A 1 41  ? -3.920  14.816  -0.251  1.00 18.29 ? 449  HIS A NE2 1 
ATOM   335  N N   . GLN A 1 42  ? -0.602  13.227  -3.804  1.00 21.20 ? 450  GLN A N   1 
ATOM   336  C CA  . GLN A 1 42  ? -1.264  13.639  -5.027  1.00 23.10 ? 450  GLN A CA  1 
ATOM   337  C C   . GLN A 1 42  ? -1.812  12.478  -5.870  1.00 21.57 ? 450  GLN A C   1 
ATOM   338  O O   . GLN A 1 42  ? -2.696  12.688  -6.686  1.00 23.53 ? 450  GLN A O   1 
ATOM   339  C CB  . GLN A 1 42  ? -0.341  14.526  -5.882  1.00 23.61 ? 450  GLN A CB  1 
ATOM   340  C CG  . GLN A 1 42  ? 1.023   13.902  -6.097  1.00 28.87 ? 450  GLN A CG  1 
ATOM   341  C CD  . GLN A 1 42  ? 1.827   14.576  -7.217  1.00 34.47 ? 450  GLN A CD  1 
ATOM   342  O OE1 . GLN A 1 42  ? 1.286   14.886  -8.282  1.00 35.58 ? 450  GLN A OE1 1 
ATOM   343  N NE2 . GLN A 1 42  ? 3.130   14.760  -6.979  1.00 37.40 ? 450  GLN A NE2 1 
ATOM   344  N N   . PHE A 1 43  ? -1.327  11.261  -5.638  1.00 20.93 ? 451  PHE A N   1 
ATOM   345  C CA  . PHE A 1 43  ? -1.665  10.102  -6.471  1.00 20.49 ? 451  PHE A CA  1 
ATOM   346  C C   . PHE A 1 43  ? -2.816  9.238   -5.936  1.00 20.06 ? 451  PHE A C   1 
ATOM   347  O O   . PHE A 1 43  ? -3.279  8.361   -6.633  1.00 19.69 ? 451  PHE A O   1 
ATOM   348  C CB  . PHE A 1 43  ? -0.422  9.211   -6.620  1.00 20.37 ? 451  PHE A CB  1 
ATOM   349  C CG  . PHE A 1 43  ? 0.738   9.941   -7.217  1.00 20.55 ? 451  PHE A CG  1 
ATOM   350  C CD1 . PHE A 1 43  ? 0.643   10.478  -8.493  1.00 22.72 ? 451  PHE A CD1 1 
ATOM   351  C CD2 . PHE A 1 43  ? 1.896   10.171  -6.467  1.00 23.36 ? 451  PHE A CD2 1 
ATOM   352  C CE1 . PHE A 1 43  ? 1.734   11.172  -9.050  1.00 24.82 ? 451  PHE A CE1 1 
ATOM   353  C CE2 . PHE A 1 43  ? 2.965   10.911  -7.007  1.00 21.67 ? 451  PHE A CE2 1 
ATOM   354  C CZ  . PHE A 1 43  ? 2.872   11.397  -8.282  1.00 21.32 ? 451  PHE A CZ  1 
ATOM   355  N N   . VAL A 1 44  ? -3.242  9.491   -4.702  1.00 19.18 ? 452  VAL A N   1 
ATOM   356  C CA  . VAL A 1 44  ? -4.164  8.583   -4.004  1.00 18.88 ? 452  VAL A CA  1 
ATOM   357  C C   . VAL A 1 44  ? -5.579  9.107   -3.751  1.00 18.72 ? 452  VAL A C   1 
ATOM   358  O O   . VAL A 1 44  ? -6.279  8.628   -2.852  1.00 17.83 ? 452  VAL A O   1 
ATOM   359  C CB  . VAL A 1 44  ? -3.530  8.076   -2.697  1.00 17.96 ? 452  VAL A CB  1 
ATOM   360  C CG1 . VAL A 1 44  ? -2.210  7.373   -3.005  1.00 18.43 ? 452  VAL A CG1 1 
ATOM   361  C CG2 . VAL A 1 44  ? -3.293  9.183   -1.669  1.00 19.68 ? 452  VAL A CG2 1 
ATOM   362  N N   . GLU A 1 45  ? -5.985  10.111  -4.522  1.00 19.55 ? 453  GLU A N   1 
ATOM   363  C CA  . GLU A 1 45  ? -7.377  10.623  -4.493  1.00 20.10 ? 453  GLU A CA  1 
ATOM   364  C C   . GLU A 1 45  ? -7.879  10.987  -3.085  1.00 19.98 ? 453  GLU A C   1 
ATOM   365  O O   . GLU A 1 45  ? -9.034  10.723  -2.748  1.00 20.55 ? 453  GLU A O   1 
ATOM   366  C CB  . GLU A 1 45  ? -8.324  9.616   -5.144  1.00 21.14 ? 453  GLU A CB  1 
ATOM   367  C CG  . GLU A 1 45  ? -7.897  9.226   -6.535  1.00 21.88 ? 453  GLU A CG  1 
ATOM   368  C CD  . GLU A 1 45  ? -8.808  8.209   -7.166  1.00 23.87 ? 453  GLU A CD  1 
ATOM   369  O OE1 . GLU A 1 45  ? -8.978  7.066   -6.661  1.00 22.79 ? 453  GLU A OE1 1 
ATOM   370  O OE2 . GLU A 1 45  ? -9.365  8.575   -8.208  1.00 28.03 ? 453  GLU A OE2 1 
ATOM   371  N N   . ASN A 1 46  ? -7.000  11.630  -2.316  1.00 19.84 ? 454  ASN A N   1 
ATOM   372  C CA  . ASN A 1 46  ? -7.246  12.103  -0.943  1.00 19.99 ? 454  ASN A CA  1 
ATOM   373  C C   . ASN A 1 46  ? -7.560  10.985  0.060   1.00 19.27 ? 454  ASN A C   1 
ATOM   374  O O   . ASN A 1 46  ? -8.135  11.233  1.122   1.00 19.24 ? 454  ASN A O   1 
ATOM   375  C CB  . ASN A 1 46  ? -8.344  13.171  -0.889  1.00 21.00 ? 454  ASN A CB  1 
ATOM   376  C CG  . ASN A 1 46  ? -8.269  14.004  0.369   1.00 23.45 ? 454  ASN A CG  1 
ATOM   377  O OD1 . ASN A 1 46  ? -7.167  14.339  0.851   1.00 26.73 ? 454  ASN A OD1 1 
ATOM   378  N ND2 . ASN A 1 46  ? -9.435  14.334  0.936   1.00 25.31 ? 454  ASN A ND2 1 
ATOM   379  N N   . ASN A 1 47  ? -7.206  9.750   -0.314  1.00 18.34 ? 455  ASN A N   1 
ATOM   380  C CA  . ASN A 1 47  ? -7.379  8.601   0.577   1.00 17.29 ? 455  ASN A CA  1 
ATOM   381  C C   . ASN A 1 47  ? -6.208  8.522   1.533   1.00 17.38 ? 455  ASN A C   1 
ATOM   382  O O   . ASN A 1 47  ? -5.062  8.771   1.145   1.00 16.34 ? 455  ASN A O   1 
ATOM   383  C CB  . ASN A 1 47  ? -7.502  7.318   -0.234  1.00 16.39 ? 455  ASN A CB  1 
ATOM   384  C CG  . ASN A 1 47  ? -8.829  7.247   -0.935  1.00 19.75 ? 455  ASN A CG  1 
ATOM   385  O OD1 . ASN A 1 47  ? -9.865  7.455   -0.287  1.00 19.47 ? 455  ASN A OD1 1 
ATOM   386  N ND2 . ASN A 1 47  ? -8.822  6.943   -2.223  1.00 17.30 ? 455  ASN A ND2 1 
ATOM   387  N N   . LEU A 1 48  ? -6.481  8.129   2.770   1.00 16.66 ? 456  LEU A N   1 
ATOM   388  C CA  . LEU A 1 48  ? -5.419  7.981   3.761   1.00 17.30 ? 456  LEU A CA  1 
ATOM   389  C C   . LEU A 1 48  ? -4.573  6.767   3.415   1.00 16.36 ? 456  LEU A C   1 
ATOM   390  O O   . LEU A 1 48  ? -5.117  5.678   3.264   1.00 16.17 ? 456  LEU A O   1 
ATOM   391  C CB  . LEU A 1 48  ? -6.020  7.801   5.156   1.00 17.45 ? 456  LEU A CB  1 
ATOM   392  C CG  . LEU A 1 48  ? -4.978  7.741   6.289   1.00 17.89 ? 456  LEU A CG  1 
ATOM   393  C CD1 . LEU A 1 48  ? -4.294  9.075   6.582   1.00 18.19 ? 456  LEU A CD1 1 
ATOM   394  C CD2 . LEU A 1 48  ? -5.642  7.223   7.530   1.00 17.46 ? 456  LEU A CD2 1 
ATOM   395  N N   . ILE A 1 49  ? -3.266  6.970   3.317   1.00 15.63 ? 457  ILE A N   1 
ATOM   396  C CA  . ILE A 1 49  ? -2.322  5.910   3.021   1.00 16.12 ? 457  ILE A CA  1 
ATOM   397  C C   . ILE A 1 49  ? -2.063  5.090   4.262   1.00 14.76 ? 457  ILE A C   1 
ATOM   398  O O   . ILE A 1 49  ? -1.676  5.619   5.320   1.00 15.20 ? 457  ILE A O   1 
ATOM   399  C CB  . ILE A 1 49  ? -1.001  6.504   2.464   1.00 15.80 ? 457  ILE A CB  1 
ATOM   400  C CG1 . ILE A 1 49  ? -1.246  7.202   1.125   1.00 18.45 ? 457  ILE A CG1 1 
ATOM   401  C CG2 . ILE A 1 49  ? 0.051   5.376   2.275   1.00 16.08 ? 457  ILE A CG2 1 
ATOM   402  C CD1 . ILE A 1 49  ? -0.148  8.263   0.746   1.00 17.27 ? 457  ILE A CD1 1 
ATOM   403  N N   . LEU A 1 50  ? -2.320  3.788   4.140   1.00 14.70 ? 458  LEU A N   1 
ATOM   404  C CA  . LEU A 1 50  ? -2.154  2.832   5.237   1.00 15.82 ? 458  LEU A CA  1 
ATOM   405  C C   . LEU A 1 50  ? -0.815  2.137   5.242   1.00 15.94 ? 458  LEU A C   1 
ATOM   406  O O   . LEU A 1 50  ? -0.296  1.784   6.305   1.00 15.94 ? 458  LEU A O   1 
ATOM   407  C CB  . LEU A 1 50  ? -3.268  1.809   5.190   1.00 15.57 ? 458  LEU A CB  1 
ATOM   408  C CG  . LEU A 1 50  ? -4.670  2.457   5.043   1.00 16.86 ? 458  LEU A CG  1 
ATOM   409  C CD1 . LEU A 1 50  ? -5.749  1.430   5.020   1.00 18.56 ? 458  LEU A CD1 1 
ATOM   410  C CD2 . LEU A 1 50  ? -4.907  3.498   6.174   1.00 15.69 ? 458  LEU A CD2 1 
ATOM   411  N N   . LYS A 1 51  ? -0.289  1.881   4.053   1.00 15.22 ? 459  LYS A N   1 
ATOM   412  C CA  . LYS A 1 51  ? 1.071   1.354   3.908   1.00 15.64 ? 459  LYS A CA  1 
ATOM   413  C C   . LYS A 1 51  ? 1.571   1.779   2.539   1.00 15.31 ? 459  LYS A C   1 
ATOM   414  O O   . LYS A 1 51  ? 0.833   1.779   1.575   1.00 16.30 ? 459  LYS A O   1 
ATOM   415  C CB  . LYS A 1 51  ? 1.089   -0.179  4.029   1.00 15.74 ? 459  LYS A CB  1 
ATOM   416  C CG  . LYS A 1 51  ? 2.486   -0.860  3.793   1.00 16.38 ? 459  LYS A CG  1 
ATOM   417  C CD  . LYS A 1 51  ? 2.437   -2.358  4.192   1.00 13.95 ? 459  LYS A CD  1 
ATOM   418  C CE  . LYS A 1 51  ? 3.741   -3.042  3.931   1.00 14.92 ? 459  LYS A CE  1 
ATOM   419  N NZ  . LYS A 1 51  ? 4.793   -2.535  4.875   1.00 15.41 ? 459  LYS A NZ  1 
ATOM   420  N N   . MET A 1 52  ? 2.829   2.156   2.448   1.00 14.50 ? 460  MET A N   1 
ATOM   421  C CA  . MET A 1 52  ? 3.448   2.395   1.157   1.00 14.23 ? 460  MET A CA  1 
ATOM   422  C C   . MET A 1 52  ? 4.886   1.963   1.197   1.00 14.69 ? 460  MET A C   1 
ATOM   423  O O   . MET A 1 52  ? 5.507   1.969   2.256   1.00 15.91 ? 460  MET A O   1 
ATOM   424  C CB  . MET A 1 52  ? 3.364   3.893   0.754   1.00 14.73 ? 460  MET A CB  1 
ATOM   425  C CG  . MET A 1 52  ? 4.226   4.831   1.568   1.00 14.30 ? 460  MET A CG  1 
ATOM   426  S SD  . MET A 1 52  ? 4.066   6.500   0.950   1.00 16.81 ? 460  MET A SD  1 
ATOM   427  C CE  . MET A 1 52  ? 5.468   7.250   1.700   1.00 14.97 ? 460  MET A CE  1 
ATOM   428  N N   . GLY A 1 53  ? 5.410   1.663   0.012   1.00 14.29 ? 461  GLY A N   1 
ATOM   429  C CA  . GLY A 1 53  ? 6.824   1.446   -0.147  1.00 14.90 ? 461  GLY A CA  1 
ATOM   430  C C   . GLY A 1 53  ? 7.134   0.907   -1.506  1.00 15.48 ? 461  GLY A C   1 
ATOM   431  O O   . GLY A 1 53  ? 6.232   0.684   -2.275  1.00 16.42 ? 461  GLY A O   1 
ATOM   432  N N   . PRO A 1 54  ? 8.409   0.720   -1.806  1.00 15.78 ? 462  PRO A N   1 
ATOM   433  C CA  . PRO A 1 54  ? 8.839   0.254   -3.129  1.00 16.38 ? 462  PRO A CA  1 
ATOM   434  C C   . PRO A 1 54  ? 8.600   -1.227  -3.292  1.00 16.34 ? 462  PRO A C   1 
ATOM   435  O O   . PRO A 1 54  ? 8.821   -2.017  -2.351  1.00 16.49 ? 462  PRO A O   1 
ATOM   436  C CB  . PRO A 1 54  ? 10.324  0.577   -3.174  1.00 16.44 ? 462  PRO A CB  1 
ATOM   437  C CG  . PRO A 1 54  ? 10.731  0.683   -1.778  1.00 19.82 ? 462  PRO A CG  1 
ATOM   438  C CD  . PRO A 1 54  ? 9.548   1.084   -0.947  1.00 18.59 ? 462  PRO A CD  1 
ATOM   439  N N   . VAL A 1 55  ? 8.072   -1.574  -4.448  1.00 17.30 ? 463  VAL A N   1 
ATOM   440  C CA  . VAL A 1 55  ? 7.805   -2.957  -4.823  1.00 18.87 ? 463  VAL A CA  1 
ATOM   441  C C   . VAL A 1 55  ? 8.059   -3.051  -6.324  1.00 19.52 ? 463  VAL A C   1 
ATOM   442  O O   . VAL A 1 55  ? 7.804   -2.088  -7.078  1.00 19.78 ? 463  VAL A O   1 
ATOM   443  C CB  . VAL A 1 55  ? 6.313   -3.342  -4.476  1.00 19.78 ? 463  VAL A CB  1 
ATOM   444  C CG1 . VAL A 1 55  ? 5.954   -4.673  -4.982  1.00 22.85 ? 463  VAL A CG1 1 
ATOM   445  C CG2 . VAL A 1 55  ? 6.086   -3.293  -2.999  1.00 19.37 ? 463  VAL A CG2 1 
ATOM   446  N N   . ASP A 1 56  ? 8.564   -4.193  -6.775  1.00 20.11 ? 464  ASP A N   1 
ATOM   447  C CA  . ASP A 1 56  ? 8.794   -4.416  -8.200  1.00 21.01 ? 464  ASP A CA  1 
ATOM   448  C C   . ASP A 1 56  ? 7.657   -5.261  -8.734  1.00 20.64 ? 464  ASP A C   1 
ATOM   449  O O   . ASP A 1 56  ? 7.322   -6.264  -8.108  1.00 22.54 ? 464  ASP A O   1 
ATOM   450  C CB  . ASP A 1 56  ? 10.088  -5.180  -8.412  1.00 21.57 ? 464  ASP A CB  1 
ATOM   451  C CG  . ASP A 1 56  ? 11.324  -4.377  -8.162  1.00 24.47 ? 464  ASP A CG  1 
ATOM   452  O OD1 . ASP A 1 56  ? 11.360  -3.127  -8.205  1.00 24.31 ? 464  ASP A OD1 1 
ATOM   453  O OD2 . ASP A 1 56  ? 12.374  -4.981  -7.970  1.00 29.70 ? 464  ASP A OD2 1 
ATOM   454  N N   . GLU A 1 57  ? 7.059   -4.890  -9.867  1.00 19.63 ? 465  GLU A N   1 
ATOM   455  C CA  . GLU A 1 57  ? 6.090   -5.742  -10.519 1.00 18.69 ? 465  GLU A CA  1 
ATOM   456  C C   . GLU A 1 57  ? 6.798   -6.515  -11.649 1.00 18.71 ? 465  GLU A C   1 
ATOM   457  O O   . GLU A 1 57  ? 7.431   -5.917  -12.519 1.00 18.69 ? 465  GLU A O   1 
ATOM   458  C CB  . GLU A 1 57  ? 4.883   -4.997  -11.095 1.00 19.57 ? 465  GLU A CB  1 
ATOM   459  C CG  . GLU A 1 57  ? 3.883   -6.052  -11.599 1.00 21.41 ? 465  GLU A CG  1 
ATOM   460  C CD  . GLU A 1 57  ? 2.598   -5.533  -12.225 1.00 27.21 ? 465  GLU A CD  1 
ATOM   461  O OE1 . GLU A 1 57  ? 2.364   -4.319  -12.146 1.00 27.79 ? 465  GLU A OE1 1 
ATOM   462  O OE2 . GLU A 1 57  ? 1.813   -6.404  -12.757 1.00 27.47 ? 465  GLU A OE2 1 
ATOM   463  N N   . ARG A 1 58  ? 6.696   -7.823  -11.596 1.00 18.54 ? 466  ARG A N   1 
ATOM   464  C CA  . ARG A 1 58  ? 7.158   -8.692  -12.697 1.00 20.59 ? 466  ARG A CA  1 
ATOM   465  C C   . ARG A 1 58  ? 6.108   -8.590  -13.786 1.00 21.38 ? 466  ARG A C   1 
ATOM   466  O O   . ARG A 1 58  ? 4.998   -9.097  -13.654 1.00 23.03 ? 466  ARG A O   1 
ATOM   467  C CB  . ARG A 1 58  ? 7.326   -10.125 -12.223 1.00 20.99 ? 466  ARG A CB  1 
ATOM   468  C CG  . ARG A 1 58  ? 7.731   -11.139 -13.331 1.00 24.73 ? 466  ARG A CG  1 
ATOM   469  C CD  . ARG A 1 58  ? 8.032   -12.526 -12.714 1.00 29.53 ? 466  ARG A CD  1 
ATOM   470  N NE  . ARG A 1 58  ? 8.814   -13.480 -13.518 1.00 36.14 ? 466  ARG A NE  1 
ATOM   471  C CZ  . ARG A 1 58  ? 10.031  -13.952 -13.183 1.00 37.77 ? 466  ARG A CZ  1 
ATOM   472  N NH1 . ARG A 1 58  ? 10.655  -13.543 -12.082 1.00 37.59 ? 466  ARG A NH1 1 
ATOM   473  N NH2 . ARG A 1 58  ? 10.624  -14.856 -13.957 1.00 39.32 ? 466  ARG A NH2 1 
ATOM   474  N N   . LYS A 1 59  ? 6.456   -7.873  -14.845 1.00 22.61 ? 467  LYS A N   1 
ATOM   475  C CA  . LYS A 1 59  ? 5.635   -7.779  -16.015 1.00 23.77 ? 467  LYS A CA  1 
ATOM   476  C C   . LYS A 1 59  ? 6.490   -7.437  -17.232 1.00 23.35 ? 467  LYS A C   1 
ATOM   477  O O   . LYS A 1 59  ? 7.576   -6.915  -17.104 1.00 23.41 ? 467  LYS A O   1 
ATOM   478  C CB  . LYS A 1 59  ? 4.477   -6.793  -15.798 1.00 25.76 ? 467  LYS A CB  1 
ATOM   479  C CG  . LYS A 1 59  ? 4.796   -5.377  -15.898 1.00 28.48 ? 467  LYS A CG  1 
ATOM   480  C CD  . LYS A 1 59  ? 3.503   -4.509  -15.711 1.00 30.16 ? 467  LYS A CD  1 
ATOM   481  C CE  . LYS A 1 59  ? 2.460   -4.571  -16.783 1.00 32.07 ? 467  LYS A CE  1 
ATOM   482  N NZ  . LYS A 1 59  ? 1.484   -3.374  -16.767 1.00 33.22 ? 467  LYS A NZ  1 
ATOM   483  N N   . GLY A 1 60  ? 5.996   -7.783  -18.422 1.00 22.00 ? 468  GLY A N   1 
ATOM   484  C CA  . GLY A 1 60  ? 6.706   -7.490  -19.638 1.00 21.16 ? 468  GLY A CA  1 
ATOM   485  C C   . GLY A 1 60  ? 8.077   -8.159  -19.640 1.00 20.32 ? 468  GLY A C   1 
ATOM   486  O O   . GLY A 1 60  ? 8.203   -9.299  -19.265 1.00 20.21 ? 468  GLY A O   1 
ATOM   487  N N   . LEU A 1 61  ? 9.090   -7.398  -20.037 1.00 19.69 ? 469  LEU A N   1 
ATOM   488  C CA  . LEU A 1 61  ? 10.445  -7.904  -20.280 1.00 19.03 ? 469  LEU A CA  1 
ATOM   489  C C   . LEU A 1 61  ? 11.394  -7.732  -19.104 1.00 17.67 ? 469  LEU A C   1 
ATOM   490  O O   . LEU A 1 61  ? 12.522  -8.239  -19.132 1.00 16.91 ? 469  LEU A O   1 
ATOM   491  C CB  . LEU A 1 61  ? 11.040  -7.211  -21.526 1.00 18.85 ? 469  LEU A CB  1 
ATOM   492  C CG  . LEU A 1 61  ? 10.278  -7.298  -22.864 1.00 19.46 ? 469  LEU A CG  1 
ATOM   493  C CD1 . LEU A 1 61  ? 11.107  -6.609  -23.965 1.00 19.87 ? 469  LEU A CD1 1 
ATOM   494  C CD2 . LEU A 1 61  ? 9.938   -8.721  -23.223 1.00 20.69 ? 469  LEU A CD2 1 
ATOM   495  N N   . PHE A 1 62  ? 10.976  -6.975  -18.091 1.00 17.75 ? 470  PHE A N   1 
ATOM   496  C CA  . PHE A 1 62  ? 11.794  -6.700  -16.892 1.00 18.48 ? 470  PHE A CA  1 
ATOM   497  C C   . PHE A 1 62  ? 10.880  -6.107  -15.778 1.00 19.54 ? 470  PHE A C   1 
ATOM   498  O O   . PHE A 1 62  ? 9.789   -5.564  -16.059 1.00 19.71 ? 470  PHE A O   1 
ATOM   499  C CB  . PHE A 1 62  ? 12.968  -5.732  -17.191 1.00 18.78 ? 470  PHE A CB  1 
ATOM   500  C CG  . PHE A 1 62  ? 12.526  -4.422  -17.800 1.00 21.32 ? 470  PHE A CG  1 
ATOM   501  C CD1 . PHE A 1 62  ? 12.063  -3.378  -16.992 1.00 23.60 ? 470  PHE A CD1 1 
ATOM   502  C CD2 . PHE A 1 62  ? 12.549  -4.238  -19.174 1.00 23.20 ? 470  PHE A CD2 1 
ATOM   503  C CE1 . PHE A 1 62  ? 11.629  -2.168  -17.552 1.00 26.33 ? 470  PHE A CE1 1 
ATOM   504  C CE2 . PHE A 1 62  ? 12.102  -3.030  -19.741 1.00 27.21 ? 470  PHE A CE2 1 
ATOM   505  C CZ  . PHE A 1 62  ? 11.640  -2.010  -18.944 1.00 27.11 ? 470  PHE A CZ  1 
ATOM   506  N N   . ALA A 1 63  ? 11.318  -6.249  -14.531 1.00 20.80 ? 471  ALA A N   1 
ATOM   507  C CA  . ALA A 1 63  ? 10.569  -5.741  -13.392 1.00 21.42 ? 471  ALA A CA  1 
ATOM   508  C C   . ALA A 1 63  ? 10.475  -4.227  -13.453 1.00 21.69 ? 471  ALA A C   1 
ATOM   509  O O   . ALA A 1 63  ? 11.454  -3.561  -13.729 1.00 20.93 ? 471  ALA A O   1 
ATOM   510  C CB  . ALA A 1 63  ? 11.221  -6.144  -12.116 1.00 22.60 ? 471  ALA A CB  1 
ATOM   511  N N   . ARG A 1 64  ? 9.274   -3.711  -13.171 1.00 20.97 ? 472  ARG A N   1 
ATOM   512  C CA  . ARG A 1 64  ? 9.014   -2.281  -13.053 1.00 21.68 ? 472  ARG A CA  1 
ATOM   513  C C   . ARG A 1 64  ? 8.998   -1.972  -11.563 1.00 19.91 ? 472  ARG A C   1 
ATOM   514  O O   . ARG A 1 64  ? 8.211   -2.549  -10.827 1.00 18.93 ? 472  ARG A O   1 
ATOM   515  C CB  . ARG A 1 64  ? 7.637   -1.930  -13.646 1.00 22.40 ? 472  ARG A CB  1 
ATOM   516  C CG  . ARG A 1 64  ? 7.289   -2.686  -14.920 1.00 28.80 ? 472  ARG A CG  1 
ATOM   517  C CD  . ARG A 1 64  ? 7.430   -1.907  -16.181 1.00 35.42 ? 472  ARG A CD  1 
ATOM   518  N NE  . ARG A 1 64  ? 6.602   -2.540  -17.203 1.00 37.09 ? 472  ARG A NE  1 
ATOM   519  C CZ  . ARG A 1 64  ? 7.006   -3.450  -18.118 1.00 38.62 ? 472  ARG A CZ  1 
ATOM   520  N NH1 . ARG A 1 64  ? 8.284   -3.924  -18.177 1.00 32.51 ? 472  ARG A NH1 1 
ATOM   521  N NH2 . ARG A 1 64  ? 6.067   -3.913  -18.967 1.00 38.23 ? 472  ARG A NH2 1 
ATOM   522  N N   . ARG A 1 65  ? 9.887   -1.097  -11.135 1.00 20.02 ? 473  ARG A N   1 
ATOM   523  C CA  . ARG A 1 65  ? 9.889   -0.586  -9.773  1.00 19.85 ? 473  ARG A CA  1 
ATOM   524  C C   . ARG A 1 65  ? 8.716   0.357   -9.601  1.00 18.25 ? 473  ARG A C   1 
ATOM   525  O O   . ARG A 1 65  ? 8.544   1.321   -10.378 1.00 19.50 ? 473  ARG A O   1 
ATOM   526  C CB  . ARG A 1 65  ? 11.259  0.023   -9.452  1.00 20.54 ? 473  ARG A CB  1 
ATOM   527  C CG  . ARG A 1 65  ? 11.397  0.703   -8.086  1.00 22.84 ? 473  ARG A CG  1 
ATOM   528  C CD  . ARG A 1 65  ? 11.102  -0.187  -6.902  1.00 25.45 ? 473  ARG A CD  1 
ATOM   529  N NE  . ARG A 1 65  ? 12.131  -1.217  -6.765  1.00 29.99 ? 473  ARG A NE  1 
ATOM   530  C CZ  . ARG A 1 65  ? 13.316  -1.006  -6.206  1.00 34.28 ? 473  ARG A CZ  1 
ATOM   531  N NH1 . ARG A 1 65  ? 13.610  0.163   -5.659  1.00 35.64 ? 473  ARG A NH1 1 
ATOM   532  N NH2 . ARG A 1 65  ? 14.203  -1.987  -6.156  1.00 37.01 ? 473  ARG A NH2 1 
ATOM   533  N N   . ARG A 1 66  ? 7.870   0.057   -8.606  1.00 17.04 ? 474  ARG A N   1 
ATOM   534  C CA  . ARG A 1 66  ? 6.722   0.890   -8.255  1.00 16.23 ? 474  ARG A CA  1 
ATOM   535  C C   . ARG A 1 66  ? 6.928   1.476   -6.877  1.00 15.49 ? 474  ARG A C   1 
ATOM   536  O O   . ARG A 1 66  ? 7.707   0.953   -6.064  1.00 14.44 ? 474  ARG A O   1 
ATOM   537  C CB  . ARG A 1 66  ? 5.415   0.078   -8.135  1.00 17.30 ? 474  ARG A CB  1 
ATOM   538  C CG  . ARG A 1 66  ? 5.148   -0.889  -9.249  1.00 18.18 ? 474  ARG A CG  1 
ATOM   539  C CD  . ARG A 1 66  ? 4.936   -0.192  -10.551 1.00 20.47 ? 474  ARG A CD  1 
ATOM   540  N NE  . ARG A 1 66  ? 4.279   -1.078  -11.487 1.00 19.42 ? 474  ARG A NE  1 
ATOM   541  C CZ  . ARG A 1 66  ? 4.127   -0.839  -12.758 1.00 20.25 ? 474  ARG A CZ  1 
ATOM   542  N NH1 . ARG A 1 66  ? 4.588   0.288   -13.293 1.00 22.87 ? 474  ARG A NH1 1 
ATOM   543  N NH2 . ARG A 1 66  ? 3.469   -1.717  -13.497 1.00 22.63 ? 474  ARG A NH2 1 
ATOM   544  N N   . GLN A 1 67  ? 6.202   2.565   -6.623  1.00 14.82 ? 475  GLN A N   1 
ATOM   545  C CA  . GLN A 1 67  ? 5.802   2.900   -5.256  1.00 15.00 ? 475  GLN A CA  1 
ATOM   546  C C   . GLN A 1 67  ? 4.386   2.360   -5.123  1.00 14.97 ? 475  GLN A C   1 
ATOM   547  O O   . GLN A 1 67  ? 3.518   2.793   -5.845  1.00 15.68 ? 475  GLN A O   1 
ATOM   548  C CB  . GLN A 1 67  ? 5.856   4.418   -4.990  1.00 14.78 ? 475  GLN A CB  1 
ATOM   549  C CG  . GLN A 1 67  ? 5.435   4.774   -3.578  1.00 17.56 ? 475  GLN A CG  1 
ATOM   550  C CD  . GLN A 1 67  ? 6.497   4.505   -2.501  1.00 18.82 ? 475  GLN A CD  1 
ATOM   551  O OE1 . GLN A 1 67  ? 7.509   3.858   -2.738  1.00 20.21 ? 475  GLN A OE1 1 
ATOM   552  N NE2 . GLN A 1 67  ? 6.253   5.034   -1.302  1.00 15.06 ? 475  GLN A NE2 1 
ATOM   553  N N   . LEU A 1 68  ? 4.177   1.395   -4.230  1.00 15.09 ? 476  LEU A N   1 
ATOM   554  C CA  . LEU A 1 68  ? 2.873   0.794   -3.995  1.00 15.54 ? 476  LEU A CA  1 
ATOM   555  C C   . LEU A 1 68  ? 2.219   1.436   -2.778  1.00 15.44 ? 476  LEU A C   1 
ATOM   556  O O   . LEU A 1 68  ? 2.870   1.657   -1.788  1.00 15.37 ? 476  LEU A O   1 
ATOM   557  C CB  . LEU A 1 68  ? 3.020   -0.726  -3.742  1.00 15.81 ? 476  LEU A CB  1 
ATOM   558  C CG  . LEU A 1 68  ? 1.745   -1.576  -3.619  1.00 15.98 ? 476  LEU A CG  1 
ATOM   559  C CD1 . LEU A 1 68  ? 0.997   -1.582  -4.984  1.00 17.18 ? 476  LEU A CD1 1 
ATOM   560  C CD2 . LEU A 1 68  ? 2.069   -3.009  -3.189  1.00 14.99 ? 476  LEU A CD2 1 
ATOM   561  N N   . LEU A 1 69  ? 0.933   1.737   -2.869  1.00 14.64 ? 477  LEU A N   1 
ATOM   562  C CA  . LEU A 1 69  ? 0.246   2.427   -1.782  1.00 14.33 ? 477  LEU A CA  1 
ATOM   563  C C   . LEU A 1 69  ? -1.062  1.758   -1.525  1.00 14.75 ? 477  LEU A C   1 
ATOM   564  O O   . LEU A 1 69  ? -1.918  1.687   -2.400  1.00 14.49 ? 477  LEU A O   1 
ATOM   565  C CB  . LEU A 1 69  ? -0.005  3.878   -2.172  1.00 14.60 ? 477  LEU A CB  1 
ATOM   566  C CG  . LEU A 1 69  ? 1.275   4.637   -2.547  1.00 14.35 ? 477  LEU A CG  1 
ATOM   567  C CD1 . LEU A 1 69  ? 1.333   5.039   -3.988  1.00 18.08 ? 477  LEU A CD1 1 
ATOM   568  C CD2 . LEU A 1 69  ? 1.349   5.908   -1.690  1.00 16.23 ? 477  LEU A CD2 1 
ATOM   569  N N   . LEU A 1 70  ? -1.176  1.171   -0.348  1.00 15.44 ? 478  LEU A N   1 
ATOM   570  C CA  . LEU A 1 70  ? -2.414  0.642   0.156   1.00 14.56 ? 478  LEU A CA  1 
ATOM   571  C C   . LEU A 1 70  ? -3.108  1.761   0.921   1.00 15.14 ? 478  LEU A C   1 
ATOM   572  O O   . LEU A 1 70  ? -2.520  2.297   1.854   1.00 16.60 ? 478  LEU A O   1 
ATOM   573  C CB  . LEU A 1 70  ? -2.099  -0.497  1.128   1.00 14.72 ? 478  LEU A CB  1 
ATOM   574  C CG  . LEU A 1 70  ? -3.262  -1.100  1.900   1.00 15.77 ? 478  LEU A CG  1 
ATOM   575  C CD1 . LEU A 1 70  ? -4.314  -1.675  0.991   1.00 17.76 ? 478  LEU A CD1 1 
ATOM   576  C CD2 . LEU A 1 70  ? -2.743  -2.162  2.840   1.00 17.74 ? 478  LEU A CD2 1 
ATOM   577  N N   . THR A 1 71  ? -4.358  2.054   0.587   1.00 15.11 ? 479  THR A N   1 
ATOM   578  C CA  . THR A 1 71  ? -5.077  3.186   1.156   1.00 15.63 ? 479  THR A CA  1 
ATOM   579  C C   . THR A 1 71  ? -6.510  2.828   1.557   1.00 16.51 ? 479  THR A C   1 
ATOM   580  O O   . THR A 1 71  ? -7.035  1.773   1.232   1.00 17.39 ? 479  THR A O   1 
ATOM   581  C CB  . THR A 1 71  ? -5.131  4.375   0.135   1.00 16.07 ? 479  THR A CB  1 
ATOM   582  O OG1 . THR A 1 71  ? -6.094  4.112   -0.905  1.00 15.51 ? 479  THR A OG1 1 
ATOM   583  C CG2 . THR A 1 71  ? -3.766  4.567   -0.592  1.00 15.44 ? 479  THR A CG2 1 
ATOM   584  N N   . GLU A 1 72  ? -7.084  3.709   2.357   1.00 16.77 ? 480  GLU A N   1 
ATOM   585  C CA  . GLU A 1 72  ? -8.510  3.860   2.537   1.00 17.09 ? 480  GLU A CA  1 
ATOM   586  C C   . GLU A 1 72  ? -9.205  3.688   1.183   1.00 16.93 ? 480  GLU A C   1 
ATOM   587  O O   . GLU A 1 72  ? -8.717  4.144   0.145   1.00 16.89 ? 480  GLU A O   1 
ATOM   588  C CB  . GLU A 1 72  ? -8.763  5.258   3.129   1.00 17.03 ? 480  GLU A CB  1 
ATOM   589  C CG  . GLU A 1 72  ? -10.225 5.750   3.109   1.00 16.36 ? 480  GLU A CG  1 
ATOM   590  C CD  . GLU A 1 72  ? -10.371 7.205   3.488   1.00 18.27 ? 480  GLU A CD  1 
ATOM   591  O OE1 . GLU A 1 72  ? -9.343  7.941   3.577   1.00 18.49 ? 480  GLU A OE1 1 
ATOM   592  O OE2 . GLU A 1 72  ? -11.533 7.623   3.696   1.00 19.03 ? 480  GLU A OE2 1 
ATOM   593  N N   . GLY A 1 73  ? -10.381 3.067   1.211   1.00 18.15 ? 481  GLY A N   1 
ATOM   594  C CA  . GLY A 1 73  ? -11.127 2.738   0.006   1.00 18.81 ? 481  GLY A CA  1 
ATOM   595  C C   . GLY A 1 73  ? -11.824 1.382   0.143   1.00 19.71 ? 481  GLY A C   1 
ATOM   596  O O   . GLY A 1 73  ? -13.061 1.312   0.256   1.00 18.28 ? 481  GLY A O   1 
ATOM   597  N N   . PRO A 1 74  ? -11.056 0.296   0.174   1.00 18.25 ? 482  PRO A N   1 
ATOM   598  C CA  . PRO A 1 74  ? -9.592  0.325   -0.008  1.00 17.71 ? 482  PRO A CA  1 
ATOM   599  C C   . PRO A 1 74  ? -9.137  0.497   -1.473  1.00 17.09 ? 482  PRO A C   1 
ATOM   600  O O   . PRO A 1 74  ? -9.921  0.216   -2.412  1.00 16.57 ? 482  PRO A O   1 
ATOM   601  C CB  . PRO A 1 74  ? -9.178  -1.040  0.510   1.00 17.81 ? 482  PRO A CB  1 
ATOM   602  C CG  . PRO A 1 74  ? -10.349 -1.499  1.360   1.00 19.05 ? 482  PRO A CG  1 
ATOM   603  C CD  . PRO A 1 74  ? -11.537 -1.072  0.493   1.00 17.57 ? 482  PRO A CD  1 
ATOM   604  N N   . HIS A 1 75  ? -7.871  0.881   -1.657  1.00 16.26 ? 483  HIS A N   1 
ATOM   605  C CA  . HIS A 1 75  ? -7.232  0.938   -2.957  1.00 16.44 ? 483  HIS A CA  1 
ATOM   606  C C   . HIS A 1 75  ? -5.828  0.397   -2.795  1.00 16.09 ? 483  HIS A C   1 
ATOM   607  O O   . HIS A 1 75  ? -5.249  0.458   -1.717  1.00 15.47 ? 483  HIS A O   1 
ATOM   608  C CB  . HIS A 1 75  ? -7.113  2.365   -3.542  1.00 16.61 ? 483  HIS A CB  1 
ATOM   609  C CG  . HIS A 1 75  ? -8.427  2.987   -3.848  1.00 18.12 ? 483  HIS A CG  1 
ATOM   610  N ND1 . HIS A 1 75  ? -9.106  2.741   -5.028  1.00 18.21 ? 483  HIS A ND1 1 
ATOM   611  C CD2 . HIS A 1 75  ? -9.203  3.825   -3.123  1.00 19.79 ? 483  HIS A CD2 1 
ATOM   612  C CE1 . HIS A 1 75  ? -10.266 3.385   -4.993  1.00 23.77 ? 483  HIS A CE1 1 
ATOM   613  N NE2 . HIS A 1 75  ? -10.341 4.060   -3.854  1.00 20.56 ? 483  HIS A NE2 1 
ATOM   614  N N   . LEU A 1 76  ? -5.332  -0.182  -3.869  1.00 17.32 ? 484  LEU A N   1 
ATOM   615  C CA  . LEU A 1 76  ? -3.909  -0.415  -4.074  1.00 17.55 ? 484  LEU A CA  1 
ATOM   616  C C   . LEU A 1 76  ? -3.447  0.327   -5.334  1.00 17.79 ? 484  LEU A C   1 
ATOM   617  O O   . LEU A 1 76  ? -3.558  -0.188  -6.460  1.00 18.65 ? 484  LEU A O   1 
ATOM   618  C CB  . LEU A 1 76  ? -3.650  -1.903  -4.248  1.00 18.43 ? 484  LEU A CB  1 
ATOM   619  C CG  . LEU A 1 76  ? -3.462  -2.669  -2.967  1.00 19.31 ? 484  LEU A CG  1 
ATOM   620  C CD1 . LEU A 1 76  ? -3.629  -4.180  -3.271  1.00 21.09 ? 484  LEU A CD1 1 
ATOM   621  C CD2 . LEU A 1 76  ? -2.141  -2.366  -2.319  1.00 20.48 ? 484  LEU A CD2 1 
ATOM   622  N N   . TYR A 1 77  ? -2.893  1.526   -5.162  1.00 17.08 ? 485  TYR A N   1 
ATOM   623  C CA  . TYR A 1 77  ? -2.337  2.271   -6.286  1.00 15.70 ? 485  TYR A CA  1 
ATOM   624  C C   . TYR A 1 77  ? -0.864  1.931   -6.488  1.00 16.18 ? 485  TYR A C   1 
ATOM   625  O O   . TYR A 1 77  ? -0.137  1.765   -5.526  1.00 16.04 ? 485  TYR A O   1 
ATOM   626  C CB  . TYR A 1 77  ? -2.403  3.769   -6.053  1.00 16.34 ? 485  TYR A CB  1 
ATOM   627  C CG  . TYR A 1 77  ? -3.765  4.361   -5.716  1.00 16.21 ? 485  TYR A CG  1 
ATOM   628  C CD1 . TYR A 1 77  ? -4.636  4.778   -6.733  1.00 20.33 ? 485  TYR A CD1 1 
ATOM   629  C CD2 . TYR A 1 77  ? -4.134  4.584   -4.402  1.00 16.88 ? 485  TYR A CD2 1 
ATOM   630  C CE1 . TYR A 1 77  ? -5.866  5.360   -6.439  1.00 16.11 ? 485  TYR A CE1 1 
ATOM   631  C CE2 . TYR A 1 77  ? -5.358  5.144   -4.090  1.00 18.44 ? 485  TYR A CE2 1 
ATOM   632  C CZ  . TYR A 1 77  ? -6.234  5.522   -5.111  1.00 18.90 ? 485  TYR A CZ  1 
ATOM   633  O OH  . TYR A 1 77  ? -7.455  6.092   -4.807  1.00 20.25 ? 485  TYR A OH  1 
ATOM   634  N N   . TYR A 1 78  ? -0.414  1.905   -7.738  1.00 16.11 ? 486  TYR A N   1 
ATOM   635  C CA  . TYR A 1 78  ? 1.042   1.812   -8.016  1.00 15.65 ? 486  TYR A CA  1 
ATOM   636  C C   . TYR A 1 78  ? 1.487   2.975   -8.914  1.00 16.31 ? 486  TYR A C   1 
ATOM   637  O O   . TYR A 1 78  ? 0.883   3.262   -9.964  1.00 16.02 ? 486  TYR A O   1 
ATOM   638  C CB  . TYR A 1 78  ? 1.454   0.458   -8.574  1.00 15.76 ? 486  TYR A CB  1 
ATOM   639  C CG  . TYR A 1 78  ? 0.677   -0.070  -9.750  1.00 16.03 ? 486  TYR A CG  1 
ATOM   640  C CD1 . TYR A 1 78  ? 1.118   0.131   -11.052 1.00 19.77 ? 486  TYR A CD1 1 
ATOM   641  C CD2 . TYR A 1 78  ? -0.459  -0.844  -9.557  1.00 17.78 ? 486  TYR A CD2 1 
ATOM   642  C CE1 . TYR A 1 78  ? 0.432   -0.384  -12.126 1.00 18.09 ? 486  TYR A CE1 1 
ATOM   643  C CE2 . TYR A 1 78  ? -1.162  -1.385  -10.657 1.00 18.43 ? 486  TYR A CE2 1 
ATOM   644  C CZ  . TYR A 1 78  ? -0.686  -1.159  -11.931 1.00 19.04 ? 486  TYR A CZ  1 
ATOM   645  O OH  . TYR A 1 78  ? -1.321  -1.689  -13.031 1.00 17.66 ? 486  TYR A OH  1 
ATOM   646  N N   . VAL A 1 79  ? 2.601   3.597   -8.507  1.00 16.32 ? 487  VAL A N   1 
ATOM   647  C CA  . VAL A 1 79  ? 3.100   4.822   -9.100  1.00 16.39 ? 487  VAL A CA  1 
ATOM   648  C C   . VAL A 1 79  ? 4.527   4.607   -9.591  1.00 17.12 ? 487  VAL A C   1 
ATOM   649  O O   . VAL A 1 79  ? 5.304   3.926   -8.945  1.00 16.46 ? 487  VAL A O   1 
ATOM   650  C CB  . VAL A 1 79  ? 3.061   5.981   -8.067  1.00 16.59 ? 487  VAL A CB  1 
ATOM   651  C CG1 . VAL A 1 79  ? 3.647   7.293   -8.636  1.00 17.38 ? 487  VAL A CG1 1 
ATOM   652  C CG2 . VAL A 1 79  ? 1.616   6.247   -7.627  1.00 18.24 ? 487  VAL A CG2 1 
ATOM   653  N N   . ASP A 1 80  ? 4.843   5.181   -10.753 1.00 17.53 ? 488  ASP A N   1 
ATOM   654  C CA  . ASP A 1 80  ? 6.220   5.285   -11.242 1.00 17.93 ? 488  ASP A CA  1 
ATOM   655  C C   . ASP A 1 80  ? 6.998   6.228   -10.332 1.00 18.14 ? 488  ASP A C   1 
ATOM   656  O O   . ASP A 1 80  ? 6.784   7.453   -10.372 1.00 18.13 ? 488  ASP A O   1 
ATOM   657  C CB  . ASP A 1 80  ? 6.181   5.859   -12.647 1.00 18.55 ? 488  ASP A CB  1 
ATOM   658  C CG  . ASP A 1 80  ? 7.536   6.080   -13.276 1.00 21.63 ? 488  ASP A CG  1 
ATOM   659  O OD1 . ASP A 1 80  ? 8.605   6.049   -12.610 1.00 19.16 ? 488  ASP A OD1 1 
ATOM   660  O OD2 . ASP A 1 80  ? 7.595   6.279   -14.525 1.00 24.76 ? 488  ASP A OD2 1 
ATOM   661  N N   . PRO A 1 81  ? 7.949   5.691   -9.592  1.00 18.49 ? 489  PRO A N   1 
ATOM   662  C CA  . PRO A 1 81  ? 8.652   6.489   -8.576  1.00 19.50 ? 489  PRO A CA  1 
ATOM   663  C C   . PRO A 1 81  ? 9.802   7.375   -9.106  1.00 19.85 ? 489  PRO A C   1 
ATOM   664  O O   . PRO A 1 81  ? 10.365  8.175   -8.348  1.00 19.07 ? 489  PRO A O   1 
ATOM   665  C CB  . PRO A 1 81  ? 9.159   5.411   -7.614  1.00 19.89 ? 489  PRO A CB  1 
ATOM   666  C CG  . PRO A 1 81  ? 9.492   4.257   -8.512  1.00 20.41 ? 489  PRO A CG  1 
ATOM   667  C CD  . PRO A 1 81  ? 8.439   4.294   -9.598  1.00 18.51 ? 489  PRO A CD  1 
ATOM   668  N N   . VAL A 1 82  ? 10.154  7.209   -10.389 1.00 19.80 ? 490  VAL A N   1 
ATOM   669  C CA  . VAL A 1 82  ? 11.102  8.059   -11.098 1.00 18.93 ? 490  VAL A CA  1 
ATOM   670  C C   . VAL A 1 82  ? 10.383  9.276   -11.734 1.00 20.57 ? 490  VAL A C   1 
ATOM   671  O O   . VAL A 1 82  ? 10.692  10.421  -11.418 1.00 22.28 ? 490  VAL A O   1 
ATOM   672  C CB  . VAL A 1 82  ? 11.840  7.251   -12.218 1.00 18.85 ? 490  VAL A CB  1 
ATOM   673  C CG1 . VAL A 1 82  ? 12.884  8.075   -12.887 1.00 20.06 ? 490  VAL A CG1 1 
ATOM   674  C CG2 . VAL A 1 82  ? 12.476  5.958   -11.662 1.00 18.80 ? 490  VAL A CG2 1 
ATOM   675  N N   . ASN A 1 83  ? 9.443   9.020   -12.640 1.00 20.03 ? 491  ASN A N   1 
ATOM   676  C CA  . ASN A 1 83  ? 8.797   10.100  -13.386 1.00 21.48 ? 491  ASN A CA  1 
ATOM   677  C C   . ASN A 1 83  ? 7.589   10.658  -12.652 1.00 21.78 ? 491  ASN A C   1 
ATOM   678  O O   . ASN A 1 83  ? 7.057   11.663  -13.066 1.00 23.99 ? 491  ASN A O   1 
ATOM   679  C CB  . ASN A 1 83  ? 8.421   9.614   -14.772 1.00 20.58 ? 491  ASN A CB  1 
ATOM   680  C CG  . ASN A 1 83  ? 9.624   9.110   -15.530 1.00 22.78 ? 491  ASN A CG  1 
ATOM   681  O OD1 . ASN A 1 83  ? 10.566  9.889   -15.789 1.00 26.93 ? 491  ASN A OD1 1 
ATOM   682  N ND2 . ASN A 1 83  ? 9.671   7.822   -15.775 1.00 23.72 ? 491  ASN A ND2 1 
ATOM   683  N N   . LYS A 1 84  ? 7.170   9.993   -11.558 1.00 21.59 ? 492  LYS A N   1 
ATOM   684  C CA  . LYS A 1 84  ? 6.198   10.527  -10.640 1.00 21.41 ? 492  LYS A CA  1 
ATOM   685  C C   . LYS A 1 84  ? 4.837   10.632  -11.312 1.00 21.25 ? 492  LYS A C   1 
ATOM   686  O O   . LYS A 1 84  ? 4.219   11.715  -11.377 1.00 20.85 ? 492  LYS A O   1 
ATOM   687  C CB  . LYS A 1 84  ? 6.632   11.853  -10.023 1.00 21.70 ? 492  LYS A CB  1 
ATOM   688  C CG  . LYS A 1 84  ? 8.077   11.860  -9.445  1.00 24.17 ? 492  LYS A CG  1 
ATOM   689  C CD  . LYS A 1 84  ? 8.277   10.753  -8.412  1.00 25.09 ? 492  LYS A CD  1 
ATOM   690  C CE  . LYS A 1 84  ? 9.436   11.055  -7.431  1.00 27.09 ? 492  LYS A CE  1 
ATOM   691  N NZ  . LYS A 1 84  ? 10.690  11.130  -8.145  1.00 24.25 ? 492  LYS A NZ  1 
ATOM   692  N N   . VAL A 1 85  ? 4.372   9.470   -11.754 1.00 20.49 ? 493  VAL A N   1 
ATOM   693  C CA  . VAL A 1 85  ? 3.141   9.309   -12.542 1.00 20.42 ? 493  VAL A CA  1 
ATOM   694  C C   . VAL A 1 85  ? 2.396   8.073   -12.058 1.00 20.14 ? 493  VAL A C   1 
ATOM   695  O O   . VAL A 1 85  ? 3.009   7.007   -11.910 1.00 18.92 ? 493  VAL A O   1 
ATOM   696  C CB  A VAL A 1 85  ? 3.518   9.097   -14.049 0.50 20.12 ? 493  VAL A CB  1 
ATOM   697  C CB  B VAL A 1 85  ? 3.396   9.271   -14.072 0.50 20.56 ? 493  VAL A CB  1 
ATOM   698  C CG1 A VAL A 1 85  ? 2.307   8.723   -14.899 0.50 21.23 ? 493  VAL A CG1 1 
ATOM   699  C CG1 B VAL A 1 85  ? 4.150   8.061   -14.497 0.50 21.14 ? 493  VAL A CG1 1 
ATOM   700  C CG2 A VAL A 1 85  ? 4.207   10.346  -14.631 0.50 19.98 ? 493  VAL A CG2 1 
ATOM   701  C CG2 B VAL A 1 85  ? 2.073   9.387   -14.852 0.50 21.53 ? 493  VAL A CG2 1 
ATOM   702  N N   . LEU A 1 86  ? 1.088   8.205   -11.803 1.00 18.97 ? 494  LEU A N   1 
ATOM   703  C CA  . LEU A 1 86  ? 0.251   7.059   -11.461 1.00 19.96 ? 494  LEU A CA  1 
ATOM   704  C C   . LEU A 1 86  ? 0.216   6.119   -12.655 1.00 18.78 ? 494  LEU A C   1 
ATOM   705  O O   . LEU A 1 86  ? -0.080  6.529   -13.771 1.00 18.99 ? 494  LEU A O   1 
ATOM   706  C CB  . LEU A 1 86  ? -1.188  7.473   -11.106 1.00 19.96 ? 494  LEU A CB  1 
ATOM   707  C CG  . LEU A 1 86  ? -2.125  6.305   -10.761 1.00 22.28 ? 494  LEU A CG  1 
ATOM   708  C CD1 . LEU A 1 86  ? -1.784  5.625   -9.426  1.00 24.17 ? 494  LEU A CD1 1 
ATOM   709  C CD2 . LEU A 1 86  ? -3.543  6.805   -10.755 1.00 25.75 ? 494  LEU A CD2 1 
ATOM   710  N N   . LYS A 1 87  ? 0.531   4.863   -12.414 1.00 18.98 ? 495  LYS A N   1 
ATOM   711  C CA  . LYS A 1 87  ? 0.563   3.866   -13.488 1.00 19.02 ? 495  LYS A CA  1 
ATOM   712  C C   . LYS A 1 87  ? -0.683  2.985   -13.517 1.00 19.37 ? 495  LYS A C   1 
ATOM   713  O O   . LYS A 1 87  ? -1.083  2.457   -14.566 1.00 18.88 ? 495  LYS A O   1 
ATOM   714  C CB  . LYS A 1 87  ? 1.849   3.033   -13.385 1.00 19.16 ? 495  LYS A CB  1 
ATOM   715  C CG  . LYS A 1 87  ? 3.118   3.770   -13.883 1.00 21.39 ? 495  LYS A CG  1 
ATOM   716  C CD  . LYS A 1 87  ? 2.941   4.266   -15.299 1.00 26.11 ? 495  LYS A CD  1 
ATOM   717  C CE  . LYS A 1 87  ? 4.238   4.362   -16.103 1.00 30.20 ? 495  LYS A CE  1 
ATOM   718  N NZ  . LYS A 1 87  ? 4.039   5.301   -17.278 1.00 27.59 ? 495  LYS A NZ  1 
ATOM   719  N N   . GLY A 1 88  ? -1.315  2.812   -12.369 1.00 18.70 ? 496  GLY A N   1 
ATOM   720  C CA  . GLY A 1 88  ? -2.497  1.992   -12.276 1.00 19.22 ? 496  GLY A CA  1 
ATOM   721  C C   . GLY A 1 88  ? -2.905  1.639   -10.870 1.00 18.88 ? 496  GLY A C   1 
ATOM   722  O O   . GLY A 1 88  ? -2.357  2.162   -9.902  1.00 18.55 ? 496  GLY A O   1 
ATOM   723  N N   . GLU A 1 89  ? -3.900  0.750   -10.767 1.00 19.92 ? 497  GLU A N   1 
ATOM   724  C CA  . GLU A 1 89  ? -4.365  0.238   -9.476  1.00 19.44 ? 497  GLU A CA  1 
ATOM   725  C C   . GLU A 1 89  ? -4.587  -1.256  -9.666  1.00 19.54 ? 497  GLU A C   1 
ATOM   726  O O   . GLU A 1 89  ? -5.064  -1.700  -10.730 1.00 19.76 ? 497  GLU A O   1 
ATOM   727  C CB  . GLU A 1 89  ? -5.760  0.801   -9.097  1.00 20.55 ? 497  GLU A CB  1 
ATOM   728  C CG  . GLU A 1 89  ? -5.872  2.196   -8.546  1.00 23.47 ? 497  GLU A CG  1 
ATOM   729  C CD  . GLU A 1 89  ? -7.319  2.518   -8.198  1.00 21.97 ? 497  GLU A CD  1 
ATOM   730  O OE1 . GLU A 1 89  ? -7.929  1.805   -7.379  1.00 22.03 ? 497  GLU A OE1 1 
ATOM   731  O OE2 . GLU A 1 89  ? -7.852  3.441   -8.795  1.00 20.56 ? 497  GLU A OE2 1 
ATOM   732  N N   . ILE A 1 90  ? -4.297  -2.012  -8.613  1.00 19.23 ? 498  ILE A N   1 
ATOM   733  C CA  . ILE A 1 90  ? -4.740  -3.404  -8.496  1.00 18.37 ? 498  ILE A CA  1 
ATOM   734  C C   . ILE A 1 90  ? -6.192  -3.360  -8.028  1.00 19.32 ? 498  ILE A C   1 
ATOM   735  O O   . ILE A 1 90  ? -6.488  -2.805  -6.963  1.00 18.98 ? 498  ILE A O   1 
ATOM   736  C CB  . ILE A 1 90  ? -3.860  -4.175  -7.511  1.00 18.84 ? 498  ILE A CB  1 
ATOM   737  C CG1 . ILE A 1 90  ? -2.396  -4.119  -7.964  1.00 17.67 ? 498  ILE A CG1 1 
ATOM   738  C CG2 . ILE A 1 90  ? -4.401  -5.619  -7.309  1.00 17.43 ? 498  ILE A CG2 1 
ATOM   739  C CD1 . ILE A 1 90  ? -1.399  -4.693  -6.954  1.00 19.39 ? 498  ILE A CD1 1 
ATOM   740  N N   . PRO A 1 91  ? -7.105  -3.904  -8.831  1.00 19.68 ? 499  PRO A N   1 
ATOM   741  C CA  . PRO A 1 91  ? -8.535  -3.754  -8.530  1.00 20.75 ? 499  PRO A CA  1 
ATOM   742  C C   . PRO A 1 91  ? -8.940  -4.478  -7.232  1.00 20.90 ? 499  PRO A C   1 
ATOM   743  O O   . PRO A 1 91  ? -8.599  -5.618  -7.012  1.00 20.35 ? 499  PRO A O   1 
ATOM   744  C CB  . PRO A 1 91  ? -9.222  -4.321  -9.766  1.00 21.34 ? 499  PRO A CB  1 
ATOM   745  C CG  . PRO A 1 91  ? -8.242  -5.196  -10.389 1.00 21.53 ? 499  PRO A CG  1 
ATOM   746  C CD  . PRO A 1 91  ? -6.879  -4.703  -10.051 1.00 20.08 ? 499  PRO A CD  1 
ATOM   747  N N   . TRP A 1 92  ? -9.656  -3.756  -6.382  1.00 21.37 ? 500  TRP A N   1 
ATOM   748  C CA  . TRP A 1 92  ? -10.071 -4.215  -5.094  1.00 22.22 ? 500  TRP A CA  1 
ATOM   749  C C   . TRP A 1 92  ? -11.488 -4.785  -5.166  1.00 22.62 ? 500  TRP A C   1 
ATOM   750  O O   . TRP A 1 92  ? -12.384 -4.167  -5.736  1.00 23.11 ? 500  TRP A O   1 
ATOM   751  C CB  . TRP A 1 92  ? -10.000 -3.048  -4.064  1.00 22.65 ? 500  TRP A CB  1 
ATOM   752  C CG  . TRP A 1 92  ? -10.120 -3.562  -2.729  1.00 24.05 ? 500  TRP A CG  1 
ATOM   753  C CD1 . TRP A 1 92  ? -11.281 -3.890  -2.103  1.00 25.24 ? 500  TRP A CD1 1 
ATOM   754  C CD2 . TRP A 1 92  ? -9.050  -3.942  -1.841  1.00 24.17 ? 500  TRP A CD2 1 
ATOM   755  N NE1 . TRP A 1 92  ? -11.011 -4.424  -0.868  1.00 28.27 ? 500  TRP A NE1 1 
ATOM   756  C CE2 . TRP A 1 92  ? -9.652  -4.489  -0.685  1.00 23.83 ? 500  TRP A CE2 1 
ATOM   757  C CE3 . TRP A 1 92  ? -7.654  -3.817  -1.881  1.00 24.23 ? 500  TRP A CE3 1 
ATOM   758  C CZ2 . TRP A 1 92  ? -8.923  -4.928  0.416   1.00 25.50 ? 500  TRP A CZ2 1 
ATOM   759  C CZ3 . TRP A 1 92  ? -6.904  -4.254  -0.765  1.00 22.98 ? 500  TRP A CZ3 1 
ATOM   760  C CH2 . TRP A 1 92  ? -7.547  -4.822  0.358   1.00 24.25 ? 500  TRP A CH2 1 
ATOM   761  N N   . SER A 1 93  ? -11.645 -5.980  -4.599  1.00 22.89 ? 501  SER A N   1 
ATOM   762  C CA  . SER A 1 93  ? -12.915 -6.657  -4.415  1.00 23.75 ? 501  SER A CA  1 
ATOM   763  C C   . SER A 1 93  ? -12.753 -7.677  -3.307  1.00 24.02 ? 501  SER A C   1 
ATOM   764  O O   . SER A 1 93  ? -11.652 -7.896  -2.806  1.00 22.96 ? 501  SER A O   1 
ATOM   765  C CB  . SER A 1 93  ? -13.338 -7.410  -5.689  1.00 23.77 ? 501  SER A CB  1 
ATOM   766  O OG  . SER A 1 93  ? -12.558 -8.568  -5.851  1.00 24.57 ? 501  SER A OG  1 
ATOM   767  N N   . GLN A 1 94  ? -13.859 -8.318  -2.945  1.00 23.49 ? 502  GLN A N   1 
ATOM   768  C CA  . GLN A 1 94  ? -13.833 -9.369  -1.937  1.00 24.73 ? 502  GLN A CA  1 
ATOM   769  C C   . GLN A 1 94  ? -13.015 -10.574 -2.376  1.00 23.84 ? 502  GLN A C   1 
ATOM   770  O O   . GLN A 1 94  ? -12.511 -11.337 -1.542  1.00 24.06 ? 502  GLN A O   1 
ATOM   771  C CB  . GLN A 1 94  ? -15.270 -9.805  -1.566  1.00 24.95 ? 502  GLN A CB  1 
ATOM   772  C CG  . GLN A 1 94  ? -15.265 -10.810 -0.405  1.00 28.55 ? 502  GLN A CG  1 
ATOM   773  C CD  . GLN A 1 94  ? -16.559 -10.883 0.371   1.00 32.25 ? 502  GLN A CD  1 
ATOM   774  O OE1 . GLN A 1 94  ? -17.476 -10.103 0.135   1.00 33.51 ? 502  GLN A OE1 1 
ATOM   775  N NE2 . GLN A 1 94  ? -16.638 -11.835 1.300   1.00 34.51 ? 502  GLN A NE2 1 
ATOM   776  N N   . GLU A 1 95  ? -12.874 -10.714 -3.691  1.00 24.11 ? 503  GLU A N   1 
ATOM   777  C CA  . GLU A 1 95  ? -12.098 -11.785 -4.330  1.00 24.46 ? 503  GLU A CA  1 
ATOM   778  C C   . GLU A 1 95  ? -10.580 -11.511 -4.374  1.00 23.52 ? 503  GLU A C   1 
ATOM   779  O O   . GLU A 1 95  ? -9.801  -12.379 -4.782  1.00 23.28 ? 503  GLU A O   1 
ATOM   780  C CB  . GLU A 1 95  ? -12.593 -11.997 -5.758  1.00 25.70 ? 503  GLU A CB  1 
ATOM   781  C CG  . GLU A 1 95  ? -13.984 -12.637 -5.856  1.00 30.77 ? 503  GLU A CG  1 
ATOM   782  C CD  . GLU A 1 95  ? -15.135 -11.671 -5.566  1.00 37.11 ? 503  GLU A CD  1 
ATOM   783  O OE1 . GLU A 1 95  ? -15.189 -10.561 -6.173  1.00 41.51 ? 503  GLU A OE1 1 
ATOM   784  O OE2 . GLU A 1 95  ? -15.999 -12.030 -4.721  1.00 42.32 ? 503  GLU A OE2 1 
ATOM   785  N N   . LEU A 1 96  ? -10.162 -10.308 -3.981  1.00 22.28 ? 504  LEU A N   1 
ATOM   786  C CA  . LEU A 1 96  ? -8.727  -9.989  -3.949  1.00 21.17 ? 504  LEU A CA  1 
ATOM   787  C C   . LEU A 1 96  ? -8.112  -10.783 -2.825  1.00 21.62 ? 504  LEU A C   1 
ATOM   788  O O   . LEU A 1 96  ? -8.670  -10.852 -1.701  1.00 22.52 ? 504  LEU A O   1 
ATOM   789  C CB  . LEU A 1 96  ? -8.509  -8.482  -3.785  1.00 21.07 ? 504  LEU A CB  1 
ATOM   790  C CG  . LEU A 1 96  ? -7.041  -8.023  -3.677  1.00 20.61 ? 504  LEU A CG  1 
ATOM   791  C CD1 . LEU A 1 96  ? -6.842  -6.658  -4.267  1.00 19.87 ? 504  LEU A CD1 1 
ATOM   792  C CD2 . LEU A 1 96  ? -6.588  -8.073  -2.243  1.00 24.07 ? 504  LEU A CD2 1 
ATOM   793  N N   . ARG A 1 97  ? -6.948  -11.372 -3.098  1.00 21.44 ? 505  ARG A N   1 
ATOM   794  C CA  . ARG A 1 97  ? -6.298  -12.255 -2.156  1.00 21.10 ? 505  ARG A CA  1 
ATOM   795  C C   . ARG A 1 97  ? -4.787  -12.124 -2.266  1.00 19.84 ? 505  ARG A C   1 
ATOM   796  O O   . ARG A 1 97  ? -4.235  -12.496 -3.314  1.00 19.99 ? 505  ARG A O   1 
ATOM   797  C CB  A ARG A 1 97  ? -6.702  -13.706 -2.422  0.50 20.60 ? 505  ARG A CB  1 
ATOM   798  C CB  B ARG A 1 97  ? -6.732  -13.686 -2.510  0.50 20.94 ? 505  ARG A CB  1 
ATOM   799  C CG  A ARG A 1 97  ? -5.953  -14.716 -1.541  0.50 21.37 ? 505  ARG A CG  1 
ATOM   800  C CG  B ARG A 1 97  ? -6.846  -14.666 -1.358  0.50 23.71 ? 505  ARG A CG  1 
ATOM   801  C CD  A ARG A 1 97  ? -6.406  -16.154 -1.711  0.50 21.59 ? 505  ARG A CD  1 
ATOM   802  C CD  B ARG A 1 97  ? -7.500  -15.971 -1.779  0.50 23.22 ? 505  ARG A CD  1 
ATOM   803  N NE  A ARG A 1 97  ? -5.751  -16.797 -2.868  0.50 22.36 ? 505  ARG A NE  1 
ATOM   804  N NE  B ARG A 1 97  ? -6.584  -16.759 -2.608  0.50 25.90 ? 505  ARG A NE  1 
ATOM   805  C CZ  A ARG A 1 97  ? -4.653  -17.541 -2.825  0.50 21.74 ? 505  ARG A CZ  1 
ATOM   806  C CZ  B ARG A 1 97  ? -6.641  -16.908 -3.934  0.50 25.11 ? 505  ARG A CZ  1 
ATOM   807  N NH1 A ARG A 1 97  ? -4.022  -17.796 -1.679  0.50 22.80 ? 505  ARG A NH1 1 
ATOM   808  N NH1 B ARG A 1 97  ? -7.599  -16.349 -4.661  0.50 23.48 ? 505  ARG A NH1 1 
ATOM   809  N NH2 A ARG A 1 97  ? -4.184  -18.061 -3.956  0.50 25.30 ? 505  ARG A NH2 1 
ATOM   810  N NH2 B ARG A 1 97  ? -5.719  -17.648 -4.537  0.50 26.40 ? 505  ARG A NH2 1 
ATOM   811  N N   . PRO A 1 98  ? -4.099  -11.662 -1.217  1.00 20.79 ? 506  PRO A N   1 
ATOM   812  C CA  . PRO A 1 98  ? -2.620  -11.664 -1.222  1.00 20.18 ? 506  PRO A CA  1 
ATOM   813  C C   . PRO A 1 98  ? -2.122  -13.045 -0.811  1.00 20.58 ? 506  PRO A C   1 
ATOM   814  O O   . PRO A 1 98  ? -2.739  -13.717 0.030   1.00 19.22 ? 506  PRO A O   1 
ATOM   815  C CB  . PRO A 1 98  ? -2.262  -10.645 -0.143  1.00 19.69 ? 506  PRO A CB  1 
ATOM   816  C CG  . PRO A 1 98  ? -3.403  -10.763 0.902   1.00 20.49 ? 506  PRO A CG  1 
ATOM   817  C CD  . PRO A 1 98  ? -4.623  -11.100 0.054   1.00 20.24 ? 506  PRO A CD  1 
ATOM   818  N N   . GLU A 1 99  ? -0.992  -13.440 -1.372  1.00 20.98 ? 507  GLU A N   1 
ATOM   819  C CA  . GLU A 1 99  ? -0.373  -14.709 -1.059  1.00 21.55 ? 507  GLU A CA  1 
ATOM   820  C C   . GLU A 1 99  ? 1.142   -14.561 -1.102  1.00 20.34 ? 507  GLU A C   1 
ATOM   821  O O   . GLU A 1 99  ? 1.685   -14.182 -2.121  1.00 21.23 ? 507  GLU A O   1 
ATOM   822  C CB  . GLU A 1 99  ? -0.835  -15.756 -2.080  1.00 22.74 ? 507  GLU A CB  1 
ATOM   823  C CG  . GLU A 1 99  ? -0.203  -17.100 -1.808  1.00 25.08 ? 507  GLU A CG  1 
ATOM   824  C CD  . GLU A 1 99  ? -0.327  -18.103 -2.940  1.00 29.68 ? 507  GLU A CD  1 
ATOM   825  O OE1 . GLU A 1 99  ? -0.800  -17.771 -4.068  1.00 28.98 ? 507  GLU A OE1 1 
ATOM   826  O OE2 . GLU A 1 99  ? 0.088   -19.242 -2.645  1.00 29.60 ? 507  GLU A OE2 1 
ATOM   827  N N   . ALA A 1 100 ? 1.801   -14.803 0.016   1.00 20.23 ? 508  ALA A N   1 
ATOM   828  C CA  . ALA A 1 100 ? 3.272   -14.831 0.080   1.00 20.25 ? 508  ALA A CA  1 
ATOM   829  C C   . ALA A 1 100 ? 3.818   -16.090 -0.537  1.00 20.49 ? 508  ALA A C   1 
ATOM   830  O O   . ALA A 1 100 ? 3.315   -17.171 -0.291  1.00 19.59 ? 508  ALA A O   1 
ATOM   831  C CB  . ALA A 1 100 ? 3.749   -14.739 1.511   1.00 20.72 ? 508  ALA A CB  1 
ATOM   832  N N   . LYS A 1 101 ? 4.891   -15.944 -1.317  1.00 21.31 ? 509  LYS A N   1 
ATOM   833  C CA  . LYS A 1 101 ? 5.546   -17.060 -1.950  1.00 21.90 ? 509  LYS A CA  1 
ATOM   834  C C   . LYS A 1 101 ? 6.915   -17.318 -1.344  1.00 21.62 ? 509  LYS A C   1 
ATOM   835  O O   . LYS A 1 101 ? 7.367   -18.434 -1.267  1.00 21.73 ? 509  LYS A O   1 
ATOM   836  C CB  . LYS A 1 101 ? 5.650   -16.811 -3.441  1.00 23.35 ? 509  LYS A CB  1 
ATOM   837  C CG  . LYS A 1 101 ? 4.308   -16.571 -4.100  1.00 24.49 ? 509  LYS A CG  1 
ATOM   838  C CD  . LYS A 1 101 ? 3.387   -17.785 -3.978  1.00 31.11 ? 509  LYS A CD  1 
ATOM   839  C CE  . LYS A 1 101 ? 3.459   -18.696 -5.186  1.00 32.56 ? 509  LYS A CE  1 
ATOM   840  N NZ  . LYS A 1 101 ? 2.524   -19.859 -5.022  1.00 35.70 ? 509  LYS A NZ  1 
ATOM   841  N N   . ASN A 1 102 ? 7.584   -16.263 -0.942  1.00 21.56 ? 510  ASN A N   1 
ATOM   842  C CA  . ASN A 1 102 ? 8.776   -16.345 -0.145  1.00 22.14 ? 510  ASN A CA  1 
ATOM   843  C C   . ASN A 1 102 ? 8.972   -15.002 0.540   1.00 22.32 ? 510  ASN A C   1 
ATOM   844  O O   . ASN A 1 102 ? 8.100   -14.154 0.466   1.00 21.00 ? 510  ASN A O   1 
ATOM   845  C CB  . ASN A 1 102 ? 10.001  -16.760 -0.961  1.00 21.99 ? 510  ASN A CB  1 
ATOM   846  C CG  . ASN A 1 102 ? 10.298  -15.849 -2.109  1.00 23.20 ? 510  ASN A CG  1 
ATOM   847  O OD1 . ASN A 1 102 ? 10.420  -14.632 -1.956  1.00 21.65 ? 510  ASN A OD1 1 
ATOM   848  N ND2 . ASN A 1 102 ? 10.516  -16.455 -3.276  1.00 25.61 ? 510  ASN A ND2 1 
ATOM   849  N N   . PHE A 1 103 ? 10.096  -14.792 1.217   1.00 23.28 ? 511  PHE A N   1 
ATOM   850  C CA  . PHE A 1 103 ? 10.237  -13.542 1.987   1.00 23.59 ? 511  PHE A CA  1 
ATOM   851  C C   . PHE A 1 103 ? 10.245  -12.253 1.132   1.00 23.52 ? 511  PHE A C   1 
ATOM   852  O O   . PHE A 1 103 ? 10.031  -11.166 1.659   1.00 22.49 ? 511  PHE A O   1 
ATOM   853  C CB  . PHE A 1 103 ? 11.442  -13.600 2.944   1.00 24.68 ? 511  PHE A CB  1 
ATOM   854  C CG  . PHE A 1 103 ? 12.773  -13.373 2.288   1.00 26.49 ? 511  PHE A CG  1 
ATOM   855  C CD1 . PHE A 1 103 ? 13.256  -14.246 1.326   1.00 30.38 ? 511  PHE A CD1 1 
ATOM   856  C CD2 . PHE A 1 103 ? 13.575  -12.320 2.678   1.00 27.82 ? 511  PHE A CD2 1 
ATOM   857  C CE1 . PHE A 1 103 ? 14.502  -14.038 0.751   1.00 34.16 ? 511  PHE A CE1 1 
ATOM   858  C CE2 . PHE A 1 103 ? 14.799  -12.124 2.120   1.00 30.92 ? 511  PHE A CE2 1 
ATOM   859  C CZ  . PHE A 1 103 ? 15.270  -12.967 1.155   1.00 32.23 ? 511  PHE A CZ  1 
ATOM   860  N N   . LYS A 1 104 ? 10.508  -12.399 -0.165  1.00 23.95 ? 512  LYS A N   1 
ATOM   861  C CA  . LYS A 1 104 ? 10.596  -11.280 -1.095  1.00 24.85 ? 512  LYS A CA  1 
ATOM   862  C C   . LYS A 1 104 ? 9.444   -11.204 -2.080  1.00 24.54 ? 512  LYS A C   1 
ATOM   863  O O   . LYS A 1 104 ? 9.128   -10.124 -2.550  1.00 28.08 ? 512  LYS A O   1 
ATOM   864  C CB  . LYS A 1 104 ? 11.897  -11.358 -1.883  1.00 25.69 ? 512  LYS A CB  1 
ATOM   865  C CG  . LYS A 1 104 ? 13.097  -11.012 -1.058  1.00 30.12 ? 512  LYS A CG  1 
ATOM   866  C CD  . LYS A 1 104 ? 14.398  -11.133 -1.864  1.00 34.09 ? 512  LYS A CD  1 
ATOM   867  C CE  . LYS A 1 104 ? 15.232  -9.868  -1.786  1.00 37.70 ? 512  LYS A CE  1 
ATOM   868  N NZ  . LYS A 1 104 ? 16.367  -10.025 -0.845  1.00 40.43 ? 512  LYS A NZ  1 
ATOM   869  N N   . THR A 1 105 ? 8.805   -12.320 -2.387  1.00 23.46 ? 513  THR A N   1 
ATOM   870  C CA  . THR A 1 105 ? 7.826   -12.388 -3.458  1.00 21.86 ? 513  THR A CA  1 
ATOM   871  C C   . THR A 1 105 ? 6.439   -12.621 -2.889  1.00 20.80 ? 513  THR A C   1 
ATOM   872  O O   . THR A 1 105 ? 6.251   -13.469 -2.046  1.00 20.67 ? 513  THR A O   1 
ATOM   873  C CB  . THR A 1 105 ? 8.163   -13.549 -4.378  1.00 22.81 ? 513  THR A CB  1 
ATOM   874  O OG1 . THR A 1 105 ? 9.418   -13.315 -5.002  1.00 22.72 ? 513  THR A OG1 1 
ATOM   875  C CG2 . THR A 1 105 ? 7.141   -13.655 -5.533  1.00 22.97 ? 513  THR A CG2 1 
ATOM   876  N N   . PHE A 1 106 ? 5.478   -11.843 -3.344  1.00 19.48 ? 514  PHE A N   1 
ATOM   877  C CA  . PHE A 1 106 ? 4.105   -12.054 -3.026  1.00 18.89 ? 514  PHE A CA  1 
ATOM   878  C C   . PHE A 1 106 ? 3.256   -11.811 -4.245  1.00 18.97 ? 514  PHE A C   1 
ATOM   879  O O   . PHE A 1 106 ? 3.597   -10.989 -5.106  1.00 19.58 ? 514  PHE A O   1 
ATOM   880  C CB  . PHE A 1 106 ? 3.665   -11.221 -1.811  1.00 18.31 ? 514  PHE A CB  1 
ATOM   881  C CG  . PHE A 1 106 ? 3.640   -9.723  -2.026  1.00 18.81 ? 514  PHE A CG  1 
ATOM   882  C CD1 . PHE A 1 106 ? 4.807   -8.977  -2.085  1.00 19.88 ? 514  PHE A CD1 1 
ATOM   883  C CD2 . PHE A 1 106 ? 2.425   -9.050  -2.055  1.00 17.89 ? 514  PHE A CD2 1 
ATOM   884  C CE1 . PHE A 1 106 ? 4.742   -7.579  -2.219  1.00 17.93 ? 514  PHE A CE1 1 
ATOM   885  C CE2 . PHE A 1 106 ? 2.377   -7.660  -2.207  1.00 18.85 ? 514  PHE A CE2 1 
ATOM   886  C CZ  . PHE A 1 106 ? 3.530   -6.944  -2.299  1.00 16.40 ? 514  PHE A CZ  1 
ATOM   887  N N   . PHE A 1 107 ? 2.152   -12.533 -4.328  1.00 19.45 ? 515  PHE A N   1 
ATOM   888  C CA  . PHE A 1 107 ? 1.163   -12.349 -5.399  1.00 19.36 ? 515  PHE A CA  1 
ATOM   889  C C   . PHE A 1 107 ? -0.077  -11.630 -4.845  1.00 18.67 ? 515  PHE A C   1 
ATOM   890  O O   . PHE A 1 107 ? -0.408  -11.797 -3.702  1.00 18.47 ? 515  PHE A O   1 
ATOM   891  C CB  . PHE A 1 107 ? 0.729   -13.685 -5.981  1.00 20.11 ? 515  PHE A CB  1 
ATOM   892  C CG  . PHE A 1 107 ? 1.821   -14.447 -6.716  1.00 23.04 ? 515  PHE A CG  1 
ATOM   893  C CD1 . PHE A 1 107 ? 3.131   -14.002 -6.791  1.00 25.26 ? 515  PHE A CD1 1 
ATOM   894  C CD2 . PHE A 1 107 ? 1.507   -15.643 -7.345  1.00 27.16 ? 515  PHE A CD2 1 
ATOM   895  C CE1 . PHE A 1 107 ? 4.101   -14.738 -7.483  1.00 27.67 ? 515  PHE A CE1 1 
ATOM   896  C CE2 . PHE A 1 107 ? 2.477   -16.366 -8.038  1.00 29.39 ? 515  PHE A CE2 1 
ATOM   897  C CZ  . PHE A 1 107 ? 3.770   -15.902 -8.107  1.00 29.22 ? 515  PHE A CZ  1 
ATOM   898  N N   . VAL A 1 108 ? -0.699  -10.806 -5.661  1.00 17.26 ? 516  VAL A N   1 
ATOM   899  C CA  . VAL A 1 108 ? -2.044  -10.329 -5.394  1.00 17.48 ? 516  VAL A CA  1 
ATOM   900  C C   . VAL A 1 108 ? -2.975  -10.839 -6.479  1.00 18.14 ? 516  VAL A C   1 
ATOM   901  O O   . VAL A 1 108 ? -2.946  -10.384 -7.610  1.00 18.24 ? 516  VAL A O   1 
ATOM   902  C CB  . VAL A 1 108 ? -2.113  -8.787  -5.263  1.00 17.33 ? 516  VAL A CB  1 
ATOM   903  C CG1 . VAL A 1 108 ? -3.524  -8.373  -4.823  1.00 17.60 ? 516  VAL A CG1 1 
ATOM   904  C CG2 . VAL A 1 108 ? -1.073  -8.299  -4.209  1.00 17.60 ? 516  VAL A CG2 1 
ATOM   905  N N   . HIS A 1 109 ? -3.778  -11.819 -6.093  1.00 19.10 ? 517  HIS A N   1 
ATOM   906  C CA  . HIS A 1 109 ? -4.799  -12.422 -6.974  1.00 20.60 ? 517  HIS A CA  1 
ATOM   907  C C   . HIS A 1 109 ? -6.031  -11.551 -7.082  1.00 20.68 ? 517  HIS A C   1 
ATOM   908  O O   . HIS A 1 109 ? -6.633  -11.197 -6.052  1.00 20.73 ? 517  HIS A O   1 
ATOM   909  C CB  . HIS A 1 109 ? -5.208  -13.810 -6.467  1.00 20.82 ? 517  HIS A CB  1 
ATOM   910  C CG  . HIS A 1 109 ? -4.054  -14.736 -6.261  1.00 22.61 ? 517  HIS A CG  1 
ATOM   911  N ND1 . HIS A 1 109 ? -3.278  -15.195 -7.303  1.00 27.19 ? 517  HIS A ND1 1 
ATOM   912  C CD2 . HIS A 1 109 ? -3.511  -15.252 -5.131  1.00 25.49 ? 517  HIS A CD2 1 
ATOM   913  C CE1 . HIS A 1 109 ? -2.315  -15.967 -6.826  1.00 25.55 ? 517  HIS A CE1 1 
ATOM   914  N NE2 . HIS A 1 109 ? -2.433  -16.016 -5.511  1.00 26.37 ? 517  HIS A NE2 1 
ATOM   915  N N   . THR A 1 110 ? -6.400  -11.205 -8.318  1.00 21.04 ? 518  THR A N   1 
ATOM   916  C CA  . THR A 1 110 ? -7.710  -10.626 -8.648  1.00 22.48 ? 518  THR A CA  1 
ATOM   917  C C   . THR A 1 110 ? -8.350  -11.414 -9.797  1.00 24.16 ? 518  THR A C   1 
ATOM   918  O O   . THR A 1 110 ? -7.656  -12.161 -10.507 1.00 23.38 ? 518  THR A O   1 
ATOM   919  C CB  . THR A 1 110 ? -7.614  -9.129  -9.006  1.00 22.81 ? 518  THR A CB  1 
ATOM   920  O OG1 . THR A 1 110 ? -6.958  -8.947  -10.273 1.00 22.29 ? 518  THR A OG1 1 
ATOM   921  C CG2 . THR A 1 110 ? -6.732  -8.425  -7.992  1.00 23.40 ? 518  THR A CG2 1 
ATOM   922  N N   . PRO A 1 111 ? -9.668  -11.301 -9.956  1.00 25.20 ? 519  PRO A N   1 
ATOM   923  C CA  . PRO A 1 111 ? -10.380 -12.170 -10.905 1.00 26.63 ? 519  PRO A CA  1 
ATOM   924  C C   . PRO A 1 111 ? -9.728  -12.295 -12.275 1.00 28.31 ? 519  PRO A C   1 
ATOM   925  O O   . PRO A 1 111 ? -9.628  -13.424 -12.780 1.00 28.76 ? 519  PRO A O   1 
ATOM   926  C CB  . PRO A 1 111 ? -11.740 -11.508 -11.013 1.00 26.48 ? 519  PRO A CB  1 
ATOM   927  C CG  . PRO A 1 111 ? -11.980 -10.981 -9.632  1.00 26.51 ? 519  PRO A CG  1 
ATOM   928  C CD  . PRO A 1 111 ? -10.597 -10.419 -9.232  1.00 25.76 ? 519  PRO A CD  1 
ATOM   929  N N   . ASN A 1 112 ? -9.297  -11.186 -12.862 1.00 28.91 ? 520  ASN A N   1 
ATOM   930  C CA  . ASN A 1 112 ? -8.785  -11.199 -14.229 1.00 30.53 ? 520  ASN A CA  1 
ATOM   931  C C   . ASN A 1 112 ? -7.247  -11.131 -14.332 1.00 29.88 ? 520  ASN A C   1 
ATOM   932  O O   . ASN A 1 112 ? -6.718  -11.203 -15.424 1.00 31.08 ? 520  ASN A O   1 
ATOM   933  C CB  . ASN A 1 112 ? -9.390  -10.050 -15.052 1.00 31.61 ? 520  ASN A CB  1 
ATOM   934  C CG  . ASN A 1 112 ? -10.942 -10.066 -15.090 1.00 34.65 ? 520  ASN A CG  1 
ATOM   935  O OD1 . ASN A 1 112 ? -11.580 -11.120 -15.208 1.00 34.80 ? 520  ASN A OD1 1 
ATOM   936  N ND2 . ASN A 1 112 ? -11.539 -8.871  -14.980 1.00 38.94 ? 520  ASN A ND2 1 
ATOM   937  N N   . ARG A 1 113 ? -6.542  -10.986 -13.213 1.00 28.42 ? 521  ARG A N   1 
ATOM   938  C CA  . ARG A 1 113 ? -5.095  -10.952 -13.227 1.00 27.07 ? 521  ARG A CA  1 
ATOM   939  C C   . ARG A 1 113 ? -4.485  -11.173 -11.837 1.00 26.04 ? 521  ARG A C   1 
ATOM   940  O O   . ARG A 1 113 ? -4.905  -10.577 -10.867 1.00 25.54 ? 521  ARG A O   1 
ATOM   941  C CB  A ARG A 1 113 ? -4.547  -9.636  -13.781 0.50 26.84 ? 521  ARG A CB  1 
ATOM   942  C CB  B ARG A 1 113 ? -4.677  -9.577  -13.737 0.50 27.14 ? 521  ARG A CB  1 
ATOM   943  C CG  A ARG A 1 113 ? -2.992  -9.606  -13.735 0.50 26.22 ? 521  ARG A CG  1 
ATOM   944  C CG  B ARG A 1 113 ? -3.238  -9.453  -14.153 0.50 28.32 ? 521  ARG A CG  1 
ATOM   945  C CD  A ARG A 1 113 ? -2.338  -8.600  -14.660 0.50 25.84 ? 521  ARG A CD  1 
ATOM   946  C CD  B ARG A 1 113 ? -2.990  -8.161  -14.890 0.50 28.53 ? 521  ARG A CD  1 
ATOM   947  N NE  A ARG A 1 113 ? -2.760  -8.792  -16.039 0.50 23.09 ? 521  ARG A NE  1 
ATOM   948  N NE  B ARG A 1 113 ? -1.589  -7.762  -14.830 0.50 29.43 ? 521  ARG A NE  1 
ATOM   949  C CZ  A ARG A 1 113 ? -2.687  -7.876  -17.003 0.50 24.32 ? 521  ARG A CZ  1 
ATOM   950  C CZ  B ARG A 1 113 ? -1.156  -6.517  -14.890 0.50 27.27 ? 521  ARG A CZ  1 
ATOM   951  N NH1 A ARG A 1 113 ? -2.188  -6.671  -16.766 0.50 24.83 ? 521  ARG A NH1 1 
ATOM   952  N NH1 B ARG A 1 113 ? -2.005  -5.497  -14.991 0.50 28.64 ? 521  ARG A NH1 1 
ATOM   953  N NH2 A ARG A 1 113 ? -3.128  -8.173  -18.215 0.50 19.86 ? 521  ARG A NH2 1 
ATOM   954  N NH2 B ARG A 1 113 ? 0.142   -6.296  -14.833 0.50 26.53 ? 521  ARG A NH2 1 
ATOM   955  N N   . THR A 1 114 ? -3.457  -11.996 -11.797 1.00 25.00 ? 522  THR A N   1 
ATOM   956  C CA  . THR A 1 114 ? -2.610  -12.145 -10.641 1.00 24.72 ? 522  THR A CA  1 
ATOM   957  C C   . THR A 1 114 ? -1.408  -11.215 -10.838 1.00 23.52 ? 522  THR A C   1 
ATOM   958  O O   . THR A 1 114 ? -0.691  -11.331 -11.821 1.00 22.04 ? 522  THR A O   1 
ATOM   959  C CB  . THR A 1 114 ? -2.196  -13.600 -10.481 1.00 25.02 ? 522  THR A CB  1 
ATOM   960  O OG1 . THR A 1 114 ? -3.313  -14.344 -10.014 1.00 27.49 ? 522  THR A OG1 1 
ATOM   961  C CG2 . THR A 1 114 ? -1.133  -13.772 -9.364  1.00 26.44 ? 522  THR A CG2 1 
ATOM   962  N N   . TYR A 1 115 ? -1.202  -10.289 -9.892  1.00 20.65 ? 523  TYR A N   1 
ATOM   963  C CA  . TYR A 1 115 ? -0.046  -9.394  -9.895  1.00 20.31 ? 523  TYR A CA  1 
ATOM   964  C C   . TYR A 1 115 ? 1.107   -10.073 -9.154  1.00 20.36 ? 523  TYR A C   1 
ATOM   965  O O   . TYR A 1 115 ? 0.944   -10.582 -8.046  1.00 19.74 ? 523  TYR A O   1 
ATOM   966  C CB  . TYR A 1 115 ? -0.428  -8.051  -9.211  1.00 19.84 ? 523  TYR A CB  1 
ATOM   967  C CG  . TYR A 1 115 ? -1.438  -7.274  -9.994  1.00 18.92 ? 523  TYR A CG  1 
ATOM   968  C CD1 . TYR A 1 115 ? -2.783  -7.637  -9.980  1.00 20.40 ? 523  TYR A CD1 1 
ATOM   969  C CD2 . TYR A 1 115 ? -1.057  -6.202  -10.793 1.00 19.38 ? 523  TYR A CD2 1 
ATOM   970  C CE1 . TYR A 1 115 ? -3.702  -6.962  -10.747 1.00 22.51 ? 523  TYR A CE1 1 
ATOM   971  C CE2 . TYR A 1 115 ? -1.968  -5.521  -11.563 1.00 23.01 ? 523  TYR A CE2 1 
ATOM   972  C CZ  . TYR A 1 115 ? -3.294  -5.911  -11.540 1.00 21.56 ? 523  TYR A CZ  1 
ATOM   973  O OH  . TYR A 1 115 ? -4.214  -5.201  -12.248 1.00 24.03 ? 523  TYR A OH  1 
ATOM   974  N N   . TYR A 1 116 ? 2.257   -10.155 -9.795  1.00 20.38 ? 524  TYR A N   1 
ATOM   975  C CA  . TYR A 1 116 ? 3.425   -10.820 -9.253  1.00 20.98 ? 524  TYR A CA  1 
ATOM   976  C C   . TYR A 1 116 ? 4.341   -9.720  -8.790  1.00 20.79 ? 524  TYR A C   1 
ATOM   977  O O   . TYR A 1 116 ? 4.893   -8.981  -9.595  1.00 20.01 ? 524  TYR A O   1 
ATOM   978  C CB  . TYR A 1 116 ? 4.166   -11.643 -10.346 1.00 21.25 ? 524  TYR A CB  1 
ATOM   979  C CG  . TYR A 1 116 ? 3.302   -12.537 -11.213 1.00 25.69 ? 524  TYR A CG  1 
ATOM   980  C CD1 . TYR A 1 116 ? 2.605   -13.627 -10.686 1.00 28.73 ? 524  TYR A CD1 1 
ATOM   981  C CD2 . TYR A 1 116 ? 3.230   -12.320 -12.594 1.00 32.25 ? 524  TYR A CD2 1 
ATOM   982  C CE1 . TYR A 1 116 ? 1.827   -14.450 -11.513 1.00 31.58 ? 524  TYR A CE1 1 
ATOM   983  C CE2 . TYR A 1 116 ? 2.468   -13.126 -13.410 1.00 34.66 ? 524  TYR A CE2 1 
ATOM   984  C CZ  . TYR A 1 116 ? 1.760   -14.186 -12.872 1.00 34.22 ? 524  TYR A CZ  1 
ATOM   985  O OH  . TYR A 1 116 ? 1.027   -14.972 -13.751 1.00 36.38 ? 524  TYR A OH  1 
ATOM   986  N N   . LEU A 1 117 ? 4.526   -9.628  -7.470  1.00 21.45 ? 525  LEU A N   1 
ATOM   987  C CA  . LEU A 1 117 ? 5.204   -8.509  -6.858  1.00 20.17 ? 525  LEU A CA  1 
ATOM   988  C C   . LEU A 1 117 ? 6.385   -8.981  -6.053  1.00 20.38 ? 525  LEU A C   1 
ATOM   989  O O   . LEU A 1 117 ? 6.411   -10.098 -5.559  1.00 19.80 ? 525  LEU A O   1 
ATOM   990  C CB  . LEU A 1 117 ? 4.231   -7.736  -5.958  1.00 20.56 ? 525  LEU A CB  1 
ATOM   991  C CG  . LEU A 1 117 ? 2.935   -7.277  -6.642  1.00 16.90 ? 525  LEU A CG  1 
ATOM   992  C CD1 . LEU A 1 117 ? 1.980   -6.646  -5.677  1.00 16.91 ? 525  LEU A CD1 1 
ATOM   993  C CD2 . LEU A 1 117 ? 3.311   -6.245  -7.728  1.00 20.35 ? 525  LEU A CD2 1 
ATOM   994  N N   . MET A 1 118 ? 7.372   -8.111  -5.937  1.00 19.43 ? 526  MET A N   1 
ATOM   995  C CA  . MET A 1 118 ? 8.618   -8.470  -5.269  1.00 21.92 ? 526  MET A CA  1 
ATOM   996  C C   . MET A 1 118 ? 8.987   -7.312  -4.389  1.00 21.42 ? 526  MET A C   1 
ATOM   997  O O   . MET A 1 118 ? 9.003   -6.181  -4.813  1.00 19.86 ? 526  MET A O   1 
ATOM   998  C CB  . MET A 1 118 ? 9.730   -8.790  -6.291  1.00 22.74 ? 526  MET A CB  1 
ATOM   999  C CG  . MET A 1 118 ? 10.910  -9.639  -5.757  1.00 31.44 ? 526  MET A CG  1 
ATOM   1000 S SD  . MET A 1 118 ? 12.288  -8.754  -4.931  1.00 43.42 ? 526  MET A SD  1 
ATOM   1001 C CE  . MET A 1 118 ? 12.680  -7.266  -6.020  1.00 41.00 ? 526  MET A CE  1 
ATOM   1002 N N   . ASP A 1 119 ? 9.205   -7.604  -3.119  1.00 22.51 ? 527  ASP A N   1 
ATOM   1003 C CA  . ASP A 1 119 ? 9.636   -6.601  -2.172  1.00 22.83 ? 527  ASP A CA  1 
ATOM   1004 C C   . ASP A 1 119 ? 11.145  -6.777  -1.990  1.00 23.39 ? 527  ASP A C   1 
ATOM   1005 O O   . ASP A 1 119 ? 11.593  -7.742  -1.376  1.00 21.59 ? 527  ASP A O   1 
ATOM   1006 C CB  . ASP A 1 119 ? 8.890   -6.782  -0.858  1.00 22.86 ? 527  ASP A CB  1 
ATOM   1007 C CG  . ASP A 1 119 ? 9.363   -5.840  0.227   1.00 22.76 ? 527  ASP A CG  1 
ATOM   1008 O OD1 . ASP A 1 119 ? 10.256  -4.957  0.015   1.00 21.36 ? 527  ASP A OD1 1 
ATOM   1009 O OD2 . ASP A 1 119 ? 8.895   -5.928  1.348   1.00 19.76 ? 527  ASP A OD2 1 
ATOM   1010 N N   . PRO A 1 120 ? 11.932  -5.818  -2.479  1.00 23.85 ? 528  PRO A N   1 
ATOM   1011 C CA  . PRO A 1 120 ? 13.376  -5.997  -2.462  1.00 24.82 ? 528  PRO A CA  1 
ATOM   1012 C C   . PRO A 1 120 ? 13.908  -5.894  -1.001  1.00 23.87 ? 528  PRO A C   1 
ATOM   1013 O O   . PRO A 1 120 ? 15.008  -6.365  -0.776  1.00 24.88 ? 528  PRO A O   1 
ATOM   1014 C CB  . PRO A 1 120 ? 13.892  -4.833  -3.355  1.00 25.11 ? 528  PRO A CB  1 
ATOM   1015 C CG  . PRO A 1 120 ? 12.858  -3.740  -3.169  1.00 25.97 ? 528  PRO A CG  1 
ATOM   1016 C CD  . PRO A 1 120 ? 11.535  -4.464  -2.931  1.00 25.15 ? 528  PRO A CD  1 
ATOM   1017 N N   . SER A 1 121 ? 13.148  -5.304  -0.071  1.00 22.77 ? 529  SER A N   1 
ATOM   1018 C CA  . SER A 1 121 ? 13.556  -5.273  1.348   1.00 21.78 ? 529  SER A CA  1 
ATOM   1019 C C   . SER A 1 121 ? 13.451  -6.631  2.096   1.00 21.99 ? 529  SER A C   1 
ATOM   1020 O O   . SER A 1 121 ? 13.981  -6.796  3.201   1.00 22.84 ? 529  SER A O   1 
ATOM   1021 C CB  . SER A 1 121 ? 12.760  -4.208  2.084   1.00 21.05 ? 529  SER A CB  1 
ATOM   1022 O OG  . SER A 1 121 ? 11.465  -4.623  2.482   1.00 18.65 ? 529  SER A OG  1 
ATOM   1023 N N   . GLY A 1 122 ? 12.738  -7.595  1.525   1.00 20.66 ? 530  GLY A N   1 
ATOM   1024 C CA  . GLY A 1 122 ? 12.596  -8.902  2.161   1.00 19.93 ? 530  GLY A CA  1 
ATOM   1025 C C   . GLY A 1 122 ? 11.423  -8.959  3.115   1.00 17.98 ? 530  GLY A C   1 
ATOM   1026 O O   . GLY A 1 122 ? 11.398  -9.788  4.034   1.00 17.53 ? 530  GLY A O   1 
ATOM   1027 N N   . ASN A 1 123 ? 10.430  -8.111  2.867   1.00 17.51 ? 531  ASN A N   1 
ATOM   1028 C CA  . ASN A 1 123 ? 9.277   -7.985  3.730   1.00 17.16 ? 531  ASN A CA  1 
ATOM   1029 C C   . ASN A 1 123 ? 7.965   -8.153  2.990   1.00 16.37 ? 531  ASN A C   1 
ATOM   1030 O O   . ASN A 1 123 ? 6.975   -7.538  3.342   1.00 16.13 ? 531  ASN A O   1 
ATOM   1031 C CB  . ASN A 1 123 ? 9.355   -6.657  4.532   1.00 17.93 ? 531  ASN A CB  1 
ATOM   1032 C CG  . ASN A 1 123 ? 10.484  -6.711  5.562   1.00 19.11 ? 531  ASN A CG  1 
ATOM   1033 O OD1 . ASN A 1 123 ? 10.293  -7.293  6.616   1.00 19.03 ? 531  ASN A OD1 1 
ATOM   1034 N ND2 . ASN A 1 123 ? 11.687  -6.239  5.204   1.00 15.68 ? 531  ASN A ND2 1 
ATOM   1035 N N   . ALA A 1 124 ? 7.912   -9.091  2.051   1.00 17.47 ? 532  ALA A N   1 
ATOM   1036 C CA  . ALA A 1 124 ? 6.658   -9.422  1.392   1.00 17.29 ? 532  ALA A CA  1 
ATOM   1037 C C   . ALA A 1 124 ? 5.543   -9.788  2.325   1.00 18.29 ? 532  ALA A C   1 
ATOM   1038 O O   . ALA A 1 124 ? 4.375   -9.412  2.101   1.00 17.73 ? 532  ALA A O   1 
ATOM   1039 C CB  . ALA A 1 124 ? 6.879   -10.548 0.354   1.00 19.10 ? 532  ALA A CB  1 
ATOM   1040 N N   . HIS A 1 125 ? 5.870   -10.489 3.422   1.00 17.93 ? 533  HIS A N   1 
ATOM   1041 C CA  . HIS A 1 125 ? 4.863   -10.837 4.403   1.00 18.76 ? 533  HIS A CA  1 
ATOM   1042 C C   . HIS A 1 125 ? 4.193   -9.685  5.090   1.00 18.97 ? 533  HIS A C   1 
ATOM   1043 O O   . HIS A 1 125 ? 2.999   -9.774  5.354   1.00 19.86 ? 533  HIS A O   1 
ATOM   1044 C CB  . HIS A 1 125 ? 5.407   -11.842 5.438   1.00 18.49 ? 533  HIS A CB  1 
ATOM   1045 C CG  . HIS A 1 125 ? 5.585   -13.209 4.882   1.00 20.16 ? 533  HIS A CG  1 
ATOM   1046 N ND1 . HIS A 1 125 ? 4.816   -14.269 5.299   1.00 27.85 ? 533  HIS A ND1 1 
ATOM   1047 C CD2 . HIS A 1 125 ? 6.414   -13.696 3.936   1.00 22.09 ? 533  HIS A CD2 1 
ATOM   1048 C CE1 . HIS A 1 125 ? 5.155   -15.351 4.622   1.00 26.92 ? 533  HIS A CE1 1 
ATOM   1049 N NE2 . HIS A 1 125 ? 6.152   -15.045 3.821   1.00 22.56 ? 533  HIS A NE2 1 
ATOM   1050 N N   . LYS A 1 126 ? 4.923   -8.592  5.336   1.00 19.04 ? 534  LYS A N   1 
ATOM   1051 C CA  . LYS A 1 126 ? 4.337   -7.397  5.896   1.00 18.84 ? 534  LYS A CA  1 
ATOM   1052 C C   . LYS A 1 126 ? 3.280   -6.831  4.936   1.00 17.92 ? 534  LYS A C   1 
ATOM   1053 O O   . LYS A 1 126 ? 2.213   -6.374  5.336   1.00 15.68 ? 534  LYS A O   1 
ATOM   1054 C CB  . LYS A 1 126 ? 5.404   -6.347  6.211   1.00 19.59 ? 534  LYS A CB  1 
ATOM   1055 C CG  . LYS A 1 126 ? 6.341   -6.745  7.342   1.00 24.42 ? 534  LYS A CG  1 
ATOM   1056 C CD  . LYS A 1 126 ? 7.303   -5.654  7.725   1.00 27.45 ? 534  LYS A CD  1 
ATOM   1057 C CE  . LYS A 1 126 ? 6.571   -4.435  8.198   1.00 31.17 ? 534  LYS A CE  1 
ATOM   1058 N NZ  . LYS A 1 126 ? 7.092   -4.017  9.504   1.00 31.31 ? 534  LYS A NZ  1 
ATOM   1059 N N   . TRP A 1 127 ? 3.572   -6.891  3.643   1.00 17.25 ? 535  TRP A N   1 
ATOM   1060 C CA  . TRP A 1 127 ? 2.587   -6.464  2.662   1.00 17.07 ? 535  TRP A CA  1 
ATOM   1061 C C   . TRP A 1 127 ? 1.367   -7.337  2.675   1.00 17.64 ? 535  TRP A C   1 
ATOM   1062 O O   . TRP A 1 127 ? 0.249   -6.811  2.640   1.00 17.66 ? 535  TRP A O   1 
ATOM   1063 C CB  . TRP A 1 127 ? 3.190   -6.436  1.251   1.00 17.22 ? 535  TRP A CB  1 
ATOM   1064 C CG  . TRP A 1 127 ? 3.845   -5.152  0.909   1.00 17.94 ? 535  TRP A CG  1 
ATOM   1065 C CD1 . TRP A 1 127 ? 5.209   -4.908  0.851   1.00 14.44 ? 535  TRP A CD1 1 
ATOM   1066 C CD2 . TRP A 1 127 ? 3.204   -3.908  0.596   1.00 15.62 ? 535  TRP A CD2 1 
ATOM   1067 N NE1 . TRP A 1 127 ? 5.425   -3.599  0.527   1.00 14.84 ? 535  TRP A NE1 1 
ATOM   1068 C CE2 . TRP A 1 127 ? 4.218   -2.968  0.343   1.00 15.49 ? 535  TRP A CE2 1 
ATOM   1069 C CE3 . TRP A 1 127 ? 1.868   -3.491  0.505   1.00 16.95 ? 535  TRP A CE3 1 
ATOM   1070 C CZ2 . TRP A 1 127 ? 3.935   -1.640  0.021   1.00 15.05 ? 535  TRP A CZ2 1 
ATOM   1071 C CZ3 . TRP A 1 127 ? 1.591   -2.189  0.151   1.00 18.09 ? 535  TRP A CZ3 1 
ATOM   1072 C CH2 . TRP A 1 127 ? 2.617   -1.284  -0.084  1.00 16.37 ? 535  TRP A CH2 1 
ATOM   1073 N N   . CYS A 1 128 ? 1.550   -8.663  2.680   1.00 18.28 ? 536  CYS A N   1 
ATOM   1074 C CA  . CYS A 1 128 ? 0.406   -9.567  2.717   1.00 19.19 ? 536  CYS A CA  1 
ATOM   1075 C C   . CYS A 1 128 ? -0.413  -9.356  3.954   1.00 19.29 ? 536  CYS A C   1 
ATOM   1076 O O   . CYS A 1 128 ? -1.614  -9.269  3.860   1.00 18.73 ? 536  CYS A O   1 
ATOM   1077 C CB  . CYS A 1 128 ? 0.818   -11.022 2.639   1.00 19.49 ? 536  CYS A CB  1 
ATOM   1078 S SG  . CYS A 1 128 ? 1.659   -11.409 1.086   1.00 21.38 ? 536  CYS A SG  1 
ATOM   1079 N N   . ARG A 1 129 ? 0.240   -9.262  5.105   1.00 19.57 ? 537  ARG A N   1 
ATOM   1080 C CA  . ARG A 1 129 ? -0.479  -9.097  6.371   1.00 20.26 ? 537  ARG A CA  1 
ATOM   1081 C C   . ARG A 1 129 ? -1.314  -7.831  6.372   1.00 18.45 ? 537  ARG A C   1 
ATOM   1082 O O   . ARG A 1 129 ? -2.450  -7.812  6.828   1.00 17.35 ? 537  ARG A O   1 
ATOM   1083 C CB  . ARG A 1 129 ? 0.500   -9.008  7.540   1.00 20.25 ? 537  ARG A CB  1 
ATOM   1084 C CG  A ARG A 1 129 ? 1.061   -10.266 8.195   0.50 24.52 ? 537  ARG A CG  1 
ATOM   1085 C CG  B ARG A 1 129 ? 1.159   -10.358 7.874   0.50 22.36 ? 537  ARG A CG  1 
ATOM   1086 C CD  A ARG A 1 129 ? 1.519   -9.950  9.683   0.50 27.20 ? 537  ARG A CD  1 
ATOM   1087 C CD  B ARG A 1 129 ? 1.905   -10.384 9.210   0.50 23.81 ? 537  ARG A CD  1 
ATOM   1088 N NE  A ARG A 1 129 ? 1.229   -8.547  10.027  0.50 30.33 ? 537  ARG A NE  1 
ATOM   1089 N NE  B ARG A 1 129 ? 3.086   -9.512  9.298   0.50 24.01 ? 537  ARG A NE  1 
ATOM   1090 C CZ  A ARG A 1 129 ? 2.108   -7.528  10.049  0.50 30.82 ? 537  ARG A CZ  1 
ATOM   1091 C CZ  B ARG A 1 129 ? 4.307   -9.824  8.864   0.50 24.30 ? 537  ARG A CZ  1 
ATOM   1092 N NH1 A ARG A 1 129 ? 3.410   -7.707  9.834   0.50 31.15 ? 537  ARG A NH1 1 
ATOM   1093 N NH1 B ARG A 1 129 ? 4.534   -10.967 8.255   0.50 25.84 ? 537  ARG A NH1 1 
ATOM   1094 N NH2 A ARG A 1 129 ? 1.667   -6.307  10.342  0.50 33.27 ? 537  ARG A NH2 1 
ATOM   1095 N NH2 B ARG A 1 129 ? 5.322   -8.989  9.035   0.50 25.47 ? 537  ARG A NH2 1 
ATOM   1096 N N   . LYS A 1 130 ? -0.748  -6.729  5.885   1.00 17.70 ? 538  LYS A N   1 
ATOM   1097 C CA  . LYS A 1 130 ? -1.463  -5.456  5.935   1.00 17.16 ? 538  LYS A CA  1 
ATOM   1098 C C   . LYS A 1 130 ? -2.650  -5.441  4.965   1.00 16.80 ? 538  LYS A C   1 
ATOM   1099 O O   . LYS A 1 130 ? -3.749  -4.959  5.292   1.00 16.64 ? 538  LYS A O   1 
ATOM   1100 C CB  . LYS A 1 130 ? -0.530  -4.276  5.638   1.00 16.87 ? 538  LYS A CB  1 
ATOM   1101 C CG  . LYS A 1 130 ? -0.976  -2.978  6.249   1.00 18.46 ? 538  LYS A CG  1 
ATOM   1102 C CD  . LYS A 1 130 ? -0.693  -2.961  7.739   1.00 25.80 ? 538  LYS A CD  1 
ATOM   1103 C CE  . LYS A 1 130 ? -1.421  -1.906  8.492   1.00 30.67 ? 538  LYS A CE  1 
ATOM   1104 N NZ  . LYS A 1 130 ? -0.754  -1.823  9.856   1.00 33.47 ? 538  LYS A NZ  1 
ATOM   1105 N N   . ILE A 1 131 ? -2.441  -5.969  3.764   1.00 17.91 ? 539  ILE A N   1 
ATOM   1106 C CA  . ILE A 1 131 ? -3.542  -6.126  2.810   1.00 17.82 ? 539  ILE A CA  1 
ATOM   1107 C C   . ILE A 1 131 ? -4.643  -7.000  3.398   1.00 18.92 ? 539  ILE A C   1 
ATOM   1108 O O   . ILE A 1 131 ? -5.811  -6.690  3.281   1.00 18.06 ? 539  ILE A O   1 
ATOM   1109 C CB  . ILE A 1 131 ? -2.995  -6.721  1.486   1.00 18.59 ? 539  ILE A CB  1 
ATOM   1110 C CG1 . ILE A 1 131 ? -2.089  -5.706  0.778   1.00 17.51 ? 539  ILE A CG1 1 
ATOM   1111 C CG2 . ILE A 1 131 ? -4.113  -7.156  0.524   1.00 20.11 ? 539  ILE A CG2 1 
ATOM   1112 C CD1 . ILE A 1 131 ? -1.308  -6.337  -0.302  1.00 17.48 ? 539  ILE A CD1 1 
ATOM   1113 N N   . GLN A 1 132 ? -4.268  -8.110  4.024   1.00 19.87 ? 540  GLN A N   1 
ATOM   1114 C CA  . GLN A 1 132 ? -5.267  -8.971  4.672   1.00 20.69 ? 540  GLN A CA  1 
ATOM   1115 C C   . GLN A 1 132 ? -5.992  -8.303  5.838   1.00 21.04 ? 540  GLN A C   1 
ATOM   1116 O O   . GLN A 1 132 ? -7.200  -8.497  5.996   1.00 20.23 ? 540  GLN A O   1 
ATOM   1117 C CB  . GLN A 1 132 ? -4.644  -10.304 5.103   1.00 22.17 ? 540  GLN A CB  1 
ATOM   1118 C CG  . GLN A 1 132 ? -5.652  -11.490 5.319   1.00 26.80 ? 540  GLN A CG  1 
ATOM   1119 C CD  . GLN A 1 132 ? -6.667  -11.827 4.159   1.00 32.35 ? 540  GLN A CD  1 
ATOM   1120 O OE1 . GLN A 1 132 ? -6.396  -11.642 2.968   1.00 34.91 ? 540  GLN A OE1 1 
ATOM   1121 N NE2 . GLN A 1 132 ? -7.831  -12.339 4.544   1.00 34.69 ? 540  GLN A NE2 1 
ATOM   1122 N N   . GLU A 1 133 ? -5.287  -7.525  6.653   1.00 21.26 ? 541  GLU A N   1 
ATOM   1123 C CA  . GLU A 1 133 ? -5.904  -6.795  7.764   1.00 22.24 ? 541  GLU A CA  1 
ATOM   1124 C C   . GLU A 1 133 ? -7.016  -5.874  7.271   1.00 22.07 ? 541  GLU A C   1 
ATOM   1125 O O   . GLU A 1 133 ? -8.116  -5.797  7.833   1.00 20.03 ? 541  GLU A O   1 
ATOM   1126 C CB  . GLU A 1 133 ? -4.838  -5.978  8.489   1.00 22.84 ? 541  GLU A CB  1 
ATOM   1127 C CG  . GLU A 1 133 ? -5.323  -5.312  9.758   1.00 27.20 ? 541  GLU A CG  1 
ATOM   1128 C CD  . GLU A 1 133 ? -4.238  -4.541  10.494  1.00 32.04 ? 541  GLU A CD  1 
ATOM   1129 O OE1 . GLU A 1 133 ? -3.061  -4.450  10.012  1.00 34.91 ? 541  GLU A OE1 1 
ATOM   1130 O OE2 . GLU A 1 133 ? -4.575  -4.017  11.586  1.00 35.88 ? 541  GLU A OE2 1 
ATOM   1131 N N   . VAL A 1 134 ? -6.694  -5.126  6.237   1.00 21.05 ? 542  VAL A N   1 
ATOM   1132 C CA  . VAL A 1 134 ? -7.678  -4.237  5.614   1.00 20.98 ? 542  VAL A CA  1 
ATOM   1133 C C   . VAL A 1 134 ? -8.816  -5.042  4.957   1.00 21.50 ? 542  VAL A C   1 
ATOM   1134 O O   . VAL A 1 134 ? -9.996  -4.653  4.988   1.00 21.24 ? 542  VAL A O   1 
ATOM   1135 C CB  . VAL A 1 134 ? -6.992  -3.387  4.542   1.00 20.92 ? 542  VAL A CB  1 
ATOM   1136 C CG1 . VAL A 1 134 ? -8.016  -2.601  3.761   1.00 20.44 ? 542  VAL A CG1 1 
ATOM   1137 C CG2 . VAL A 1 134 ? -5.981  -2.481  5.161   1.00 19.69 ? 542  VAL A CG2 1 
ATOM   1138 N N   . TRP A 1 135 ? -8.470  -6.141  4.316   1.00 21.31 ? 543  TRP A N   1 
ATOM   1139 C CA  . TRP A 1 135 ? -9.504  -6.972  3.717   1.00 23.61 ? 543  TRP A CA  1 
ATOM   1140 C C   . TRP A 1 135 ? -10.470 -7.444  4.803   1.00 24.79 ? 543  TRP A C   1 
ATOM   1141 O O   . TRP A 1 135 ? -11.672 -7.414  4.599   1.00 23.79 ? 543  TRP A O   1 
ATOM   1142 C CB  . TRP A 1 135 ? -8.880  -8.160  2.957   1.00 23.41 ? 543  TRP A CB  1 
ATOM   1143 C CG  . TRP A 1 135 ? -9.831  -8.996  2.210   1.00 22.92 ? 543  TRP A CG  1 
ATOM   1144 C CD1 . TRP A 1 135 ? -10.028 -9.008  0.876   1.00 23.98 ? 543  TRP A CD1 1 
ATOM   1145 C CD2 . TRP A 1 135 ? -10.675 -10.039 2.753   1.00 22.81 ? 543  TRP A CD2 1 
ATOM   1146 N NE1 . TRP A 1 135 ? -10.976 -9.956  0.547   1.00 24.58 ? 543  TRP A NE1 1 
ATOM   1147 C CE2 . TRP A 1 135 ? -11.388 -10.602 1.679   1.00 22.33 ? 543  TRP A CE2 1 
ATOM   1148 C CE3 . TRP A 1 135 ? -10.899 -10.542 4.041   1.00 24.24 ? 543  TRP A CE3 1 
ATOM   1149 C CZ2 . TRP A 1 135 ? -12.308 -11.654 1.845   1.00 24.11 ? 543  TRP A CZ2 1 
ATOM   1150 C CZ3 . TRP A 1 135 ? -11.851 -11.591 4.213   1.00 27.23 ? 543  TRP A CZ3 1 
ATOM   1151 C CH2 . TRP A 1 135 ? -12.532 -12.117 3.115   1.00 25.05 ? 543  TRP A CH2 1 
ATOM   1152 N N   . ARG A 1 136 ? -9.946  -7.858  5.962   1.00 26.98 ? 544  ARG A N   1 
ATOM   1153 C CA  . ARG A 1 136 ? -10.789 -8.408  7.035   1.00 28.93 ? 544  ARG A CA  1 
ATOM   1154 C C   . ARG A 1 136 ? -11.703 -7.326  7.568   1.00 29.73 ? 544  ARG A C   1 
ATOM   1155 O O   . ARG A 1 136 ? -12.873 -7.580  7.856   1.00 29.01 ? 544  ARG A O   1 
ATOM   1156 C CB  . ARG A 1 136 ? -9.957  -8.953  8.207   1.00 30.23 ? 544  ARG A CB  1 
ATOM   1157 C CG  . ARG A 1 136 ? -9.482  -10.359 8.027   1.00 34.10 ? 544  ARG A CG  1 
ATOM   1158 C CD  . ARG A 1 136 ? -8.776  -10.935 9.256   1.00 39.09 ? 544  ARG A CD  1 
ATOM   1159 N NE  . ARG A 1 136 ? -7.402  -11.351 8.927   1.00 45.39 ? 544  ARG A NE  1 
ATOM   1160 C CZ  . ARG A 1 136 ? -6.268  -10.699 9.268   1.00 47.52 ? 544  ARG A CZ  1 
ATOM   1161 N NH1 . ARG A 1 136 ? -6.264  -9.579  9.998   1.00 47.56 ? 544  ARG A NH1 1 
ATOM   1162 N NH2 . ARG A 1 136 ? -5.108  -11.209 8.887   1.00 50.61 ? 544  ARG A NH2 1 
ATOM   1163 N N   . GLN A 1 137 ? -11.166 -6.111  7.696   1.00 30.32 ? 545  GLN A N   1 
ATOM   1164 C CA  . GLN A 1 137 ? -11.944 -5.014  8.240   1.00 30.98 ? 545  GLN A CA  1 
ATOM   1165 C C   . GLN A 1 137 ? -13.061 -4.665  7.275   1.00 31.02 ? 545  GLN A C   1 
ATOM   1166 O O   . GLN A 1 137 ? -14.194 -4.439  7.700   1.00 29.84 ? 545  GLN A O   1 
ATOM   1167 C CB  . GLN A 1 137 ? -11.064 -3.815  8.556   1.00 31.91 ? 545  GLN A CB  1 
ATOM   1168 C CG  . GLN A 1 137 ? -10.268 -4.051  9.824   1.00 35.55 ? 545  GLN A CG  1 
ATOM   1169 C CD  . GLN A 1 137 ? -9.737  -2.785  10.435  1.00 40.03 ? 545  GLN A CD  1 
ATOM   1170 O OE1 . GLN A 1 137 ? -10.334 -1.716  10.293  1.00 42.36 ? 545  GLN A OE1 1 
ATOM   1171 N NE2 . GLN A 1 137 ? -8.602  -2.895  11.121  1.00 43.83 ? 545  GLN A NE2 1 
ATOM   1172 N N   . ARG A 1 138 ? -12.767 -4.719  5.978   1.00 30.76 ? 546  ARG A N   1 
ATOM   1173 C CA  . ARG A 1 138 ? -13.758 -4.380  4.954   1.00 30.96 ? 546  ARG A CA  1 
ATOM   1174 C C   . ARG A 1 138 ? -14.821 -5.483  4.775   1.00 31.64 ? 546  ARG A C   1 
ATOM   1175 O O   . ARG A 1 138 ? -15.994 -5.166  4.628   1.00 29.95 ? 546  ARG A O   1 
ATOM   1176 C CB  . ARG A 1 138 ? -13.064 -4.067  3.628   1.00 30.87 ? 546  ARG A CB  1 
ATOM   1177 C CG  . ARG A 1 138 ? -13.999 -3.867  2.442   1.00 30.54 ? 546  ARG A CG  1 
ATOM   1178 C CD  . ARG A 1 138 ? -15.005 -2.712  2.566   1.00 31.25 ? 546  ARG A CD  1 
ATOM   1179 N NE  . ARG A 1 138 ? -15.856 -2.616  1.369   1.00 31.06 ? 546  ARG A NE  1 
ATOM   1180 C CZ  . ARG A 1 138 ? -16.923 -3.390  1.113   1.00 34.46 ? 546  ARG A CZ  1 
ATOM   1181 N NH1 . ARG A 1 138 ? -17.304 -4.328  1.948   1.00 33.07 ? 546  ARG A NH1 1 
ATOM   1182 N NH2 . ARG A 1 138 ? -17.621 -3.229  -0.003  1.00 34.36 ? 546  ARG A NH2 1 
ATOM   1183 N N   . TYR A 1 139 ? -14.412 -6.753  4.791   1.00 33.17 ? 547  TYR A N   1 
ATOM   1184 C CA  . TYR A 1 139 ? -15.311 -7.868  4.421   1.00 35.52 ? 547  TYR A CA  1 
ATOM   1185 C C   . TYR A 1 139 ? -15.683 -8.805  5.567   1.00 38.05 ? 547  TYR A C   1 
ATOM   1186 O O   . TYR A 1 139 ? -16.127 -9.919  5.325   1.00 39.96 ? 547  TYR A O   1 
ATOM   1187 C CB  . TYR A 1 139 ? -14.754 -8.669  3.245   1.00 34.28 ? 547  TYR A CB  1 
ATOM   1188 C CG  . TYR A 1 139 ? -14.523 -7.826  2.032   1.00 33.07 ? 547  TYR A CG  1 
ATOM   1189 C CD1 . TYR A 1 139 ? -15.591 -7.262  1.334   1.00 30.41 ? 547  TYR A CD1 1 
ATOM   1190 C CD2 . TYR A 1 139 ? -13.230 -7.581  1.565   1.00 29.14 ? 547  TYR A CD2 1 
ATOM   1191 C CE1 . TYR A 1 139 ? -15.367 -6.470  0.191   1.00 30.31 ? 547  TYR A CE1 1 
ATOM   1192 C CE2 . TYR A 1 139 ? -13.002 -6.804  0.440   1.00 28.54 ? 547  TYR A CE2 1 
ATOM   1193 C CZ  . TYR A 1 139 ? -14.074 -6.242  -0.238  1.00 30.12 ? 547  TYR A CZ  1 
ATOM   1194 O OH  . TYR A 1 139 ? -13.859 -5.483  -1.350  1.00 31.66 ? 547  TYR A OH  1 
ATOM   1195 N N   . GLN A 1 140 ? -15.520 -8.312  6.793   1.00 41.01 ? 548  GLN A N   1 
ATOM   1196 C CA  . GLN A 1 140 ? -16.108 -8.843  8.042   1.00 42.67 ? 548  GLN A CA  1 
ATOM   1197 C C   . GLN A 1 140 ? -15.003 -9.201  9.042   1.00 43.84 ? 548  GLN A C   1 
ATOM   1198 O O   . GLN A 1 140 ? -14.863 -8.436  10.012  1.00 44.45 ? 548  GLN A O   1 
ATOM   1199 C CB  . GLN A 1 140 ? -17.064 -10.022 7.814   1.00 43.14 ? 548  GLN A CB  1 
ATOM   1200 N N   . SER A 1 141 ? -14.237 -10.183 8.880   1.00 44.69 ? 549  SER A N   1 
HETATM 1201 C C1  . GOL B 2 .   ? -2.616  -4.977  -19.449 1.00 46.71 ? 1549 GOL A C1  1 
HETATM 1202 O O1  . GOL B 2 .   ? -1.567  -4.203  -18.842 1.00 50.08 ? 1549 GOL A O1  1 
HETATM 1203 C C2  . GOL B 2 .   ? -2.250  -5.389  -20.882 1.00 47.41 ? 1549 GOL A C2  1 
HETATM 1204 O O2  . GOL B 2 .   ? -0.906  -5.004  -21.254 1.00 46.90 ? 1549 GOL A O2  1 
HETATM 1205 C C3  . GOL B 2 .   ? -2.371  -6.899  -20.952 1.00 44.42 ? 1549 GOL A C3  1 
HETATM 1206 O O3  . GOL B 2 .   ? -3.173  -7.283  -22.042 1.00 50.09 ? 1549 GOL A O3  1 
HETATM 1207 S S   . SO4 C 3 .   ? 3.178   -0.123  -16.704 1.00 49.93 ? 1550 SO4 A S   1 
HETATM 1208 O O1  . SO4 C 3 .   ? 2.218   -0.554  -15.701 1.00 51.86 ? 1550 SO4 A O1  1 
HETATM 1209 O O2  . SO4 C 3 .   ? 2.382   0.880   -17.408 1.00 49.97 ? 1550 SO4 A O2  1 
HETATM 1210 O O3  . SO4 C 3 .   ? 3.649   -1.288  -17.453 1.00 51.74 ? 1550 SO4 A O3  1 
HETATM 1211 O O4  . SO4 C 3 .   ? 4.433   0.492   -16.247 1.00 48.77 ? 1550 SO4 A O4  1 
HETATM 1212 O O   . HOH D 4 .   ? -12.029 -6.951  -9.318  1.00 35.64 ? 2001 HOH A O   1 
HETATM 1213 O O   . HOH D 4 .   ? 7.305   0.039   6.557   1.00 29.15 ? 2002 HOH A O   1 
HETATM 1214 O O   . HOH D 4 .   ? -2.742  10.692  -10.057 1.00 47.14 ? 2003 HOH A O   1 
HETATM 1215 O O   . HOH D 4 .   ? 9.863   0.571   -15.353 1.00 40.02 ? 2004 HOH A O   1 
HETATM 1216 O O   . HOH D 4 .   ? -9.847  -0.458  -9.958  1.00 43.04 ? 2005 HOH A O   1 
HETATM 1217 O O   . HOH D 4 .   ? -11.859 12.189  -4.683  1.00 54.02 ? 2006 HOH A O   1 
HETATM 1218 O O   . HOH D 4 .   ? -5.073  4.088   -12.254 1.00 40.35 ? 2007 HOH A O   1 
HETATM 1219 O O   . HOH D 4 .   ? -10.803 -4.917  -13.278 1.00 46.82 ? 2008 HOH A O   1 
HETATM 1220 O O   . HOH D 4 .   ? 10.496  -8.766  -9.879  1.00 46.96 ? 2009 HOH A O   1 
HETATM 1221 O O   . HOH D 4 .   ? -16.646 3.145   -1.621  1.00 35.13 ? 2010 HOH A O   1 
HETATM 1222 O O   . HOH D 4 .   ? 13.709  -0.649  -13.964 1.00 42.71 ? 2011 HOH A O   1 
HETATM 1223 O O   . HOH D 4 .   ? 2.109   16.387  -11.682 1.00 46.40 ? 2012 HOH A O   1 
HETATM 1224 O O   . HOH D 4 .   ? -9.140  14.058  -4.805  1.00 52.37 ? 2013 HOH A O   1 
HETATM 1225 O O   . HOH D 4 .   ? -3.977  5.360   -14.193 1.00 51.00 ? 2014 HOH A O   1 
HETATM 1226 O O   . HOH D 4 .   ? 5.508   14.410  12.759  1.00 24.64 ? 2015 HOH A O   1 
HETATM 1227 O O   . HOH D 4 .   ? 6.124   8.663   14.555  1.00 42.18 ? 2016 HOH A O   1 
HETATM 1228 O O   . HOH D 4 .   ? 2.429   12.738  18.333  1.00 33.17 ? 2017 HOH A O   1 
HETATM 1229 O O   . HOH D 4 .   ? 3.214   3.452   19.047  1.00 31.60 ? 2018 HOH A O   1 
HETATM 1230 O O   . HOH D 4 .   ? -0.780  3.362   20.454  1.00 37.68 ? 2019 HOH A O   1 
HETATM 1231 O O   . HOH D 4 .   ? 7.082   0.488   9.055   1.00 28.53 ? 2020 HOH A O   1 
HETATM 1232 O O   . HOH D 4 .   ? 8.022   2.535   14.751  1.00 33.51 ? 2021 HOH A O   1 
HETATM 1233 O O   . HOH D 4 .   ? 4.557   9.128   7.790   1.00 43.12 ? 2022 HOH A O   1 
HETATM 1234 O O   . HOH D 4 .   ? 5.857   10.707  10.803  1.00 30.94 ? 2023 HOH A O   1 
HETATM 1235 O O   . HOH D 4 .   ? 7.504   7.542   12.799  1.00 44.75 ? 2024 HOH A O   1 
HETATM 1236 O O   . HOH D 4 .   ? 11.899  2.428   1.580   1.00 37.02 ? 2025 HOH A O   1 
HETATM 1237 O O   . HOH D 4 .   ? 14.862  7.788   2.682   1.00 50.07 ? 2026 HOH A O   1 
HETATM 1238 O O   . HOH D 4 .   ? 8.604   -0.701  2.440   1.00 28.39 ? 2027 HOH A O   1 
HETATM 1239 O O   . HOH D 4 .   ? -10.864 5.459   11.904  1.00 35.07 ? 2028 HOH A O   1 
HETATM 1240 O O   . HOH D 4 .   ? -13.333 6.266   11.776  1.00 27.54 ? 2029 HOH A O   1 
HETATM 1241 O O   . HOH D 4 .   ? -13.207 10.404  7.074   1.00 29.26 ? 2030 HOH A O   1 
HETATM 1242 O O   . HOH D 4 .   ? -9.131  15.630  13.797  1.00 42.03 ? 2031 HOH A O   1 
HETATM 1243 O O   . HOH D 4 .   ? -8.004  5.350   19.132  1.00 44.29 ? 2032 HOH A O   1 
HETATM 1244 O O   . HOH D 4 .   ? -14.466 18.315  10.293  1.00 42.18 ? 2033 HOH A O   1 
HETATM 1245 O O   . HOH D 4 .   ? -8.349  15.648  7.253   1.00 31.66 ? 2034 HOH A O   1 
HETATM 1246 O O   . HOH D 4 .   ? -0.477  10.099  8.011   1.00 20.38 ? 2035 HOH A O   1 
HETATM 1247 O O   . HOH D 4 .   ? -6.532  16.831  5.263   1.00 38.24 ? 2036 HOH A O   1 
HETATM 1248 O O   . HOH D 4 .   ? 2.111   10.563  7.840   1.00 29.93 ? 2037 HOH A O   1 
HETATM 1249 O O   . HOH D 4 .   ? -0.872  8.345   5.851   1.00 21.05 ? 2038 HOH A O   1 
HETATM 1250 O O   . HOH D 4 .   ? 2.868   21.478  3.590   1.00 37.58 ? 2039 HOH A O   1 
HETATM 1251 O O   . HOH D 4 .   ? 7.538   16.284  3.939   1.00 37.80 ? 2040 HOH A O   1 
HETATM 1252 O O   . HOH D 4 .   ? 1.445   9.979   4.849   1.00 26.76 ? 2041 HOH A O   1 
HETATM 1253 O O   . HOH D 4 .   ? 1.898   14.925  -2.934  1.00 40.16 ? 2042 HOH A O   1 
HETATM 1254 O O   . HOH D 4 .   ? -4.802  13.128  -3.392  1.00 30.47 ? 2043 HOH A O   1 
HETATM 1255 O O   . HOH D 4 .   ? 5.118   16.686  -6.339  1.00 39.94 ? 2044 HOH A O   1 
HETATM 1256 O O   . HOH D 4 .   ? -5.143  11.558  -6.909  1.00 32.14 ? 2045 HOH A O   1 
HETATM 1257 O O   . HOH D 4 .   ? -2.352  16.777  -4.611  1.00 43.40 ? 2046 HOH A O   1 
HETATM 1258 O O   . HOH D 4 .   ? -4.705  9.375   -8.718  1.00 36.71 ? 2047 HOH A O   1 
HETATM 1259 O O   . HOH D 4 .   ? -11.310 9.167   -3.137  1.00 38.41 ? 2048 HOH A O   1 
HETATM 1260 O O   . HOH D 4 .   ? -6.903  7.675   -10.009 1.00 44.50 ? 2049 HOH A O   1 
HETATM 1261 O O   . HOH D 4 .   ? -10.850 7.147   -4.510  1.00 36.74 ? 2050 HOH A O   1 
HETATM 1262 O O   . HOH D 4 .   ? -6.762  16.145  2.646   1.00 47.47 ? 2051 HOH A O   1 
HETATM 1263 O O   . HOH D 4 .   ? -12.150 6.011   -0.449  1.00 29.90 ? 2052 HOH A O   1 
HETATM 1264 O O   . HOH D 4 .   ? 6.937   -4.090  4.110   1.00 24.27 ? 2053 HOH A O   1 
HETATM 1265 O O   . HOH D 4 .   ? 6.106   -0.244  3.848   1.00 18.94 ? 2054 HOH A O   1 
HETATM 1266 O O   . HOH D 4 .   ? 8.044   -2.241  0.170   1.00 22.94 ? 2055 HOH A O   1 
HETATM 1267 O O   . HOH D 4 .   ? 8.236   -9.121  -8.976  1.00 47.14 ? 2056 HOH A O   1 
HETATM 1268 O O   . HOH D 4 .   ? 13.713  -2.741  -9.943  1.00 50.31 ? 2057 HOH A O   1 
HETATM 1269 O O   . HOH D 4 .   ? 2.438   -9.026  -12.550 1.00 23.03 ? 2058 HOH A O   1 
HETATM 1270 O O   . HOH D 4 .   ? 2.151   -2.911  -9.982  1.00 31.82 ? 2059 HOH A O   1 
HETATM 1271 O O   . HOH D 4 .   ? 7.366   -14.243 -9.582  1.00 45.65 ? 2060 HOH A O   1 
HETATM 1272 O O   . HOH D 4 .   ? 11.365  -9.582  -13.770 1.00 35.55 ? 2061 HOH A O   1 
HETATM 1273 O O   . HOH D 4 .   ? 8.601   -4.531  -20.963 1.00 27.07 ? 2062 HOH A O   1 
HETATM 1274 O O   . HOH D 4 .   ? 10.836  2.691   -11.778 1.00 39.13 ? 2063 HOH A O   1 
HETATM 1275 O O   . HOH D 4 .   ? 11.932  2.836   -5.417  1.00 36.01 ? 2064 HOH A O   1 
HETATM 1276 O O   . HOH D 4 .   ? 11.399  0.287   -13.380 1.00 34.47 ? 2065 HOH A O   1 
HETATM 1277 O O   . HOH D 4 .   ? 6.618   2.093   -12.519 1.00 24.30 ? 2066 HOH A O   1 
HETATM 1278 O O   . HOH D 4 .   ? 9.326   3.355   -5.020  1.00 32.81 ? 2067 HOH A O   1 
HETATM 1279 O O   . HOH D 4 .   ? -13.639 5.969   4.000   1.00 26.68 ? 2068 HOH A O   1 
HETATM 1280 O O   . HOH D 4 .   ? -10.056 10.479  3.012   1.00 28.63 ? 2069 HOH A O   1 
HETATM 1281 O O   . HOH D 4 .   ? -14.810 3.330   0.243   1.00 23.97 ? 2070 HOH A O   1 
HETATM 1282 O O   . HOH D 4 .   ? -12.414 0.157   -3.157  1.00 34.42 ? 2071 HOH A O   1 
HETATM 1283 O O   . HOH D 4 .   ? -12.559 5.009   -2.635  1.00 32.15 ? 2072 HOH A O   1 
HETATM 1284 O O   . HOH D 4 .   ? -3.530  -2.714  -12.996 1.00 23.96 ? 2073 HOH A O   1 
HETATM 1285 O O   . HOH D 4 .   ? -0.992  -0.751  -15.347 1.00 34.89 ? 2074 HOH A O   1 
HETATM 1286 O O   . HOH D 4 .   ? 0.370   -3.560  -14.121 1.00 30.71 ? 2075 HOH A O   1 
HETATM 1287 O O   . HOH D 4 .   ? 10.299  4.306   -13.846 1.00 25.18 ? 2076 HOH A O   1 
HETATM 1288 O O   . HOH D 4 .   ? 12.049  11.581  -14.583 1.00 34.39 ? 2077 HOH A O   1 
HETATM 1289 O O   . HOH D 4 .   ? 5.621   13.418  -14.524 1.00 34.48 ? 2078 HOH A O   1 
HETATM 1290 O O   . HOH D 4 .   ? 4.578   14.564  -10.856 1.00 39.75 ? 2079 HOH A O   1 
HETATM 1291 O O   . HOH D 4 .   ? -0.140  10.751  -12.116 1.00 31.84 ? 2080 HOH A O   1 
HETATM 1292 O O   . HOH D 4 .   ? 5.961   6.954   -16.653 1.00 37.71 ? 2081 HOH A O   1 
HETATM 1293 O O   . HOH D 4 .   ? -3.339  0.944   -15.653 1.00 43.00 ? 2082 HOH A O   1 
HETATM 1294 O O   . HOH D 4 .   ? -6.393  5.206   -10.075 1.00 46.25 ? 2083 HOH A O   1 
HETATM 1295 O O   . HOH D 4 .   ? -7.517  -1.391  -11.783 1.00 35.72 ? 2084 HOH A O   1 
HETATM 1296 O O   . HOH D 4 .   ? -5.107  0.209   -13.502 1.00 31.06 ? 2085 HOH A O   1 
HETATM 1297 O O   . HOH D 4 .   ? -9.893  4.901   -8.135  1.00 32.39 ? 2086 HOH A O   1 
HETATM 1298 O O   . HOH D 4 .   ? -7.418  -0.518  -5.896  1.00 27.75 ? 2087 HOH A O   1 
HETATM 1299 O O   . HOH D 4 .   ? -12.672 -4.454  -8.962  1.00 47.89 ? 2088 HOH A O   1 
HETATM 1300 O O   . HOH D 4 .   ? -10.101 -0.784  -7.228  1.00 42.78 ? 2089 HOH A O   1 
HETATM 1301 O O   . HOH D 4 .   ? -10.430 -7.758  -7.466  1.00 30.39 ? 2090 HOH A O   1 
HETATM 1302 O O   . HOH D 4 .   ? -16.500 -7.191  -3.830  1.00 45.57 ? 2091 HOH A O   1 
HETATM 1303 O O   . HOH D 4 .   ? -16.767 -8.846  -5.620  1.00 50.01 ? 2092 HOH A O   1 
HETATM 1304 O O   . HOH D 4 .   ? -9.350  -13.203 -7.221  1.00 36.78 ? 2093 HOH A O   1 
HETATM 1305 O O   . HOH D 4 .   ? -10.031 -14.850 -4.195  1.00 44.34 ? 2094 HOH A O   1 
HETATM 1306 O O   . HOH D 4 .   ? 2.069   -19.450 -0.576  1.00 39.21 ? 2095 HOH A O   1 
HETATM 1307 O O   . HOH D 4 .   ? 8.454   -20.156 0.774   1.00 39.68 ? 2096 HOH A O   1 
HETATM 1308 O O   . HOH D 4 .   ? 10.244  -19.533 -3.402  1.00 45.10 ? 2097 HOH A O   1 
HETATM 1309 O O   . HOH D 4 .   ? 7.656   -17.837 -6.641  1.00 56.56 ? 2098 HOH A O   1 
HETATM 1310 O O   . HOH D 4 .   ? -8.732  -8.272  -12.279 1.00 41.75 ? 2099 HOH A O   1 
HETATM 1311 O O   . HOH D 4 .   ? -11.003 -7.398  -11.825 1.00 45.54 ? 2100 HOH A O   1 
HETATM 1312 O O   . HOH D 4 .   ? 11.279  -6.572  9.207   1.00 27.93 ? 2101 HOH A O   1 
HETATM 1313 O O   . HOH D 4 .   ? 1.823   -13.649 4.750   1.00 43.32 ? 2102 HOH A O   1 
HETATM 1314 O O   . HOH D 4 .   ? 2.154   -5.326  7.848   1.00 23.70 ? 2103 HOH A O   1 
HETATM 1315 O O   . HOH D 4 .   ? 5.993   -1.753  10.558  1.00 32.44 ? 2104 HOH A O   1 
HETATM 1316 O O   . HOH D 4 .   ? 3.201   -13.138 8.003   1.00 41.32 ? 2105 HOH A O   1 
HETATM 1317 O O   . HOH D 4 .   ? -8.115  -11.851 1.144   1.00 43.75 ? 2106 HOH A O   1 
HETATM 1318 O O   . HOH D 4 .   ? -3.113  -2.318  12.634  1.00 37.28 ? 2107 HOH A O   1 
HETATM 1319 O O   . HOH D 4 .   ? 1.707   3.560   21.603  1.00 32.05 ? 2108 HOH A O   1 
HETATM 1320 O O   . HOH D 4 .   ? -7.048  -4.321  12.278  1.00 48.07 ? 2109 HOH A O   1 
HETATM 1321 O O   . HOH D 4 .   ? -19.555 -6.023  -0.167  1.00 46.02 ? 2110 HOH A O   1 
HETATM 1322 O O   . HOH D 4 .   ? -15.235 -0.395  0.041   1.00 34.07 ? 2111 HOH A O   1 
HETATM 1323 O O   . HOH D 4 .   ? -12.641 -12.585 8.045   1.00 47.21 ? 2112 HOH A O   1 
# 
loop_
_pdbx_poly_seq_scheme.asym_id 
_pdbx_poly_seq_scheme.entity_id 
_pdbx_poly_seq_scheme.seq_id 
_pdbx_poly_seq_scheme.mon_id 
_pdbx_poly_seq_scheme.ndb_seq_num 
_pdbx_poly_seq_scheme.pdb_seq_num 
_pdbx_poly_seq_scheme.auth_seq_num 
_pdbx_poly_seq_scheme.pdb_mon_id 
_pdbx_poly_seq_scheme.auth_mon_id 
_pdbx_poly_seq_scheme.pdb_strand_id 
_pdbx_poly_seq_scheme.pdb_ins_code 
_pdbx_poly_seq_scheme.hetero 
A 1 1   GLY 1   409 ?   ?   ?   A . n 
A 1 2   SER 2   410 410 SER SER A . n 
A 1 3   ASN 3   411 411 ASN ASN A . n 
A 1 4   ILE 4   412 412 ILE ILE A . n 
A 1 5   GLU 5   413 413 GLU GLU A . n 
A 1 6   GLN 6   414 414 GLN GLN A . n 
A 1 7   TYR 7   415 415 TYR TYR A . n 
A 1 8   ILE 8   416 416 ILE ILE A . n 
A 1 9   HIS 9   417 417 HIS HIS A . n 
A 1 10  ASP 10  418 418 ASP ASP A . n 
A 1 11  LEU 11  419 419 LEU LEU A . n 
A 1 12  ASP 12  420 420 ASP ASP A . n 
A 1 13  SER 13  421 421 SER SER A . n 
A 1 14  ASN 14  422 422 ASN ASN A . n 
A 1 15  SER 15  423 423 SER SER A . n 
A 1 16  PHE 16  424 424 PHE PHE A . n 
A 1 17  GLU 17  425 425 GLU GLU A . n 
A 1 18  LEU 18  426 426 LEU LEU A . n 
A 1 19  ASP 19  427 427 ASP ASP A . n 
A 1 20  LEU 20  428 428 LEU LEU A . n 
A 1 21  GLN 21  429 429 GLN GLN A . n 
A 1 22  PHE 22  430 430 PHE PHE A . n 
A 1 23  SER 23  431 431 SER SER A . n 
A 1 24  GLU 24  432 432 GLU GLU A . n 
A 1 25  ASP 25  433 433 ASP ASP A . n 
A 1 26  GLU 26  434 434 GLU GLU A . n 
A 1 27  LYS 27  435 435 LYS LYS A . n 
A 1 28  ARG 28  436 436 ARG ARG A . n 
A 1 29  LEU 29  437 437 LEU LEU A . n 
A 1 30  LEU 30  438 438 LEU LEU A . n 
A 1 31  LEU 31  439 439 LEU LEU A . n 
A 1 32  GLU 32  440 440 GLU GLU A . n 
A 1 33  LYS 33  441 441 LYS LYS A . n 
A 1 34  GLN 34  442 442 GLN GLN A . n 
A 1 35  ALA 35  443 443 ALA ALA A . n 
A 1 36  GLY 36  444 444 GLY GLY A . n 
A 1 37  GLY 37  445 445 GLY GLY A . n 
A 1 38  ASN 38  446 446 ASN ASN A . n 
A 1 39  PRO 39  447 447 PRO PRO A . n 
A 1 40  TRP 40  448 448 TRP TRP A . n 
A 1 41  HIS 41  449 449 HIS HIS A . n 
A 1 42  GLN 42  450 450 GLN GLN A . n 
A 1 43  PHE 43  451 451 PHE PHE A . n 
A 1 44  VAL 44  452 452 VAL VAL A . n 
A 1 45  GLU 45  453 453 GLU GLU A . n 
A 1 46  ASN 46  454 454 ASN ASN A . n 
A 1 47  ASN 47  455 455 ASN ASN A . n 
A 1 48  LEU 48  456 456 LEU LEU A . n 
A 1 49  ILE 49  457 457 ILE ILE A . n 
A 1 50  LEU 50  458 458 LEU LEU A . n 
A 1 51  LYS 51  459 459 LYS LYS A . n 
A 1 52  MET 52  460 460 MET MET A . n 
A 1 53  GLY 53  461 461 GLY GLY A . n 
A 1 54  PRO 54  462 462 PRO PRO A . n 
A 1 55  VAL 55  463 463 VAL VAL A . n 
A 1 56  ASP 56  464 464 ASP ASP A . n 
A 1 57  GLU 57  465 465 GLU GLU A . n 
A 1 58  ARG 58  466 466 ARG ARG A . n 
A 1 59  LYS 59  467 467 LYS LYS A . n 
A 1 60  GLY 60  468 468 GLY GLY A . n 
A 1 61  LEU 61  469 469 LEU LEU A . n 
A 1 62  PHE 62  470 470 PHE PHE A . n 
A 1 63  ALA 63  471 471 ALA ALA A . n 
A 1 64  ARG 64  472 472 ARG ARG A . n 
A 1 65  ARG 65  473 473 ARG ARG A . n 
A 1 66  ARG 66  474 474 ARG ARG A . n 
A 1 67  GLN 67  475 475 GLN GLN A . n 
A 1 68  LEU 68  476 476 LEU LEU A . n 
A 1 69  LEU 69  477 477 LEU LEU A . n 
A 1 70  LEU 70  478 478 LEU LEU A . n 
A 1 71  THR 71  479 479 THR THR A . n 
A 1 72  GLU 72  480 480 GLU GLU A . n 
A 1 73  GLY 73  481 481 GLY GLY A . n 
A 1 74  PRO 74  482 482 PRO PRO A . n 
A 1 75  HIS 75  483 483 HIS HIS A . n 
A 1 76  LEU 76  484 484 LEU LEU A . n 
A 1 77  TYR 77  485 485 TYR TYR A . n 
A 1 78  TYR 78  486 486 TYR TYR A . n 
A 1 79  VAL 79  487 487 VAL VAL A . n 
A 1 80  ASP 80  488 488 ASP ASP A . n 
A 1 81  PRO 81  489 489 PRO PRO A . n 
A 1 82  VAL 82  490 490 VAL VAL A . n 
A 1 83  ASN 83  491 491 ASN ASN A . n 
A 1 84  LYS 84  492 492 LYS LYS A . n 
A 1 85  VAL 85  493 493 VAL VAL A . n 
A 1 86  LEU 86  494 494 LEU LEU A . n 
A 1 87  LYS 87  495 495 LYS LYS A . n 
A 1 88  GLY 88  496 496 GLY GLY A . n 
A 1 89  GLU 89  497 497 GLU GLU A . n 
A 1 90  ILE 90  498 498 ILE ILE A . n 
A 1 91  PRO 91  499 499 PRO PRO A . n 
A 1 92  TRP 92  500 500 TRP TRP A . n 
A 1 93  SER 93  501 501 SER SER A . n 
A 1 94  GLN 94  502 502 GLN GLN A . n 
A 1 95  GLU 95  503 503 GLU GLU A . n 
A 1 96  LEU 96  504 504 LEU LEU A . n 
A 1 97  ARG 97  505 505 ARG ARG A . n 
A 1 98  PRO 98  506 506 PRO PRO A . n 
A 1 99  GLU 99  507 507 GLU GLU A . n 
A 1 100 ALA 100 508 508 ALA ALA A . n 
A 1 101 LYS 101 509 509 LYS LYS A . n 
A 1 102 ASN 102 510 510 ASN ASN A . n 
A 1 103 PHE 103 511 511 PHE PHE A . n 
A 1 104 LYS 104 512 512 LYS LYS A . n 
A 1 105 THR 105 513 513 THR THR A . n 
A 1 106 PHE 106 514 514 PHE PHE A . n 
A 1 107 PHE 107 515 515 PHE PHE A . n 
A 1 108 VAL 108 516 516 VAL VAL A . n 
A 1 109 HIS 109 517 517 HIS HIS A . n 
A 1 110 THR 110 518 518 THR THR A . n 
A 1 111 PRO 111 519 519 PRO PRO A . n 
A 1 112 ASN 112 520 520 ASN ASN A . n 
A 1 113 ARG 113 521 521 ARG ARG A . n 
A 1 114 THR 114 522 522 THR THR A . n 
A 1 115 TYR 115 523 523 TYR TYR A . n 
A 1 116 TYR 116 524 524 TYR TYR A . n 
A 1 117 LEU 117 525 525 LEU LEU A . n 
A 1 118 MET 118 526 526 MET MET A . n 
A 1 119 ASP 119 527 527 ASP ASP A . n 
A 1 120 PRO 120 528 528 PRO PRO A . n 
A 1 121 SER 121 529 529 SER SER A . n 
A 1 122 GLY 122 530 530 GLY GLY A . n 
A 1 123 ASN 123 531 531 ASN ASN A . n 
A 1 124 ALA 124 532 532 ALA ALA A . n 
A 1 125 HIS 125 533 533 HIS HIS A . n 
A 1 126 LYS 126 534 534 LYS LYS A . n 
A 1 127 TRP 127 535 535 TRP TRP A . n 
A 1 128 CYS 128 536 536 CYS CYS A . n 
A 1 129 ARG 129 537 537 ARG ARG A . n 
A 1 130 LYS 130 538 538 LYS LYS A . n 
A 1 131 ILE 131 539 539 ILE ILE A . n 
A 1 132 GLN 132 540 540 GLN GLN A . n 
A 1 133 GLU 133 541 541 GLU GLU A . n 
A 1 134 VAL 134 542 542 VAL VAL A . n 
A 1 135 TRP 135 543 543 TRP TRP A . n 
A 1 136 ARG 136 544 544 ARG ARG A . n 
A 1 137 GLN 137 545 545 GLN GLN A . n 
A 1 138 ARG 138 546 546 ARG ARG A . n 
A 1 139 TYR 139 547 547 TYR TYR A . n 
A 1 140 GLN 140 548 548 GLN GLN A . n 
A 1 141 SER 141 549 549 SER SER A . n 
A 1 142 HIS 142 550 ?   ?   ?   A . n 
A 1 143 PRO 143 551 ?   ?   ?   A . n 
A 1 144 ASP 144 552 ?   ?   ?   A . n 
A 1 145 ALA 145 553 ?   ?   ?   A . n 
A 1 146 ALA 146 554 ?   ?   ?   A . n 
A 1 147 VAL 147 555 ?   ?   ?   A . n 
A 1 148 GLN 148 556 ?   ?   ?   A . n 
# 
loop_
_pdbx_nonpoly_scheme.asym_id 
_pdbx_nonpoly_scheme.entity_id 
_pdbx_nonpoly_scheme.mon_id 
_pdbx_nonpoly_scheme.ndb_seq_num 
_pdbx_nonpoly_scheme.pdb_seq_num 
_pdbx_nonpoly_scheme.auth_seq_num 
_pdbx_nonpoly_scheme.pdb_mon_id 
_pdbx_nonpoly_scheme.auth_mon_id 
_pdbx_nonpoly_scheme.pdb_strand_id 
_pdbx_nonpoly_scheme.pdb_ins_code 
B 2 GOL 1   1549 1549 GOL GOL A . 
C 3 SO4 1   1550 1550 SO4 SO4 A . 
D 4 HOH 1   2001 2001 HOH HOH A . 
D 4 HOH 2   2002 2002 HOH HOH A . 
D 4 HOH 3   2003 2003 HOH HOH A . 
D 4 HOH 4   2004 2004 HOH HOH A . 
D 4 HOH 5   2005 2005 HOH HOH A . 
D 4 HOH 6   2006 2006 HOH HOH A . 
D 4 HOH 7   2007 2007 HOH HOH A . 
D 4 HOH 8   2008 2008 HOH HOH A . 
D 4 HOH 9   2009 2009 HOH HOH A . 
D 4 HOH 10  2010 2010 HOH HOH A . 
D 4 HOH 11  2011 2011 HOH HOH A . 
D 4 HOH 12  2012 2012 HOH HOH A . 
D 4 HOH 13  2013 2013 HOH HOH A . 
D 4 HOH 14  2014 2014 HOH HOH A . 
D 4 HOH 15  2015 2015 HOH HOH A . 
D 4 HOH 16  2016 2016 HOH HOH A . 
D 4 HOH 17  2017 2017 HOH HOH A . 
D 4 HOH 18  2018 2018 HOH HOH A . 
D 4 HOH 19  2019 2019 HOH HOH A . 
D 4 HOH 20  2020 2020 HOH HOH A . 
D 4 HOH 21  2021 2021 HOH HOH A . 
D 4 HOH 22  2022 2022 HOH HOH A . 
D 4 HOH 23  2023 2023 HOH HOH A . 
D 4 HOH 24  2024 2024 HOH HOH A . 
D 4 HOH 25  2025 2025 HOH HOH A . 
D 4 HOH 26  2026 2026 HOH HOH A . 
D 4 HOH 27  2027 2027 HOH HOH A . 
D 4 HOH 28  2028 2028 HOH HOH A . 
D 4 HOH 29  2029 2029 HOH HOH A . 
D 4 HOH 30  2030 2030 HOH HOH A . 
D 4 HOH 31  2031 2031 HOH HOH A . 
D 4 HOH 32  2032 2032 HOH HOH A . 
D 4 HOH 33  2033 2033 HOH HOH A . 
D 4 HOH 34  2034 2034 HOH HOH A . 
D 4 HOH 35  2035 2035 HOH HOH A . 
D 4 HOH 36  2036 2036 HOH HOH A . 
D 4 HOH 37  2037 2037 HOH HOH A . 
D 4 HOH 38  2038 2038 HOH HOH A . 
D 4 HOH 39  2039 2039 HOH HOH A . 
D 4 HOH 40  2040 2040 HOH HOH A . 
D 4 HOH 41  2041 2041 HOH HOH A . 
D 4 HOH 42  2042 2042 HOH HOH A . 
D 4 HOH 43  2043 2043 HOH HOH A . 
D 4 HOH 44  2044 2044 HOH HOH A . 
D 4 HOH 45  2045 2045 HOH HOH A . 
D 4 HOH 46  2046 2046 HOH HOH A . 
D 4 HOH 47  2047 2047 HOH HOH A . 
D 4 HOH 48  2048 2048 HOH HOH A . 
D 4 HOH 49  2049 2049 HOH HOH A . 
D 4 HOH 50  2050 2050 HOH HOH A . 
D 4 HOH 51  2051 2051 HOH HOH A . 
D 4 HOH 52  2052 2052 HOH HOH A . 
D 4 HOH 53  2053 2053 HOH HOH A . 
D 4 HOH 54  2054 2054 HOH HOH A . 
D 4 HOH 55  2055 2055 HOH HOH A . 
D 4 HOH 56  2056 2056 HOH HOH A . 
D 4 HOH 57  2057 2057 HOH HOH A . 
D 4 HOH 58  2058 2058 HOH HOH A . 
D 4 HOH 59  2059 2059 HOH HOH A . 
D 4 HOH 60  2060 2060 HOH HOH A . 
D 4 HOH 61  2061 2061 HOH HOH A . 
D 4 HOH 62  2062 2062 HOH HOH A . 
D 4 HOH 63  2063 2063 HOH HOH A . 
D 4 HOH 64  2064 2064 HOH HOH A . 
D 4 HOH 65  2065 2065 HOH HOH A . 
D 4 HOH 66  2066 2066 HOH HOH A . 
D 4 HOH 67  2067 2067 HOH HOH A . 
D 4 HOH 68  2068 2068 HOH HOH A . 
D 4 HOH 69  2069 2069 HOH HOH A . 
D 4 HOH 70  2070 2070 HOH HOH A . 
D 4 HOH 71  2071 2071 HOH HOH A . 
D 4 HOH 72  2072 2072 HOH HOH A . 
D 4 HOH 73  2073 2073 HOH HOH A . 
D 4 HOH 74  2074 2074 HOH HOH A . 
D 4 HOH 75  2075 2075 HOH HOH A . 
D 4 HOH 76  2076 2076 HOH HOH A . 
D 4 HOH 77  2077 2077 HOH HOH A . 
D 4 HOH 78  2078 2078 HOH HOH A . 
D 4 HOH 79  2079 2079 HOH HOH A . 
D 4 HOH 80  2080 2080 HOH HOH A . 
D 4 HOH 81  2081 2081 HOH HOH A . 
D 4 HOH 82  2082 2082 HOH HOH A . 
D 4 HOH 83  2083 2083 HOH HOH A . 
D 4 HOH 84  2084 2084 HOH HOH A . 
D 4 HOH 85  2085 2085 HOH HOH A . 
D 4 HOH 86  2086 2086 HOH HOH A . 
D 4 HOH 87  2087 2087 HOH HOH A . 
D 4 HOH 88  2088 2088 HOH HOH A . 
D 4 HOH 89  2089 2089 HOH HOH A . 
D 4 HOH 90  2090 2090 HOH HOH A . 
D 4 HOH 91  2091 2091 HOH HOH A . 
D 4 HOH 92  2092 2092 HOH HOH A . 
D 4 HOH 93  2093 2093 HOH HOH A . 
D 4 HOH 94  2094 2094 HOH HOH A . 
D 4 HOH 95  2095 2095 HOH HOH A . 
D 4 HOH 96  2096 2096 HOH HOH A . 
D 4 HOH 97  2097 2097 HOH HOH A . 
D 4 HOH 98  2098 2098 HOH HOH A . 
D 4 HOH 99  2099 2099 HOH HOH A . 
D 4 HOH 100 2100 2100 HOH HOH A . 
D 4 HOH 101 2101 2101 HOH HOH A . 
D 4 HOH 102 2102 2102 HOH HOH A . 
D 4 HOH 103 2103 2103 HOH HOH A . 
D 4 HOH 104 2104 2104 HOH HOH A . 
D 4 HOH 105 2105 2105 HOH HOH A . 
D 4 HOH 106 2106 2106 HOH HOH A . 
D 4 HOH 107 2107 2107 HOH HOH A . 
D 4 HOH 108 2108 2108 HOH HOH A . 
D 4 HOH 109 2109 2109 HOH HOH A . 
D 4 HOH 110 2110 2110 HOH HOH A . 
D 4 HOH 111 2111 2111 HOH HOH A . 
D 4 HOH 112 2112 2112 HOH HOH A . 
# 
_pdbx_struct_assembly.id                   1 
_pdbx_struct_assembly.details              author_and_software_defined_assembly 
_pdbx_struct_assembly.method_details       PISA 
_pdbx_struct_assembly.oligomeric_details   monomeric 
_pdbx_struct_assembly.oligomeric_count     1 
# 
_pdbx_struct_assembly_gen.assembly_id       1 
_pdbx_struct_assembly_gen.oper_expression   1 
_pdbx_struct_assembly_gen.asym_id_list      A,B,C,D 
# 
_pdbx_struct_oper_list.id                   1 
_pdbx_struct_oper_list.type                 'identity operation' 
_pdbx_struct_oper_list.name                 1_555 
_pdbx_struct_oper_list.symmetry_operation   x,y,z 
_pdbx_struct_oper_list.matrix[1][1]         1.0000000000 
_pdbx_struct_oper_list.matrix[1][2]         0.0000000000 
_pdbx_struct_oper_list.matrix[1][3]         0.0000000000 
_pdbx_struct_oper_list.vector[1]            0.0000000000 
_pdbx_struct_oper_list.matrix[2][1]         0.0000000000 
_pdbx_struct_oper_list.matrix[2][2]         1.0000000000 
_pdbx_struct_oper_list.matrix[2][3]         0.0000000000 
_pdbx_struct_oper_list.vector[2]            0.0000000000 
_pdbx_struct_oper_list.matrix[3][1]         0.0000000000 
_pdbx_struct_oper_list.matrix[3][2]         0.0000000000 
_pdbx_struct_oper_list.matrix[3][3]         1.0000000000 
_pdbx_struct_oper_list.vector[3]            0.0000000000 
# 
loop_
_pdbx_audit_revision_history.ordinal 
_pdbx_audit_revision_history.data_content_type 
_pdbx_audit_revision_history.major_revision 
_pdbx_audit_revision_history.minor_revision 
_pdbx_audit_revision_history.revision_date 
1 'Structure model' 1 0 2008-05-13 
2 'Structure model' 1 1 2011-07-13 
3 'Structure model' 1 2 2023-12-13 
# 
_pdbx_audit_revision_details.ordinal             1 
_pdbx_audit_revision_details.revision_ordinal    1 
_pdbx_audit_revision_details.data_content_type   'Structure model' 
_pdbx_audit_revision_details.provider            repository 
_pdbx_audit_revision_details.type                'Initial release' 
_pdbx_audit_revision_details.description         ? 
_pdbx_audit_revision_details.details             ? 
# 
loop_
_pdbx_audit_revision_group.ordinal 
_pdbx_audit_revision_group.revision_ordinal 
_pdbx_audit_revision_group.data_content_type 
_pdbx_audit_revision_group.group 
1 2 'Structure model' Advisory                    
2 2 'Structure model' 'Refinement description'    
3 2 'Structure model' 'Version format compliance' 
4 3 'Structure model' 'Data collection'           
5 3 'Structure model' 'Database references'       
6 3 'Structure model' Other                       
7 3 'Structure model' 'Refinement description'    
# 
loop_
_pdbx_audit_revision_category.ordinal 
_pdbx_audit_revision_category.revision_ordinal 
_pdbx_audit_revision_category.data_content_type 
_pdbx_audit_revision_category.category 
1 3 'Structure model' chem_comp_atom                
2 3 'Structure model' chem_comp_bond                
3 3 'Structure model' database_2                    
4 3 'Structure model' pdbx_database_status          
5 3 'Structure model' pdbx_initial_refinement_model 
# 
loop_
_pdbx_audit_revision_item.ordinal 
_pdbx_audit_revision_item.revision_ordinal 
_pdbx_audit_revision_item.data_content_type 
_pdbx_audit_revision_item.item 
1 3 'Structure model' '_database_2.pdbx_DOI'                 
2 3 'Structure model' '_database_2.pdbx_database_accession'  
3 3 'Structure model' '_pdbx_database_status.status_code_sf' 
# 
loop_
_pdbx_refine_tls.pdbx_refine_id 
_pdbx_refine_tls.id 
_pdbx_refine_tls.details 
_pdbx_refine_tls.method 
_pdbx_refine_tls.origin_x 
_pdbx_refine_tls.origin_y 
_pdbx_refine_tls.origin_z 
_pdbx_refine_tls.T[1][1] 
_pdbx_refine_tls.T[2][2] 
_pdbx_refine_tls.T[3][3] 
_pdbx_refine_tls.T[1][2] 
_pdbx_refine_tls.T[1][3] 
_pdbx_refine_tls.T[2][3] 
_pdbx_refine_tls.L[1][1] 
_pdbx_refine_tls.L[2][2] 
_pdbx_refine_tls.L[3][3] 
_pdbx_refine_tls.L[1][2] 
_pdbx_refine_tls.L[1][3] 
_pdbx_refine_tls.L[2][3] 
_pdbx_refine_tls.S[1][1] 
_pdbx_refine_tls.S[1][2] 
_pdbx_refine_tls.S[1][3] 
_pdbx_refine_tls.S[2][1] 
_pdbx_refine_tls.S[2][2] 
_pdbx_refine_tls.S[2][3] 
_pdbx_refine_tls.S[3][1] 
_pdbx_refine_tls.S[3][2] 
_pdbx_refine_tls.S[3][3] 
'X-RAY DIFFRACTION' 1 ? refined -0.2500 -0.5215 0.0815  0.0269 0.0412 0.0486 -0.0053 0.0050 0.0016 0.8632 0.7332 0.6837 -0.1916 -0.0872 0.4141 0.0003 -0.0281 -0.0629 -0.0437 0.0017 0.0369 0.0038  -0.0382 -0.0020 
'X-RAY DIFFRACTION' 2 ? refined 0.5358  0.8398  -2.7657 0.0030 0.0107 0.0496 0.0055  0.0035 0.0113 0.4834 0.7884 0.4967 0.1094  0.4162  0.1590 0.0199 0.0013  0.0118  -0.0595 0.0099 0.0657 -0.0127 0.0090  -0.0298 
# 
loop_
_pdbx_refine_tls_group.pdbx_refine_id 
_pdbx_refine_tls_group.id 
_pdbx_refine_tls_group.refine_tls_id 
_pdbx_refine_tls_group.beg_auth_asym_id 
_pdbx_refine_tls_group.beg_auth_seq_id 
_pdbx_refine_tls_group.beg_label_asym_id 
_pdbx_refine_tls_group.beg_label_seq_id 
_pdbx_refine_tls_group.end_auth_asym_id 
_pdbx_refine_tls_group.end_auth_seq_id 
_pdbx_refine_tls_group.end_label_asym_id 
_pdbx_refine_tls_group.end_label_seq_id 
_pdbx_refine_tls_group.selection 
_pdbx_refine_tls_group.selection_details 
'X-RAY DIFFRACTION' 1 1 A 414 ? ? A 466 ? ? ? ? 
'X-RAY DIFFRACTION' 2 1 A 472 ? ? A 487 ? ? ? ? 
'X-RAY DIFFRACTION' 3 1 A 494 ? ? A 543 ? ? ? ? 
'X-RAY DIFFRACTION' 4 2 A 410 ? ? A 413 ? ? ? ? 
'X-RAY DIFFRACTION' 5 2 A 467 ? ? A 471 ? ? ? ? 
'X-RAY DIFFRACTION' 6 2 A 544 ? ? A 549 ? ? ? ? 
'X-RAY DIFFRACTION' 7 2 A 488 ? ? A 493 ? ? ? ? 
# 
loop_
_software.name 
_software.classification 
_software.version 
_software.citation_id 
_software.pdbx_ordinal 
REFMAC    refinement       5.1.24 ? 1 
DENZO     'data reduction' .      ? 2 
SCALEPACK 'data scaling'   .      ? 3 
AMoRE     phasing          .      ? 4 
# 
_pdbx_database_remark.id     700 
_pdbx_database_remark.text   
;
SHEET
THE SHEET STRUCTURE OF THIS MOLECULE IS BIFURCATED. IN
ORDER TO REPRESENT THIS FEATURE IN THE SHEET RECORDS BELOW,
TWO SHEETS ARE DEFINED.
;
# 
_pdbx_entry_details.entry_id                 2VKI 
_pdbx_entry_details.compound_details         'ENGINEERED RESIDUE IN CHAIN A, LYS 465 TO GLU' 
_pdbx_entry_details.source_details           ? 
_pdbx_entry_details.nonpolymer_details       ? 
_pdbx_entry_details.sequence_details         'POINT MUTATION K465E' 
_pdbx_entry_details.has_ligand_of_interest   ? 
# 
loop_
_pdbx_validate_rmsd_angle.id 
_pdbx_validate_rmsd_angle.PDB_model_num 
_pdbx_validate_rmsd_angle.auth_atom_id_1 
_pdbx_validate_rmsd_angle.auth_asym_id_1 
_pdbx_validate_rmsd_angle.auth_comp_id_1 
_pdbx_validate_rmsd_angle.auth_seq_id_1 
_pdbx_validate_rmsd_angle.PDB_ins_code_1 
_pdbx_validate_rmsd_angle.label_alt_id_1 
_pdbx_validate_rmsd_angle.auth_atom_id_2 
_pdbx_validate_rmsd_angle.auth_asym_id_2 
_pdbx_validate_rmsd_angle.auth_comp_id_2 
_pdbx_validate_rmsd_angle.auth_seq_id_2 
_pdbx_validate_rmsd_angle.PDB_ins_code_2 
_pdbx_validate_rmsd_angle.label_alt_id_2 
_pdbx_validate_rmsd_angle.auth_atom_id_3 
_pdbx_validate_rmsd_angle.auth_asym_id_3 
_pdbx_validate_rmsd_angle.auth_comp_id_3 
_pdbx_validate_rmsd_angle.auth_seq_id_3 
_pdbx_validate_rmsd_angle.PDB_ins_code_3 
_pdbx_validate_rmsd_angle.label_alt_id_3 
_pdbx_validate_rmsd_angle.angle_value 
_pdbx_validate_rmsd_angle.angle_target_value 
_pdbx_validate_rmsd_angle.angle_deviation 
_pdbx_validate_rmsd_angle.angle_standard_deviation 
_pdbx_validate_rmsd_angle.linker_flag 
1 1 CB A ASP 464 ? ? CG A ASP 464 ? ? OD1 A ASP 464 ? ? 123.72 118.30 5.42  0.90 N 
2 1 NE A ARG 472 ? ? CZ A ARG 472 ? ? NH2 A ARG 472 ? ? 116.70 120.30 -3.60 0.50 N 
# 
loop_
_pdbx_validate_torsion.id 
_pdbx_validate_torsion.PDB_model_num 
_pdbx_validate_torsion.auth_comp_id 
_pdbx_validate_torsion.auth_asym_id 
_pdbx_validate_torsion.auth_seq_id 
_pdbx_validate_torsion.PDB_ins_code 
_pdbx_validate_torsion.label_alt_id 
_pdbx_validate_torsion.phi 
_pdbx_validate_torsion.psi 
1 1 GLN A 429 ? ? -99.73 52.95  
2 1 GLU A 480 ? ? -39.20 143.53 
3 1 GLN A 548 ? ? 121.69 -70.98 
# 
loop_
_pdbx_unobs_or_zero_occ_atoms.id 
_pdbx_unobs_or_zero_occ_atoms.PDB_model_num 
_pdbx_unobs_or_zero_occ_atoms.polymer_flag 
_pdbx_unobs_or_zero_occ_atoms.occupancy_flag 
_pdbx_unobs_or_zero_occ_atoms.auth_asym_id 
_pdbx_unobs_or_zero_occ_atoms.auth_comp_id 
_pdbx_unobs_or_zero_occ_atoms.auth_seq_id 
_pdbx_unobs_or_zero_occ_atoms.PDB_ins_code 
_pdbx_unobs_or_zero_occ_atoms.auth_atom_id 
_pdbx_unobs_or_zero_occ_atoms.label_alt_id 
_pdbx_unobs_or_zero_occ_atoms.label_asym_id 
_pdbx_unobs_or_zero_occ_atoms.label_comp_id 
_pdbx_unobs_or_zero_occ_atoms.label_seq_id 
_pdbx_unobs_or_zero_occ_atoms.label_atom_id 
1  1 Y 1 A GLN 429 ? CG  ? A GLN 21  CG  
2  1 Y 1 A GLN 429 ? CD  ? A GLN 21  CD  
3  1 Y 1 A GLN 429 ? OE1 ? A GLN 21  OE1 
4  1 Y 1 A GLN 429 ? NE2 ? A GLN 21  NE2 
5  1 Y 1 A GLN 548 ? CG  ? A GLN 140 CG  
6  1 Y 1 A GLN 548 ? CD  ? A GLN 140 CD  
7  1 Y 1 A GLN 548 ? OE1 ? A GLN 140 OE1 
8  1 Y 1 A GLN 548 ? NE2 ? A GLN 140 NE2 
9  1 Y 1 A SER 549 ? CA  ? A SER 141 CA  
10 1 Y 1 A SER 549 ? C   ? A SER 141 C   
11 1 Y 1 A SER 549 ? O   ? A SER 141 O   
12 1 Y 1 A SER 549 ? CB  ? A SER 141 CB  
13 1 Y 1 A SER 549 ? OG  ? A SER 141 OG  
# 
loop_
_pdbx_unobs_or_zero_occ_residues.id 
_pdbx_unobs_or_zero_occ_residues.PDB_model_num 
_pdbx_unobs_or_zero_occ_residues.polymer_flag 
_pdbx_unobs_or_zero_occ_residues.occupancy_flag 
_pdbx_unobs_or_zero_occ_residues.auth_asym_id 
_pdbx_unobs_or_zero_occ_residues.auth_comp_id 
_pdbx_unobs_or_zero_occ_residues.auth_seq_id 
_pdbx_unobs_or_zero_occ_residues.PDB_ins_code 
_pdbx_unobs_or_zero_occ_residues.label_asym_id 
_pdbx_unobs_or_zero_occ_residues.label_comp_id 
_pdbx_unobs_or_zero_occ_residues.label_seq_id 
1 1 Y 1 A GLY 409 ? A GLY 1   
2 1 Y 1 A HIS 550 ? A HIS 142 
3 1 Y 1 A PRO 551 ? A PRO 143 
4 1 Y 1 A ASP 552 ? A ASP 144 
5 1 Y 1 A ALA 553 ? A ALA 145 
6 1 Y 1 A ALA 554 ? A ALA 146 
7 1 Y 1 A VAL 555 ? A VAL 147 
8 1 Y 1 A GLN 556 ? A GLN 148 
# 
loop_
_chem_comp_atom.comp_id 
_chem_comp_atom.atom_id 
_chem_comp_atom.type_symbol 
_chem_comp_atom.pdbx_aromatic_flag 
_chem_comp_atom.pdbx_stereo_config 
_chem_comp_atom.pdbx_ordinal 
ALA N    N N N 1   
ALA CA   C N S 2   
ALA C    C N N 3   
ALA O    O N N 4   
ALA CB   C N N 5   
ALA OXT  O N N 6   
ALA H    H N N 7   
ALA H2   H N N 8   
ALA HA   H N N 9   
ALA HB1  H N N 10  
ALA HB2  H N N 11  
ALA HB3  H N N 12  
ALA HXT  H N N 13  
ARG N    N N N 14  
ARG CA   C N S 15  
ARG C    C N N 16  
ARG O    O N N 17  
ARG CB   C N N 18  
ARG CG   C N N 19  
ARG CD   C N N 20  
ARG NE   N N N 21  
ARG CZ   C N N 22  
ARG NH1  N N N 23  
ARG NH2  N N N 24  
ARG OXT  O N N 25  
ARG H    H N N 26  
ARG H2   H N N 27  
ARG HA   H N N 28  
ARG HB2  H N N 29  
ARG HB3  H N N 30  
ARG HG2  H N N 31  
ARG HG3  H N N 32  
ARG HD2  H N N 33  
ARG HD3  H N N 34  
ARG HE   H N N 35  
ARG HH11 H N N 36  
ARG HH12 H N N 37  
ARG HH21 H N N 38  
ARG HH22 H N N 39  
ARG HXT  H N N 40  
ASN N    N N N 41  
ASN CA   C N S 42  
ASN C    C N N 43  
ASN O    O N N 44  
ASN CB   C N N 45  
ASN CG   C N N 46  
ASN OD1  O N N 47  
ASN ND2  N N N 48  
ASN OXT  O N N 49  
ASN H    H N N 50  
ASN H2   H N N 51  
ASN HA   H N N 52  
ASN HB2  H N N 53  
ASN HB3  H N N 54  
ASN HD21 H N N 55  
ASN HD22 H N N 56  
ASN HXT  H N N 57  
ASP N    N N N 58  
ASP CA   C N S 59  
ASP C    C N N 60  
ASP O    O N N 61  
ASP CB   C N N 62  
ASP CG   C N N 63  
ASP OD1  O N N 64  
ASP OD2  O N N 65  
ASP OXT  O N N 66  
ASP H    H N N 67  
ASP H2   H N N 68  
ASP HA   H N N 69  
ASP HB2  H N N 70  
ASP HB3  H N N 71  
ASP HD2  H N N 72  
ASP HXT  H N N 73  
CYS N    N N N 74  
CYS CA   C N R 75  
CYS C    C N N 76  
CYS O    O N N 77  
CYS CB   C N N 78  
CYS SG   S N N 79  
CYS OXT  O N N 80  
CYS H    H N N 81  
CYS H2   H N N 82  
CYS HA   H N N 83  
CYS HB2  H N N 84  
CYS HB3  H N N 85  
CYS HG   H N N 86  
CYS HXT  H N N 87  
GLN N    N N N 88  
GLN CA   C N S 89  
GLN C    C N N 90  
GLN O    O N N 91  
GLN CB   C N N 92  
GLN CG   C N N 93  
GLN CD   C N N 94  
GLN OE1  O N N 95  
GLN NE2  N N N 96  
GLN OXT  O N N 97  
GLN H    H N N 98  
GLN H2   H N N 99  
GLN HA   H N N 100 
GLN HB2  H N N 101 
GLN HB3  H N N 102 
GLN HG2  H N N 103 
GLN HG3  H N N 104 
GLN HE21 H N N 105 
GLN HE22 H N N 106 
GLN HXT  H N N 107 
GLU N    N N N 108 
GLU CA   C N S 109 
GLU C    C N N 110 
GLU O    O N N 111 
GLU CB   C N N 112 
GLU CG   C N N 113 
GLU CD   C N N 114 
GLU OE1  O N N 115 
GLU OE2  O N N 116 
GLU OXT  O N N 117 
GLU H    H N N 118 
GLU H2   H N N 119 
GLU HA   H N N 120 
GLU HB2  H N N 121 
GLU HB3  H N N 122 
GLU HG2  H N N 123 
GLU HG3  H N N 124 
GLU HE2  H N N 125 
GLU HXT  H N N 126 
GLY N    N N N 127 
GLY CA   C N N 128 
GLY C    C N N 129 
GLY O    O N N 130 
GLY OXT  O N N 131 
GLY H    H N N 132 
GLY H2   H N N 133 
GLY HA2  H N N 134 
GLY HA3  H N N 135 
GLY HXT  H N N 136 
GOL C1   C N N 137 
GOL O1   O N N 138 
GOL C2   C N N 139 
GOL O2   O N N 140 
GOL C3   C N N 141 
GOL O3   O N N 142 
GOL H11  H N N 143 
GOL H12  H N N 144 
GOL HO1  H N N 145 
GOL H2   H N N 146 
GOL HO2  H N N 147 
GOL H31  H N N 148 
GOL H32  H N N 149 
GOL HO3  H N N 150 
HIS N    N N N 151 
HIS CA   C N S 152 
HIS C    C N N 153 
HIS O    O N N 154 
HIS CB   C N N 155 
HIS CG   C Y N 156 
HIS ND1  N Y N 157 
HIS CD2  C Y N 158 
HIS CE1  C Y N 159 
HIS NE2  N Y N 160 
HIS OXT  O N N 161 
HIS H    H N N 162 
HIS H2   H N N 163 
HIS HA   H N N 164 
HIS HB2  H N N 165 
HIS HB3  H N N 166 
HIS HD1  H N N 167 
HIS HD2  H N N 168 
HIS HE1  H N N 169 
HIS HE2  H N N 170 
HIS HXT  H N N 171 
HOH O    O N N 172 
HOH H1   H N N 173 
HOH H2   H N N 174 
ILE N    N N N 175 
ILE CA   C N S 176 
ILE C    C N N 177 
ILE O    O N N 178 
ILE CB   C N S 179 
ILE CG1  C N N 180 
ILE CG2  C N N 181 
ILE CD1  C N N 182 
ILE OXT  O N N 183 
ILE H    H N N 184 
ILE H2   H N N 185 
ILE HA   H N N 186 
ILE HB   H N N 187 
ILE HG12 H N N 188 
ILE HG13 H N N 189 
ILE HG21 H N N 190 
ILE HG22 H N N 191 
ILE HG23 H N N 192 
ILE HD11 H N N 193 
ILE HD12 H N N 194 
ILE HD13 H N N 195 
ILE HXT  H N N 196 
LEU N    N N N 197 
LEU CA   C N S 198 
LEU C    C N N 199 
LEU O    O N N 200 
LEU CB   C N N 201 
LEU CG   C N N 202 
LEU CD1  C N N 203 
LEU CD2  C N N 204 
LEU OXT  O N N 205 
LEU H    H N N 206 
LEU H2   H N N 207 
LEU HA   H N N 208 
LEU HB2  H N N 209 
LEU HB3  H N N 210 
LEU HG   H N N 211 
LEU HD11 H N N 212 
LEU HD12 H N N 213 
LEU HD13 H N N 214 
LEU HD21 H N N 215 
LEU HD22 H N N 216 
LEU HD23 H N N 217 
LEU HXT  H N N 218 
LYS N    N N N 219 
LYS CA   C N S 220 
LYS C    C N N 221 
LYS O    O N N 222 
LYS CB   C N N 223 
LYS CG   C N N 224 
LYS CD   C N N 225 
LYS CE   C N N 226 
LYS NZ   N N N 227 
LYS OXT  O N N 228 
LYS H    H N N 229 
LYS H2   H N N 230 
LYS HA   H N N 231 
LYS HB2  H N N 232 
LYS HB3  H N N 233 
LYS HG2  H N N 234 
LYS HG3  H N N 235 
LYS HD2  H N N 236 
LYS HD3  H N N 237 
LYS HE2  H N N 238 
LYS HE3  H N N 239 
LYS HZ1  H N N 240 
LYS HZ2  H N N 241 
LYS HZ3  H N N 242 
LYS HXT  H N N 243 
MET N    N N N 244 
MET CA   C N S 245 
MET C    C N N 246 
MET O    O N N 247 
MET CB   C N N 248 
MET CG   C N N 249 
MET SD   S N N 250 
MET CE   C N N 251 
MET OXT  O N N 252 
MET H    H N N 253 
MET H2   H N N 254 
MET HA   H N N 255 
MET HB2  H N N 256 
MET HB3  H N N 257 
MET HG2  H N N 258 
MET HG3  H N N 259 
MET HE1  H N N 260 
MET HE2  H N N 261 
MET HE3  H N N 262 
MET HXT  H N N 263 
PHE N    N N N 264 
PHE CA   C N S 265 
PHE C    C N N 266 
PHE O    O N N 267 
PHE CB   C N N 268 
PHE CG   C Y N 269 
PHE CD1  C Y N 270 
PHE CD2  C Y N 271 
PHE CE1  C Y N 272 
PHE CE2  C Y N 273 
PHE CZ   C Y N 274 
PHE OXT  O N N 275 
PHE H    H N N 276 
PHE H2   H N N 277 
PHE HA   H N N 278 
PHE HB2  H N N 279 
PHE HB3  H N N 280 
PHE HD1  H N N 281 
PHE HD2  H N N 282 
PHE HE1  H N N 283 
PHE HE2  H N N 284 
PHE HZ   H N N 285 
PHE HXT  H N N 286 
PRO N    N N N 287 
PRO CA   C N S 288 
PRO C    C N N 289 
PRO O    O N N 290 
PRO CB   C N N 291 
PRO CG   C N N 292 
PRO CD   C N N 293 
PRO OXT  O N N 294 
PRO H    H N N 295 
PRO HA   H N N 296 
PRO HB2  H N N 297 
PRO HB3  H N N 298 
PRO HG2  H N N 299 
PRO HG3  H N N 300 
PRO HD2  H N N 301 
PRO HD3  H N N 302 
PRO HXT  H N N 303 
SER N    N N N 304 
SER CA   C N S 305 
SER C    C N N 306 
SER O    O N N 307 
SER CB   C N N 308 
SER OG   O N N 309 
SER OXT  O N N 310 
SER H    H N N 311 
SER H2   H N N 312 
SER HA   H N N 313 
SER HB2  H N N 314 
SER HB3  H N N 315 
SER HG   H N N 316 
SER HXT  H N N 317 
SO4 S    S N N 318 
SO4 O1   O N N 319 
SO4 O2   O N N 320 
SO4 O3   O N N 321 
SO4 O4   O N N 322 
THR N    N N N 323 
THR CA   C N S 324 
THR C    C N N 325 
THR O    O N N 326 
THR CB   C N R 327 
THR OG1  O N N 328 
THR CG2  C N N 329 
THR OXT  O N N 330 
THR H    H N N 331 
THR H2   H N N 332 
THR HA   H N N 333 
THR HB   H N N 334 
THR HG1  H N N 335 
THR HG21 H N N 336 
THR HG22 H N N 337 
THR HG23 H N N 338 
THR HXT  H N N 339 
TRP N    N N N 340 
TRP CA   C N S 341 
TRP C    C N N 342 
TRP O    O N N 343 
TRP CB   C N N 344 
TRP CG   C Y N 345 
TRP CD1  C Y N 346 
TRP CD2  C Y N 347 
TRP NE1  N Y N 348 
TRP CE2  C Y N 349 
TRP CE3  C Y N 350 
TRP CZ2  C Y N 351 
TRP CZ3  C Y N 352 
TRP CH2  C Y N 353 
TRP OXT  O N N 354 
TRP H    H N N 355 
TRP H2   H N N 356 
TRP HA   H N N 357 
TRP HB2  H N N 358 
TRP HB3  H N N 359 
TRP HD1  H N N 360 
TRP HE1  H N N 361 
TRP HE3  H N N 362 
TRP HZ2  H N N 363 
TRP HZ3  H N N 364 
TRP HH2  H N N 365 
TRP HXT  H N N 366 
TYR N    N N N 367 
TYR CA   C N S 368 
TYR C    C N N 369 
TYR O    O N N 370 
TYR CB   C N N 371 
TYR CG   C Y N 372 
TYR CD1  C Y N 373 
TYR CD2  C Y N 374 
TYR CE1  C Y N 375 
TYR CE2  C Y N 376 
TYR CZ   C Y N 377 
TYR OH   O N N 378 
TYR OXT  O N N 379 
TYR H    H N N 380 
TYR H2   H N N 381 
TYR HA   H N N 382 
TYR HB2  H N N 383 
TYR HB3  H N N 384 
TYR HD1  H N N 385 
TYR HD2  H N N 386 
TYR HE1  H N N 387 
TYR HE2  H N N 388 
TYR HH   H N N 389 
TYR HXT  H N N 390 
VAL N    N N N 391 
VAL CA   C N S 392 
VAL C    C N N 393 
VAL O    O N N 394 
VAL CB   C N N 395 
VAL CG1  C N N 396 
VAL CG2  C N N 397 
VAL OXT  O N N 398 
VAL H    H N N 399 
VAL H2   H N N 400 
VAL HA   H N N 401 
VAL HB   H N N 402 
VAL HG11 H N N 403 
VAL HG12 H N N 404 
VAL HG13 H N N 405 
VAL HG21 H N N 406 
VAL HG22 H N N 407 
VAL HG23 H N N 408 
VAL HXT  H N N 409 
# 
loop_
_chem_comp_bond.comp_id 
_chem_comp_bond.atom_id_1 
_chem_comp_bond.atom_id_2 
_chem_comp_bond.value_order 
_chem_comp_bond.pdbx_aromatic_flag 
_chem_comp_bond.pdbx_stereo_config 
_chem_comp_bond.pdbx_ordinal 
ALA N   CA   sing N N 1   
ALA N   H    sing N N 2   
ALA N   H2   sing N N 3   
ALA CA  C    sing N N 4   
ALA CA  CB   sing N N 5   
ALA CA  HA   sing N N 6   
ALA C   O    doub N N 7   
ALA C   OXT  sing N N 8   
ALA CB  HB1  sing N N 9   
ALA CB  HB2  sing N N 10  
ALA CB  HB3  sing N N 11  
ALA OXT HXT  sing N N 12  
ARG N   CA   sing N N 13  
ARG N   H    sing N N 14  
ARG N   H2   sing N N 15  
ARG CA  C    sing N N 16  
ARG CA  CB   sing N N 17  
ARG CA  HA   sing N N 18  
ARG C   O    doub N N 19  
ARG C   OXT  sing N N 20  
ARG CB  CG   sing N N 21  
ARG CB  HB2  sing N N 22  
ARG CB  HB3  sing N N 23  
ARG CG  CD   sing N N 24  
ARG CG  HG2  sing N N 25  
ARG CG  HG3  sing N N 26  
ARG CD  NE   sing N N 27  
ARG CD  HD2  sing N N 28  
ARG CD  HD3  sing N N 29  
ARG NE  CZ   sing N N 30  
ARG NE  HE   sing N N 31  
ARG CZ  NH1  sing N N 32  
ARG CZ  NH2  doub N N 33  
ARG NH1 HH11 sing N N 34  
ARG NH1 HH12 sing N N 35  
ARG NH2 HH21 sing N N 36  
ARG NH2 HH22 sing N N 37  
ARG OXT HXT  sing N N 38  
ASN N   CA   sing N N 39  
ASN N   H    sing N N 40  
ASN N   H2   sing N N 41  
ASN CA  C    sing N N 42  
ASN CA  CB   sing N N 43  
ASN CA  HA   sing N N 44  
ASN C   O    doub N N 45  
ASN C   OXT  sing N N 46  
ASN CB  CG   sing N N 47  
ASN CB  HB2  sing N N 48  
ASN CB  HB3  sing N N 49  
ASN CG  OD1  doub N N 50  
ASN CG  ND2  sing N N 51  
ASN ND2 HD21 sing N N 52  
ASN ND2 HD22 sing N N 53  
ASN OXT HXT  sing N N 54  
ASP N   CA   sing N N 55  
ASP N   H    sing N N 56  
ASP N   H2   sing N N 57  
ASP CA  C    sing N N 58  
ASP CA  CB   sing N N 59  
ASP CA  HA   sing N N 60  
ASP C   O    doub N N 61  
ASP C   OXT  sing N N 62  
ASP CB  CG   sing N N 63  
ASP CB  HB2  sing N N 64  
ASP CB  HB3  sing N N 65  
ASP CG  OD1  doub N N 66  
ASP CG  OD2  sing N N 67  
ASP OD2 HD2  sing N N 68  
ASP OXT HXT  sing N N 69  
CYS N   CA   sing N N 70  
CYS N   H    sing N N 71  
CYS N   H2   sing N N 72  
CYS CA  C    sing N N 73  
CYS CA  CB   sing N N 74  
CYS CA  HA   sing N N 75  
CYS C   O    doub N N 76  
CYS C   OXT  sing N N 77  
CYS CB  SG   sing N N 78  
CYS CB  HB2  sing N N 79  
CYS CB  HB3  sing N N 80  
CYS SG  HG   sing N N 81  
CYS OXT HXT  sing N N 82  
GLN N   CA   sing N N 83  
GLN N   H    sing N N 84  
GLN N   H2   sing N N 85  
GLN CA  C    sing N N 86  
GLN CA  CB   sing N N 87  
GLN CA  HA   sing N N 88  
GLN C   O    doub N N 89  
GLN C   OXT  sing N N 90  
GLN CB  CG   sing N N 91  
GLN CB  HB2  sing N N 92  
GLN CB  HB3  sing N N 93  
GLN CG  CD   sing N N 94  
GLN CG  HG2  sing N N 95  
GLN CG  HG3  sing N N 96  
GLN CD  OE1  doub N N 97  
GLN CD  NE2  sing N N 98  
GLN NE2 HE21 sing N N 99  
GLN NE2 HE22 sing N N 100 
GLN OXT HXT  sing N N 101 
GLU N   CA   sing N N 102 
GLU N   H    sing N N 103 
GLU N   H2   sing N N 104 
GLU CA  C    sing N N 105 
GLU CA  CB   sing N N 106 
GLU CA  HA   sing N N 107 
GLU C   O    doub N N 108 
GLU C   OXT  sing N N 109 
GLU CB  CG   sing N N 110 
GLU CB  HB2  sing N N 111 
GLU CB  HB3  sing N N 112 
GLU CG  CD   sing N N 113 
GLU CG  HG2  sing N N 114 
GLU CG  HG3  sing N N 115 
GLU CD  OE1  doub N N 116 
GLU CD  OE2  sing N N 117 
GLU OE2 HE2  sing N N 118 
GLU OXT HXT  sing N N 119 
GLY N   CA   sing N N 120 
GLY N   H    sing N N 121 
GLY N   H2   sing N N 122 
GLY CA  C    sing N N 123 
GLY CA  HA2  sing N N 124 
GLY CA  HA3  sing N N 125 
GLY C   O    doub N N 126 
GLY C   OXT  sing N N 127 
GLY OXT HXT  sing N N 128 
GOL C1  O1   sing N N 129 
GOL C1  C2   sing N N 130 
GOL C1  H11  sing N N 131 
GOL C1  H12  sing N N 132 
GOL O1  HO1  sing N N 133 
GOL C2  O2   sing N N 134 
GOL C2  C3   sing N N 135 
GOL C2  H2   sing N N 136 
GOL O2  HO2  sing N N 137 
GOL C3  O3   sing N N 138 
GOL C3  H31  sing N N 139 
GOL C3  H32  sing N N 140 
GOL O3  HO3  sing N N 141 
HIS N   CA   sing N N 142 
HIS N   H    sing N N 143 
HIS N   H2   sing N N 144 
HIS CA  C    sing N N 145 
HIS CA  CB   sing N N 146 
HIS CA  HA   sing N N 147 
HIS C   O    doub N N 148 
HIS C   OXT  sing N N 149 
HIS CB  CG   sing N N 150 
HIS CB  HB2  sing N N 151 
HIS CB  HB3  sing N N 152 
HIS CG  ND1  sing Y N 153 
HIS CG  CD2  doub Y N 154 
HIS ND1 CE1  doub Y N 155 
HIS ND1 HD1  sing N N 156 
HIS CD2 NE2  sing Y N 157 
HIS CD2 HD2  sing N N 158 
HIS CE1 NE2  sing Y N 159 
HIS CE1 HE1  sing N N 160 
HIS NE2 HE2  sing N N 161 
HIS OXT HXT  sing N N 162 
HOH O   H1   sing N N 163 
HOH O   H2   sing N N 164 
ILE N   CA   sing N N 165 
ILE N   H    sing N N 166 
ILE N   H2   sing N N 167 
ILE CA  C    sing N N 168 
ILE CA  CB   sing N N 169 
ILE CA  HA   sing N N 170 
ILE C   O    doub N N 171 
ILE C   OXT  sing N N 172 
ILE CB  CG1  sing N N 173 
ILE CB  CG2  sing N N 174 
ILE CB  HB   sing N N 175 
ILE CG1 CD1  sing N N 176 
ILE CG1 HG12 sing N N 177 
ILE CG1 HG13 sing N N 178 
ILE CG2 HG21 sing N N 179 
ILE CG2 HG22 sing N N 180 
ILE CG2 HG23 sing N N 181 
ILE CD1 HD11 sing N N 182 
ILE CD1 HD12 sing N N 183 
ILE CD1 HD13 sing N N 184 
ILE OXT HXT  sing N N 185 
LEU N   CA   sing N N 186 
LEU N   H    sing N N 187 
LEU N   H2   sing N N 188 
LEU CA  C    sing N N 189 
LEU CA  CB   sing N N 190 
LEU CA  HA   sing N N 191 
LEU C   O    doub N N 192 
LEU C   OXT  sing N N 193 
LEU CB  CG   sing N N 194 
LEU CB  HB2  sing N N 195 
LEU CB  HB3  sing N N 196 
LEU CG  CD1  sing N N 197 
LEU CG  CD2  sing N N 198 
LEU CG  HG   sing N N 199 
LEU CD1 HD11 sing N N 200 
LEU CD1 HD12 sing N N 201 
LEU CD1 HD13 sing N N 202 
LEU CD2 HD21 sing N N 203 
LEU CD2 HD22 sing N N 204 
LEU CD2 HD23 sing N N 205 
LEU OXT HXT  sing N N 206 
LYS N   CA   sing N N 207 
LYS N   H    sing N N 208 
LYS N   H2   sing N N 209 
LYS CA  C    sing N N 210 
LYS CA  CB   sing N N 211 
LYS CA  HA   sing N N 212 
LYS C   O    doub N N 213 
LYS C   OXT  sing N N 214 
LYS CB  CG   sing N N 215 
LYS CB  HB2  sing N N 216 
LYS CB  HB3  sing N N 217 
LYS CG  CD   sing N N 218 
LYS CG  HG2  sing N N 219 
LYS CG  HG3  sing N N 220 
LYS CD  CE   sing N N 221 
LYS CD  HD2  sing N N 222 
LYS CD  HD3  sing N N 223 
LYS CE  NZ   sing N N 224 
LYS CE  HE2  sing N N 225 
LYS CE  HE3  sing N N 226 
LYS NZ  HZ1  sing N N 227 
LYS NZ  HZ2  sing N N 228 
LYS NZ  HZ3  sing N N 229 
LYS OXT HXT  sing N N 230 
MET N   CA   sing N N 231 
MET N   H    sing N N 232 
MET N   H2   sing N N 233 
MET CA  C    sing N N 234 
MET CA  CB   sing N N 235 
MET CA  HA   sing N N 236 
MET C   O    doub N N 237 
MET C   OXT  sing N N 238 
MET CB  CG   sing N N 239 
MET CB  HB2  sing N N 240 
MET CB  HB3  sing N N 241 
MET CG  SD   sing N N 242 
MET CG  HG2  sing N N 243 
MET CG  HG3  sing N N 244 
MET SD  CE   sing N N 245 
MET CE  HE1  sing N N 246 
MET CE  HE2  sing N N 247 
MET CE  HE3  sing N N 248 
MET OXT HXT  sing N N 249 
PHE N   CA   sing N N 250 
PHE N   H    sing N N 251 
PHE N   H2   sing N N 252 
PHE CA  C    sing N N 253 
PHE CA  CB   sing N N 254 
PHE CA  HA   sing N N 255 
PHE C   O    doub N N 256 
PHE C   OXT  sing N N 257 
PHE CB  CG   sing N N 258 
PHE CB  HB2  sing N N 259 
PHE CB  HB3  sing N N 260 
PHE CG  CD1  doub Y N 261 
PHE CG  CD2  sing Y N 262 
PHE CD1 CE1  sing Y N 263 
PHE CD1 HD1  sing N N 264 
PHE CD2 CE2  doub Y N 265 
PHE CD2 HD2  sing N N 266 
PHE CE1 CZ   doub Y N 267 
PHE CE1 HE1  sing N N 268 
PHE CE2 CZ   sing Y N 269 
PHE CE2 HE2  sing N N 270 
PHE CZ  HZ   sing N N 271 
PHE OXT HXT  sing N N 272 
PRO N   CA   sing N N 273 
PRO N   CD   sing N N 274 
PRO N   H    sing N N 275 
PRO CA  C    sing N N 276 
PRO CA  CB   sing N N 277 
PRO CA  HA   sing N N 278 
PRO C   O    doub N N 279 
PRO C   OXT  sing N N 280 
PRO CB  CG   sing N N 281 
PRO CB  HB2  sing N N 282 
PRO CB  HB3  sing N N 283 
PRO CG  CD   sing N N 284 
PRO CG  HG2  sing N N 285 
PRO CG  HG3  sing N N 286 
PRO CD  HD2  sing N N 287 
PRO CD  HD3  sing N N 288 
PRO OXT HXT  sing N N 289 
SER N   CA   sing N N 290 
SER N   H    sing N N 291 
SER N   H2   sing N N 292 
SER CA  C    sing N N 293 
SER CA  CB   sing N N 294 
SER CA  HA   sing N N 295 
SER C   O    doub N N 296 
SER C   OXT  sing N N 297 
SER CB  OG   sing N N 298 
SER CB  HB2  sing N N 299 
SER CB  HB3  sing N N 300 
SER OG  HG   sing N N 301 
SER OXT HXT  sing N N 302 
SO4 S   O1   doub N N 303 
SO4 S   O2   doub N N 304 
SO4 S   O3   sing N N 305 
SO4 S   O4   sing N N 306 
THR N   CA   sing N N 307 
THR N   H    sing N N 308 
THR N   H2   sing N N 309 
THR CA  C    sing N N 310 
THR CA  CB   sing N N 311 
THR CA  HA   sing N N 312 
THR C   O    doub N N 313 
THR C   OXT  sing N N 314 
THR CB  OG1  sing N N 315 
THR CB  CG2  sing N N 316 
THR CB  HB   sing N N 317 
THR OG1 HG1  sing N N 318 
THR CG2 HG21 sing N N 319 
THR CG2 HG22 sing N N 320 
THR CG2 HG23 sing N N 321 
THR OXT HXT  sing N N 322 
TRP N   CA   sing N N 323 
TRP N   H    sing N N 324 
TRP N   H2   sing N N 325 
TRP CA  C    sing N N 326 
TRP CA  CB   sing N N 327 
TRP CA  HA   sing N N 328 
TRP C   O    doub N N 329 
TRP C   OXT  sing N N 330 
TRP CB  CG   sing N N 331 
TRP CB  HB2  sing N N 332 
TRP CB  HB3  sing N N 333 
TRP CG  CD1  doub Y N 334 
TRP CG  CD2  sing Y N 335 
TRP CD1 NE1  sing Y N 336 
TRP CD1 HD1  sing N N 337 
TRP CD2 CE2  doub Y N 338 
TRP CD2 CE3  sing Y N 339 
TRP NE1 CE2  sing Y N 340 
TRP NE1 HE1  sing N N 341 
TRP CE2 CZ2  sing Y N 342 
TRP CE3 CZ3  doub Y N 343 
TRP CE3 HE3  sing N N 344 
TRP CZ2 CH2  doub Y N 345 
TRP CZ2 HZ2  sing N N 346 
TRP CZ3 CH2  sing Y N 347 
TRP CZ3 HZ3  sing N N 348 
TRP CH2 HH2  sing N N 349 
TRP OXT HXT  sing N N 350 
TYR N   CA   sing N N 351 
TYR N   H    sing N N 352 
TYR N   H2   sing N N 353 
TYR CA  C    sing N N 354 
TYR CA  CB   sing N N 355 
TYR CA  HA   sing N N 356 
TYR C   O    doub N N 357 
TYR C   OXT  sing N N 358 
TYR CB  CG   sing N N 359 
TYR CB  HB2  sing N N 360 
TYR CB  HB3  sing N N 361 
TYR CG  CD1  doub Y N 362 
TYR CG  CD2  sing Y N 363 
TYR CD1 CE1  sing Y N 364 
TYR CD1 HD1  sing N N 365 
TYR CD2 CE2  doub Y N 366 
TYR CD2 HD2  sing N N 367 
TYR CE1 CZ   doub Y N 368 
TYR CE1 HE1  sing N N 369 
TYR CE2 CZ   sing Y N 370 
TYR CE2 HE2  sing N N 371 
TYR CZ  OH   sing N N 372 
TYR OH  HH   sing N N 373 
TYR OXT HXT  sing N N 374 
VAL N   CA   sing N N 375 
VAL N   H    sing N N 376 
VAL N   H2   sing N N 377 
VAL CA  C    sing N N 378 
VAL CA  CB   sing N N 379 
VAL CA  HA   sing N N 380 
VAL C   O    doub N N 381 
VAL C   OXT  sing N N 382 
VAL CB  CG1  sing N N 383 
VAL CB  CG2  sing N N 384 
VAL CB  HB   sing N N 385 
VAL CG1 HG11 sing N N 386 
VAL CG1 HG12 sing N N 387 
VAL CG1 HG13 sing N N 388 
VAL CG2 HG21 sing N N 389 
VAL CG2 HG22 sing N N 390 
VAL CG2 HG23 sing N N 391 
VAL OXT HXT  sing N N 392 
# 
loop_
_pdbx_entity_nonpoly.entity_id 
_pdbx_entity_nonpoly.name 
_pdbx_entity_nonpoly.comp_id 
2 GLYCEROL      GOL 
3 'SULFATE ION' SO4 
4 water         HOH 
# 
_pdbx_initial_refinement_model.id               1 
_pdbx_initial_refinement_model.entity_id_list   ? 
_pdbx_initial_refinement_model.type             'experimental model' 
_pdbx_initial_refinement_model.source_name      PDB 
_pdbx_initial_refinement_model.accession_code   1W1D 
_pdbx_initial_refinement_model.details          'PDB ENTRY 1W1D' 
# 
